data_2I7P
#
_entry.id   2I7P
#
_cell.length_a   56.734
_cell.length_b   180.170
_cell.length_c   77.728
_cell.angle_alpha   90.00
_cell.angle_beta   95.68
_cell.angle_gamma   90.00
#
_symmetry.space_group_name_H-M   'P 1 21 1'
#
loop_
_entity.id
_entity.type
_entity.pdbx_description
1 polymer 'Pantothenate kinase 3'
2 non-polymer 'ACETYL COENZYME *A'
3 water water
#
_entity_poly.entity_id   1
_entity_poly.type   'polypeptide(L)'
_entity_poly.pdbx_seq_one_letter_code
;VPRGSPWFGMDIGGTLVKLSYFEPIDITAEEEQEEVESLKSIRKYLTSNVAYGSTGIRDVHLELKDLTLFGRRGNLHFIR
FPTQDLPTFIQMGRDKNFSTLQTVLCATGGGAYKFEKDFRTIGNLHLHKLDELDCLVKGLLYIDSVSFNGQAECYYFANA
SEPERCQKMPFNLDDPYPLLVVNIGSGVSILAVHSKDNYKRVTGTSLGGGTFLGLCSLLTGCESFEEALEMASKGDSTQA
DKLVRDIYGGDYERFGLPGWAVASSFGNMIYKEKRESVSKEDLARATLVTITNNIGSVARMCAVNEKINRVVFVGNFLRV
NTLSMKLLAYALDYWSKGQLKALFLEHEGYFGAVGALLGLPN
;
_entity_poly.pdbx_strand_id   A,B,C,D
#
loop_
_chem_comp.id
_chem_comp.type
_chem_comp.name
_chem_comp.formula
ACO non-polymer 'ACETYL COENZYME *A' 'C23 H38 N7 O17 P3 S'
#
# COMPACT_ATOMS: atom_id res chain seq x y z
N VAL A 1 24.96 17.76 2.09
CA VAL A 1 24.69 16.56 2.93
C VAL A 1 24.53 16.94 4.39
N PRO A 2 23.56 16.33 5.10
CA PRO A 2 23.33 16.64 6.52
C PRO A 2 24.51 16.26 7.40
N ARG A 3 24.73 17.04 8.45
CA ARG A 3 25.81 16.82 9.40
C ARG A 3 25.57 15.58 10.28
N GLY A 4 24.42 15.53 10.94
CA GLY A 4 24.12 14.41 11.81
C GLY A 4 23.64 13.14 11.14
N SER A 5 23.41 12.12 11.96
CA SER A 5 22.93 10.82 11.50
C SER A 5 22.20 10.15 12.66
N PRO A 6 21.07 9.49 12.39
CA PRO A 6 20.42 9.31 11.09
C PRO A 6 19.63 10.54 10.66
N TRP A 7 19.08 10.49 9.45
CA TRP A 7 18.33 11.63 8.93
C TRP A 7 16.83 11.46 9.14
N PHE A 8 16.24 12.44 9.80
CA PHE A 8 14.80 12.41 10.01
C PHE A 8 14.28 13.82 10.10
N GLY A 9 12.97 13.98 9.98
CA GLY A 9 12.39 15.29 10.04
C GLY A 9 11.01 15.17 10.65
N MET A 10 10.63 16.15 11.46
CA MET A 10 9.33 16.10 12.11
C MET A 10 8.50 17.36 11.97
N ASP A 11 7.19 17.13 11.94
CA ASP A 11 6.18 18.16 11.83
C ASP A 11 5.41 17.98 13.13
N ILE A 12 5.58 18.92 14.06
CA ILE A 12 4.94 18.82 15.36
C ILE A 12 3.62 19.60 15.37
N GLY A 13 2.52 18.86 15.46
CA GLY A 13 1.22 19.50 15.50
C GLY A 13 0.71 19.58 16.93
N GLY A 14 -0.52 20.02 17.10
CA GLY A 14 -1.09 20.12 18.44
C GLY A 14 -1.12 18.80 19.20
N THR A 15 -1.66 17.76 18.58
CA THR A 15 -1.75 16.48 19.25
C THR A 15 -0.88 15.36 18.70
N LEU A 16 -0.61 15.38 17.41
CA LEU A 16 0.22 14.34 16.79
C LEU A 16 1.48 14.89 16.15
N VAL A 17 2.48 14.03 16.03
CA VAL A 17 3.75 14.39 15.41
C VAL A 17 3.87 13.54 14.16
N LYS A 18 4.22 14.17 13.03
CA LYS A 18 4.44 13.43 11.79
C LYS A 18 5.96 13.39 11.64
N LEU A 19 6.49 12.18 11.52
CA LEU A 19 7.93 11.98 11.39
C LEU A 19 8.30 11.18 10.17
N SER A 20 9.34 11.62 9.47
CA SER A 20 9.85 10.90 8.32
C SER A 20 11.32 10.61 8.63
N TYR A 21 11.76 9.39 8.32
CA TYR A 21 13.15 9.04 8.56
C TYR A 21 13.68 8.15 7.43
N PHE A 22 14.98 8.31 7.16
CA PHE A 22 15.66 7.59 6.09
C PHE A 22 16.36 6.31 6.57
N GLU A 23 16.08 5.20 5.88
CA GLU A 23 16.68 3.93 6.22
C GLU A 23 17.68 3.61 5.12
N PRO A 24 18.97 3.91 5.35
CA PRO A 24 20.00 3.63 4.34
C PRO A 24 20.11 2.14 4.03
N ILE A 25 20.36 1.84 2.77
CA ILE A 25 20.47 0.46 2.27
C ILE A 25 21.90 -0.04 2.17
N ASP A 26 22.84 0.87 1.90
CA ASP A 26 24.25 0.51 1.74
C ASP A 26 25.04 0.91 2.97
N ILE A 27 25.09 -0.01 3.93
CA ILE A 27 25.77 0.21 5.20
C ILE A 27 27.05 -0.62 5.29
N THR A 28 28.11 -0.02 5.81
CA THR A 28 29.38 -0.72 5.97
C THR A 28 29.84 -0.68 7.41
N ALA A 29 29.33 0.29 8.17
CA ALA A 29 29.70 0.46 9.57
C ALA A 29 28.69 -0.17 10.54
N GLU A 30 29.21 -0.87 11.56
CA GLU A 30 28.39 -1.53 12.56
C GLU A 30 27.53 -0.52 13.30
N GLU A 31 28.09 0.64 13.62
CA GLU A 31 27.32 1.66 14.33
C GLU A 31 26.10 2.09 13.51
N GLU A 32 26.24 2.17 12.19
CA GLU A 32 25.10 2.57 11.38
C GLU A 32 24.10 1.44 11.31
N GLN A 33 24.59 0.20 11.26
CA GLN A 33 23.69 -0.94 11.23
C GLN A 33 22.84 -0.90 12.51
N GLU A 34 23.45 -0.45 13.60
CA GLU A 34 22.73 -0.37 14.87
C GLU A 34 21.74 0.77 14.87
N GLU A 35 22.06 1.87 14.17
CA GLU A 35 21.15 3.00 14.11
C GLU A 35 19.87 2.55 13.39
N VAL A 36 20.04 1.76 12.34
CA VAL A 36 18.91 1.26 11.56
C VAL A 36 18.01 0.34 12.40
N GLU A 37 18.60 -0.50 13.23
CA GLU A 37 17.83 -1.40 14.08
C GLU A 37 17.14 -0.58 15.17
N SER A 38 17.80 0.48 15.62
CA SER A 38 17.24 1.37 16.64
C SER A 38 16.02 2.12 16.09
N LEU A 39 16.10 2.56 14.83
CA LEU A 39 15.00 3.28 14.21
C LEU A 39 13.76 2.40 14.16
N LYS A 40 13.94 1.14 13.76
CA LYS A 40 12.83 0.20 13.69
C LYS A 40 12.19 -0.04 15.06
N SER A 41 13.01 -0.16 16.11
CA SER A 41 12.48 -0.37 17.45
C SER A 41 11.70 0.87 17.89
N ILE A 42 12.24 2.05 17.59
CA ILE A 42 11.59 3.30 17.92
C ILE A 42 10.25 3.43 17.18
N ARG A 43 10.24 3.02 15.91
CA ARG A 43 9.01 3.06 15.12
C ARG A 43 7.95 2.17 15.76
N LYS A 44 8.35 0.95 16.11
CA LYS A 44 7.45 -0.03 16.72
C LYS A 44 6.86 0.48 18.03
N TYR A 45 7.71 1.05 18.88
CA TYR A 45 7.23 1.57 20.16
C TYR A 45 6.24 2.72 19.99
N LEU A 46 6.65 3.72 19.20
CA LEU A 46 5.82 4.89 19.00
C LEU A 46 4.50 4.65 18.28
N THR A 47 4.46 3.66 17.40
CA THR A 47 3.24 3.41 16.66
C THR A 47 2.33 2.35 17.26
N SER A 48 2.71 1.79 18.40
CA SER A 48 1.86 0.79 19.02
C SER A 48 0.83 1.49 19.92
N ASN A 49 -0.39 1.61 19.42
CA ASN A 49 -1.47 2.26 20.15
C ASN A 49 -1.76 1.51 21.45
N THR A 55 -4.30 3.81 10.55
CA THR A 55 -3.28 4.77 10.15
C THR A 55 -1.87 4.19 10.22
N GLY A 56 -1.68 3.21 11.10
CA GLY A 56 -0.39 2.57 11.23
C GLY A 56 -0.05 1.80 9.97
N ILE A 57 -1.01 1.04 9.47
CA ILE A 57 -0.84 0.24 8.27
C ILE A 57 -0.82 1.15 7.03
N ARG A 58 -1.54 2.26 7.10
CA ARG A 58 -1.57 3.21 5.99
C ARG A 58 -0.20 3.86 5.84
N ASP A 59 0.38 4.29 6.95
CA ASP A 59 1.69 4.93 6.91
C ASP A 59 2.75 3.94 6.46
N VAL A 60 2.64 2.69 6.90
CA VAL A 60 3.60 1.66 6.50
C VAL A 60 3.56 1.48 4.98
N HIS A 61 2.36 1.52 4.41
CA HIS A 61 2.18 1.38 2.98
C HIS A 61 2.74 2.59 2.24
N LEU A 62 3.01 3.66 2.97
CA LEU A 62 3.55 4.89 2.38
C LEU A 62 5.06 4.83 2.20
N GLU A 63 5.70 3.89 2.89
CA GLU A 63 7.14 3.73 2.79
C GLU A 63 7.60 3.79 1.33
N LEU A 64 8.62 4.59 1.06
CA LEU A 64 9.17 4.72 -0.28
C LEU A 64 10.45 3.90 -0.28
N LYS A 65 10.46 2.82 -1.05
CA LYS A 65 11.60 1.93 -1.08
C LYS A 65 12.65 2.17 -2.15
N ASP A 66 13.91 1.97 -1.75
CA ASP A 66 15.07 2.10 -2.62
C ASP A 66 15.11 3.37 -3.46
N LEU A 67 14.99 4.51 -2.79
CA LEU A 67 15.07 5.79 -3.49
C LEU A 67 16.45 6.36 -3.17
N THR A 68 16.81 7.48 -3.77
CA THR A 68 18.11 8.08 -3.50
C THR A 68 17.94 9.43 -2.81
N LEU A 69 18.62 9.59 -1.67
CA LEU A 69 18.56 10.82 -0.89
C LEU A 69 19.98 11.25 -0.53
N PHE A 70 20.33 12.48 -0.88
CA PHE A 70 21.66 13.01 -0.61
C PHE A 70 22.75 12.05 -1.09
N GLY A 71 22.51 11.42 -2.24
CA GLY A 71 23.48 10.49 -2.81
C GLY A 71 23.45 9.05 -2.32
N ARG A 72 22.63 8.75 -1.33
CA ARG A 72 22.57 7.38 -0.80
C ARG A 72 21.27 6.64 -1.10
N ARG A 73 21.38 5.34 -1.33
CA ARG A 73 20.20 4.51 -1.57
C ARG A 73 19.60 4.21 -0.20
N GLY A 74 18.27 4.19 -0.12
CA GLY A 74 17.61 3.90 1.14
C GLY A 74 16.10 3.91 1.02
N ASN A 75 15.44 3.72 2.15
CA ASN A 75 13.99 3.71 2.19
C ASN A 75 13.55 4.90 3.03
N LEU A 76 12.52 5.61 2.59
CA LEU A 76 12.02 6.73 3.35
C LEU A 76 10.76 6.24 4.08
N HIS A 77 10.78 6.33 5.40
CA HIS A 77 9.65 5.90 6.24
C HIS A 77 8.80 7.05 6.76
N PHE A 78 7.52 6.77 7.01
CA PHE A 78 6.60 7.78 7.52
C PHE A 78 5.76 7.25 8.69
N ILE A 79 5.85 7.95 9.82
CA ILE A 79 5.08 7.53 11.00
C ILE A 79 4.48 8.75 11.69
N ARG A 80 3.51 8.50 12.54
CA ARG A 80 2.87 9.57 13.31
C ARG A 80 2.71 9.00 14.71
N PHE A 81 2.81 9.86 15.70
CA PHE A 81 2.69 9.43 17.09
C PHE A 81 2.30 10.63 17.93
N PRO A 82 1.67 10.40 19.09
CA PRO A 82 1.25 11.48 19.99
C PRO A 82 2.41 12.38 20.41
N THR A 83 2.16 13.69 20.44
CA THR A 83 3.17 14.65 20.83
C THR A 83 3.57 14.40 22.28
N GLN A 84 2.74 13.66 23.00
CA GLN A 84 3.00 13.34 24.39
C GLN A 84 4.22 12.42 24.50
N ASP A 85 4.48 11.65 23.45
CA ASP A 85 5.62 10.75 23.43
C ASP A 85 6.86 11.36 22.78
N LEU A 86 6.77 12.62 22.39
CA LEU A 86 7.91 13.29 21.77
C LEU A 86 9.17 13.27 22.68
N PRO A 87 9.01 13.52 24.00
CA PRO A 87 10.19 13.52 24.86
C PRO A 87 10.87 12.15 24.85
N THR A 88 10.08 11.08 24.81
CA THR A 88 10.63 9.74 24.78
C THR A 88 11.44 9.55 23.51
N PHE A 89 10.93 10.05 22.38
CA PHE A 89 11.63 9.93 21.09
C PHE A 89 12.99 10.61 21.19
N ILE A 90 13.01 11.80 21.76
CA ILE A 90 14.27 12.54 21.89
C ILE A 90 15.25 11.75 22.74
N GLN A 91 14.78 11.26 23.89
CA GLN A 91 15.63 10.48 24.79
C GLN A 91 16.10 9.18 24.15
N MET A 92 15.22 8.55 23.38
CA MET A 92 15.59 7.31 22.69
C MET A 92 16.74 7.57 21.76
N GLY A 93 16.62 8.64 20.97
CA GLY A 93 17.65 9.00 20.02
C GLY A 93 18.99 9.20 20.72
N ARG A 94 18.96 9.97 21.80
CA ARG A 94 20.17 10.24 22.57
C ARG A 94 20.76 8.96 23.16
N ASP A 95 19.92 8.12 23.75
CA ASP A 95 20.41 6.86 24.33
C ASP A 95 20.98 5.96 23.24
N LYS A 96 20.44 6.04 22.03
CA LYS A 96 20.92 5.21 20.93
C LYS A 96 22.06 5.84 20.13
N ASN A 97 22.56 6.97 20.63
CA ASN A 97 23.68 7.67 20.01
C ASN A 97 23.46 8.34 18.65
N PHE A 98 22.27 8.91 18.44
CA PHE A 98 21.99 9.60 17.18
C PHE A 98 22.67 10.97 17.29
N SER A 99 23.49 11.33 16.32
CA SER A 99 24.14 12.63 16.40
C SER A 99 23.20 13.74 15.94
N THR A 100 22.11 13.36 15.28
CA THR A 100 21.14 14.33 14.80
C THR A 100 20.31 14.94 15.92
N LEU A 101 20.46 14.41 17.13
CA LEU A 101 19.71 14.91 18.27
C LEU A 101 20.63 15.35 19.41
N GLN A 102 21.88 15.67 19.09
CA GLN A 102 22.83 16.08 20.12
C GLN A 102 22.72 17.53 20.58
N THR A 103 22.39 18.45 19.69
CA THR A 103 22.29 19.85 20.09
C THR A 103 21.09 20.64 19.55
N VAL A 104 20.84 20.55 18.25
CA VAL A 104 19.74 21.29 17.66
C VAL A 104 18.72 20.40 16.99
N LEU A 105 17.46 20.85 17.02
CA LEU A 105 16.37 20.14 16.38
C LEU A 105 15.68 21.15 15.46
N CYS A 106 15.65 20.85 14.17
CA CYS A 106 15.01 21.72 13.20
C CYS A 106 13.68 21.12 12.82
N ALA A 107 12.62 21.61 13.44
CA ALA A 107 11.28 21.08 13.19
C ALA A 107 10.28 22.15 12.78
N THR A 108 9.17 21.72 12.20
CA THR A 108 8.13 22.63 11.78
C THR A 108 6.85 22.21 12.48
N GLY A 109 5.73 22.87 12.16
CA GLY A 109 4.46 22.50 12.78
C GLY A 109 3.94 23.47 13.83
N GLY A 110 2.63 23.68 13.83
CA GLY A 110 2.01 24.59 14.78
C GLY A 110 2.28 24.32 16.25
N GLY A 111 2.61 23.07 16.58
CA GLY A 111 2.87 22.72 17.96
C GLY A 111 4.34 22.64 18.31
N ALA A 112 5.21 23.07 17.40
CA ALA A 112 6.65 23.02 17.62
C ALA A 112 7.08 23.89 18.79
N TYR A 113 6.54 25.11 18.86
CA TYR A 113 6.89 26.05 19.92
C TYR A 113 6.48 25.61 21.31
N LYS A 114 5.26 25.10 21.46
CA LYS A 114 4.82 24.67 22.78
C LYS A 114 5.74 23.54 23.25
N PHE A 115 6.23 22.75 22.30
CA PHE A 115 7.12 21.66 22.65
C PHE A 115 8.44 22.22 23.18
N GLU A 116 8.89 23.32 22.57
CA GLU A 116 10.13 23.96 23.00
C GLU A 116 9.94 24.42 24.45
N LYS A 117 8.75 24.92 24.75
CA LYS A 117 8.43 25.38 26.09
C LYS A 117 8.45 24.22 27.06
N ASP A 118 7.65 23.20 26.77
CA ASP A 118 7.53 22.00 27.59
C ASP A 118 8.84 21.26 27.82
N PHE A 119 9.51 20.88 26.74
CA PHE A 119 10.76 20.14 26.84
C PHE A 119 11.90 20.93 27.48
N ARG A 120 11.87 22.24 27.35
CA ARG A 120 12.92 23.08 27.92
C ARG A 120 13.16 22.78 29.40
N THR A 121 12.10 22.33 30.08
CA THR A 121 12.19 22.03 31.51
C THR A 121 12.73 20.64 31.83
N ILE A 122 13.17 19.90 30.82
CA ILE A 122 13.69 18.55 31.04
C ILE A 122 14.81 18.11 30.08
N GLY A 123 15.49 19.07 29.46
CA GLY A 123 16.54 18.69 28.54
C GLY A 123 17.20 19.84 27.80
N ASN A 124 18.42 19.61 27.32
CA ASN A 124 19.18 20.61 26.58
C ASN A 124 19.14 20.36 25.08
N LEU A 125 18.22 21.04 24.40
CA LEU A 125 18.06 20.89 22.97
C LEU A 125 17.51 22.18 22.38
N HIS A 126 18.28 22.80 21.49
CA HIS A 126 17.84 24.04 20.86
C HIS A 126 16.82 23.73 19.78
N LEU A 127 15.75 24.49 19.73
CA LEU A 127 14.75 24.30 18.70
C LEU A 127 14.92 25.35 17.62
N HIS A 128 15.04 24.90 16.38
CA HIS A 128 15.13 25.81 15.26
C HIS A 128 13.85 25.58 14.46
N LYS A 129 12.90 26.49 14.63
CA LYS A 129 11.61 26.41 13.95
C LYS A 129 11.70 26.65 12.45
N LEU A 130 11.11 25.74 11.69
CA LEU A 130 11.09 25.85 10.23
C LEU A 130 9.68 26.22 9.80
N ASP A 131 9.56 27.04 8.77
CA ASP A 131 8.24 27.46 8.31
C ASP A 131 7.48 26.35 7.61
N GLU A 132 6.22 26.17 8.00
CA GLU A 132 5.36 25.13 7.43
C GLU A 132 5.27 25.16 5.91
N LEU A 133 5.02 26.34 5.35
CA LEU A 133 4.90 26.46 3.91
C LEU A 133 6.22 26.16 3.23
N ASP A 134 7.33 26.62 3.78
CA ASP A 134 8.63 26.33 3.17
C ASP A 134 8.89 24.82 3.21
N CYS A 135 8.56 24.18 4.32
CA CYS A 135 8.76 22.74 4.43
C CYS A 135 7.84 22.02 3.45
N LEU A 136 6.58 22.44 3.41
CA LEU A 136 5.61 21.85 2.49
C LEU A 136 6.15 21.78 1.06
N VAL A 137 6.61 22.91 0.55
CA VAL A 137 7.12 22.98 -0.82
C VAL A 137 8.36 22.13 -1.05
N LYS A 138 9.33 22.20 -0.15
CA LYS A 138 10.55 21.39 -0.30
C LYS A 138 10.21 19.91 -0.33
N GLY A 139 9.39 19.47 0.62
CA GLY A 139 9.02 18.07 0.68
C GLY A 139 8.24 17.64 -0.56
N LEU A 140 7.26 18.44 -0.92
CA LEU A 140 6.43 18.15 -2.08
C LEU A 140 7.28 17.97 -3.35
N LEU A 141 8.21 18.88 -3.59
CA LEU A 141 9.07 18.82 -4.76
C LEU A 141 10.03 17.63 -4.73
N TYR A 142 10.44 17.23 -3.54
CA TYR A 142 11.35 16.08 -3.47
C TYR A 142 10.57 14.79 -3.70
N ILE A 143 9.44 14.63 -3.03
CA ILE A 143 8.66 13.41 -3.19
C ILE A 143 8.17 13.21 -4.62
N ASP A 144 7.83 14.31 -5.29
CA ASP A 144 7.39 14.19 -6.67
C ASP A 144 8.56 13.82 -7.59
N SER A 145 9.78 14.16 -7.17
CA SER A 145 10.98 13.88 -7.97
C SER A 145 11.48 12.44 -7.94
N VAL A 146 11.21 11.72 -6.86
CA VAL A 146 11.66 10.33 -6.74
C VAL A 146 10.63 9.31 -7.18
N GLN A 151 5.28 3.60 -7.59
CA GLN A 151 4.16 3.86 -8.49
C GLN A 151 3.94 5.34 -8.71
N ALA A 152 2.70 5.71 -9.01
CA ALA A 152 2.37 7.11 -9.25
C ALA A 152 2.17 7.88 -7.94
N GLU A 153 2.95 8.94 -7.76
CA GLU A 153 2.83 9.76 -6.57
C GLU A 153 1.71 10.78 -6.78
N CYS A 154 1.53 11.19 -8.03
CA CYS A 154 0.52 12.16 -8.38
C CYS A 154 -0.68 11.55 -9.12
N TYR A 155 -1.87 12.04 -8.81
CA TYR A 155 -3.08 11.53 -9.46
C TYR A 155 -4.14 12.62 -9.65
N TYR A 156 -5.15 12.27 -10.44
CA TYR A 156 -6.25 13.18 -10.71
C TYR A 156 -7.48 12.32 -10.90
N PHE A 157 -8.64 12.94 -11.08
CA PHE A 157 -9.85 12.18 -11.26
C PHE A 157 -10.38 12.38 -12.67
N ALA A 158 -10.41 11.29 -13.43
CA ALA A 158 -10.90 11.30 -14.80
C ALA A 158 -12.41 11.49 -14.73
N ASN A 159 -12.96 12.17 -15.74
CA ASN A 159 -14.39 12.42 -15.79
C ASN A 159 -14.82 13.14 -14.51
N ALA A 160 -14.05 14.15 -14.12
CA ALA A 160 -14.32 14.93 -12.92
C ALA A 160 -15.64 15.69 -12.95
N SER A 161 -16.24 15.83 -14.12
CA SER A 161 -17.52 16.53 -14.24
C SER A 161 -18.63 15.71 -13.59
N GLU A 162 -18.32 14.47 -13.21
CA GLU A 162 -19.30 13.59 -12.57
C GLU A 162 -18.71 12.96 -11.30
N PRO A 163 -18.76 13.69 -10.18
CA PRO A 163 -18.23 13.24 -8.88
C PRO A 163 -18.67 11.85 -8.44
N GLU A 164 -19.83 11.42 -8.90
CA GLU A 164 -20.37 10.11 -8.53
C GLU A 164 -19.68 8.96 -9.24
N ARG A 165 -19.08 9.26 -10.40
CA ARG A 165 -18.42 8.23 -11.19
C ARG A 165 -16.99 8.50 -11.61
N CYS A 166 -16.46 9.67 -11.26
CA CYS A 166 -15.08 10.00 -11.63
C CYS A 166 -14.14 8.95 -11.06
N GLN A 167 -13.08 8.64 -11.81
CA GLN A 167 -12.11 7.63 -11.38
C GLN A 167 -10.70 8.16 -11.19
N LYS A 168 -10.08 7.75 -10.08
CA LYS A 168 -8.72 8.15 -9.75
C LYS A 168 -7.75 7.56 -10.78
N MET A 169 -6.99 8.43 -11.44
CA MET A 169 -6.02 8.01 -12.46
C MET A 169 -4.63 8.61 -12.19
N PRO A 170 -3.57 7.85 -12.47
CA PRO A 170 -2.22 8.35 -12.26
C PRO A 170 -1.95 9.52 -13.19
N PHE A 171 -1.22 10.53 -12.71
CA PHE A 171 -0.90 11.69 -13.54
C PHE A 171 0.61 11.94 -13.46
N ASN A 172 1.30 11.75 -14.58
CA ASN A 172 2.74 11.96 -14.60
C ASN A 172 3.07 13.43 -14.45
N LEU A 173 3.82 13.74 -13.39
CA LEU A 173 4.21 15.11 -13.11
C LEU A 173 5.72 15.23 -13.04
N ASP A 174 6.40 14.66 -14.03
CA ASP A 174 7.86 14.71 -14.08
C ASP A 174 8.37 16.13 -14.26
N ASP A 175 7.67 16.93 -15.05
CA ASP A 175 8.04 18.32 -15.28
C ASP A 175 7.21 19.10 -14.27
N PRO A 176 7.73 19.29 -13.06
CA PRO A 176 7.07 20.00 -11.97
C PRO A 176 6.84 21.49 -12.14
N TYR A 177 7.79 22.19 -12.76
CA TYR A 177 7.66 23.64 -12.92
C TYR A 177 7.13 24.08 -14.27
N PRO A 178 6.22 25.08 -14.26
CA PRO A 178 5.73 25.78 -13.07
C PRO A 178 4.70 24.94 -12.35
N LEU A 179 4.35 25.31 -11.12
CA LEU A 179 3.37 24.55 -10.36
C LEU A 179 2.57 25.46 -9.43
N LEU A 180 1.25 25.27 -9.40
CA LEU A 180 0.43 26.08 -8.52
C LEU A 180 0.01 25.17 -7.38
N VAL A 181 0.43 25.51 -6.17
CA VAL A 181 0.09 24.69 -5.00
C VAL A 181 -1.02 25.35 -4.19
N VAL A 182 -2.16 24.68 -4.08
CA VAL A 182 -3.27 25.19 -3.31
C VAL A 182 -3.28 24.43 -1.99
N ASN A 183 -2.88 25.10 -0.91
CA ASN A 183 -2.82 24.46 0.41
C ASN A 183 -4.06 24.77 1.21
N ILE A 184 -4.87 23.75 1.48
CA ILE A 184 -6.11 23.95 2.22
C ILE A 184 -6.10 23.42 3.64
N GLY A 185 -6.03 24.35 4.60
CA GLY A 185 -6.08 24.01 6.01
C GLY A 185 -7.31 24.75 6.53
N SER A 186 -7.22 25.39 7.69
CA SER A 186 -8.37 26.13 8.19
C SER A 186 -8.67 27.24 7.18
N GLY A 187 -7.60 27.74 6.56
CA GLY A 187 -7.72 28.77 5.53
C GLY A 187 -6.97 28.29 4.29
N VAL A 188 -6.89 29.11 3.26
CA VAL A 188 -6.22 28.69 2.02
C VAL A 188 -5.07 29.57 1.55
N SER A 189 -3.94 28.94 1.25
CA SER A 189 -2.77 29.64 0.73
C SER A 189 -2.47 29.09 -0.65
N ILE A 190 -2.22 29.98 -1.60
CA ILE A 190 -1.91 29.55 -2.95
C ILE A 190 -0.50 29.98 -3.31
N LEU A 191 0.34 28.99 -3.61
CA LEU A 191 1.74 29.22 -3.94
C LEU A 191 2.07 28.93 -5.40
N ALA A 192 2.85 29.83 -6.01
CA ALA A 192 3.27 29.64 -7.39
C ALA A 192 4.74 29.20 -7.32
N VAL A 193 5.01 27.96 -7.72
CA VAL A 193 6.37 27.42 -7.66
C VAL A 193 7.00 27.41 -9.06
N HIS A 194 8.07 28.17 -9.23
CA HIS A 194 8.73 28.27 -10.54
C HIS A 194 9.96 27.37 -10.68
N SER A 195 10.63 27.10 -9.58
CA SER A 195 11.81 26.24 -9.56
C SER A 195 12.01 25.78 -8.12
N LYS A 196 12.97 24.89 -7.91
CA LYS A 196 13.26 24.35 -6.59
C LYS A 196 13.40 25.38 -5.47
N ASP A 197 13.98 26.55 -5.77
CA ASP A 197 14.15 27.56 -4.73
C ASP A 197 13.47 28.89 -5.04
N ASN A 198 12.54 28.86 -5.99
CA ASN A 198 11.84 30.07 -6.36
C ASN A 198 10.33 29.88 -6.38
N TYR A 199 9.66 30.36 -5.34
CA TYR A 199 8.22 30.23 -5.26
C TYR A 199 7.70 31.36 -4.36
N LYS A 200 6.41 31.67 -4.46
CA LYS A 200 5.85 32.71 -3.61
C LYS A 200 4.35 32.55 -3.40
N ARG A 201 3.87 33.11 -2.29
CA ARG A 201 2.46 33.04 -1.99
C ARG A 201 1.80 34.13 -2.82
N VAL A 202 1.05 33.74 -3.83
CA VAL A 202 0.41 34.71 -4.71
C VAL A 202 -0.90 35.26 -4.15
N THR A 203 -1.59 34.47 -3.35
CA THR A 203 -2.86 34.92 -2.77
C THR A 203 -3.39 33.80 -1.89
N GLY A 204 -4.65 33.93 -1.50
CA GLY A 204 -5.27 32.93 -0.67
C GLY A 204 -6.73 33.27 -0.47
N THR A 205 -7.38 32.50 0.38
CA THR A 205 -8.78 32.76 0.70
C THR A 205 -9.00 32.30 2.13
N SER A 206 -9.83 33.05 2.85
CA SER A 206 -10.11 32.71 4.22
C SER A 206 -11.22 31.68 4.31
N LEU A 207 -11.86 31.39 3.18
CA LEU A 207 -12.93 30.38 3.15
C LEU A 207 -12.30 29.02 2.88
N GLY A 208 -11.83 28.38 3.94
CA GLY A 208 -11.21 27.07 3.81
C GLY A 208 -11.79 26.02 4.74
N GLY A 209 -10.94 25.08 5.12
CA GLY A 209 -11.35 23.99 6.00
C GLY A 209 -12.02 24.41 7.29
N GLY A 210 -11.48 25.44 7.94
CA GLY A 210 -12.05 25.92 9.19
C GLY A 210 -13.43 26.51 8.98
N THR A 211 -13.66 27.05 7.79
CA THR A 211 -14.95 27.63 7.45
C THR A 211 -15.99 26.51 7.33
N PHE A 212 -15.61 25.41 6.70
CA PHE A 212 -16.51 24.28 6.54
C PHE A 212 -16.91 23.72 7.91
N LEU A 213 -15.91 23.48 8.76
CA LEU A 213 -16.17 22.92 10.09
C LEU A 213 -16.91 23.92 10.97
N GLY A 214 -16.48 25.18 10.93
CA GLY A 214 -17.13 26.21 11.73
C GLY A 214 -18.59 26.32 11.40
N LEU A 215 -18.92 26.53 10.13
CA LEU A 215 -20.32 26.65 9.72
C LEU A 215 -21.08 25.36 9.99
N CYS A 216 -20.48 24.23 9.64
CA CYS A 216 -21.14 22.95 9.88
C CYS A 216 -21.53 22.76 11.34
N SER A 217 -20.62 23.15 12.24
CA SER A 217 -20.86 23.02 13.67
C SER A 217 -21.97 23.95 14.14
N LEU A 218 -22.16 25.06 13.44
CA LEU A 218 -23.20 26.01 13.81
C LEU A 218 -24.53 25.60 13.22
N LEU A 219 -24.50 25.07 12.01
CA LEU A 219 -25.71 24.68 11.31
C LEU A 219 -26.23 23.27 11.56
N THR A 220 -25.35 22.34 11.89
CA THR A 220 -25.76 20.96 12.10
C THR A 220 -25.50 20.38 13.48
N GLY A 221 -24.73 21.09 14.28
CA GLY A 221 -24.42 20.63 15.62
C GLY A 221 -23.34 19.56 15.72
N CYS A 222 -22.73 19.20 14.61
CA CYS A 222 -21.68 18.18 14.63
C CYS A 222 -20.49 18.63 15.51
N GLU A 223 -19.73 17.67 16.02
CA GLU A 223 -18.62 17.99 16.88
C GLU A 223 -17.22 17.72 16.30
N SER A 224 -17.15 17.24 15.07
CA SER A 224 -15.85 16.98 14.45
C SER A 224 -15.88 17.06 12.94
N PHE A 225 -14.67 17.14 12.36
CA PHE A 225 -14.49 17.22 10.93
C PHE A 225 -14.97 15.93 10.26
N GLU A 226 -14.68 14.80 10.91
CA GLU A 226 -15.07 13.51 10.39
C GLU A 226 -16.60 13.38 10.31
N GLU A 227 -17.28 13.88 11.33
CA GLU A 227 -18.75 13.83 11.35
C GLU A 227 -19.33 14.77 10.31
N ALA A 228 -18.79 15.99 10.26
CA ALA A 228 -19.26 16.98 9.31
C ALA A 228 -19.16 16.43 7.89
N LEU A 229 -18.03 15.80 7.56
CA LEU A 229 -17.86 15.23 6.24
C LEU A 229 -18.79 14.05 6.00
N GLU A 230 -19.10 13.32 7.07
CA GLU A 230 -20.01 12.17 6.94
C GLU A 230 -21.40 12.69 6.58
N MET A 231 -21.82 13.74 7.28
CA MET A 231 -23.13 14.33 7.01
C MET A 231 -23.15 14.83 5.57
N ALA A 232 -22.09 15.53 5.16
CA ALA A 232 -21.98 16.06 3.82
C ALA A 232 -22.10 14.99 2.73
N SER A 233 -21.57 13.81 3.00
CA SER A 233 -21.63 12.73 2.00
C SER A 233 -23.06 12.24 1.75
N LYS A 234 -23.90 12.32 2.78
CA LYS A 234 -25.30 11.87 2.70
C LYS A 234 -26.29 12.95 2.21
N GLY A 235 -25.89 14.22 2.28
CA GLY A 235 -26.79 15.28 1.88
C GLY A 235 -26.83 15.72 0.42
N ASP A 236 -27.80 16.60 0.14
CA ASP A 236 -28.01 17.17 -1.19
C ASP A 236 -28.05 18.70 -1.04
N SER A 237 -26.99 19.35 -1.53
CA SER A 237 -26.87 20.80 -1.44
C SER A 237 -27.95 21.59 -2.15
N THR A 238 -28.50 21.03 -3.22
CA THR A 238 -29.54 21.73 -3.98
C THR A 238 -30.80 21.99 -3.14
N GLN A 239 -30.84 21.44 -1.93
CA GLN A 239 -31.98 21.68 -1.05
C GLN A 239 -31.81 23.00 -0.31
N ALA A 240 -30.56 23.48 -0.25
CA ALA A 240 -30.26 24.74 0.40
C ALA A 240 -29.87 25.83 -0.59
N ASP A 241 -29.13 25.43 -1.63
CA ASP A 241 -28.68 26.37 -2.66
C ASP A 241 -29.76 26.66 -3.70
N LYS A 242 -29.67 27.83 -4.33
CA LYS A 242 -30.59 28.24 -5.38
C LYS A 242 -29.86 28.06 -6.70
N LEU A 243 -30.41 27.26 -7.61
CA LEU A 243 -29.79 27.02 -8.89
C LEU A 243 -30.27 27.99 -9.93
N VAL A 244 -29.53 28.07 -11.04
CA VAL A 244 -29.88 28.96 -12.13
C VAL A 244 -31.28 28.61 -12.65
N ARG A 245 -31.65 27.34 -12.55
CA ARG A 245 -32.97 26.90 -13.02
C ARG A 245 -34.08 27.41 -12.12
N ASP A 246 -33.81 27.57 -10.84
CA ASP A 246 -34.80 28.07 -9.89
C ASP A 246 -35.20 29.50 -10.24
N ILE A 247 -34.34 30.20 -10.96
CA ILE A 247 -34.60 31.58 -11.33
C ILE A 247 -35.16 31.71 -12.74
N TYR A 248 -34.57 30.99 -13.69
CA TYR A 248 -35.00 31.06 -15.08
C TYR A 248 -35.83 29.85 -15.51
N GLY A 249 -36.14 28.96 -14.57
CA GLY A 249 -36.93 27.77 -14.89
C GLY A 249 -36.23 26.87 -15.89
N GLY A 250 -34.92 27.01 -15.96
CA GLY A 250 -34.11 26.23 -16.87
C GLY A 250 -32.78 26.92 -17.01
N ASP A 251 -32.10 26.68 -18.14
CA ASP A 251 -30.80 27.29 -18.38
C ASP A 251 -30.91 28.79 -18.66
N TYR A 252 -29.84 29.52 -18.39
CA TYR A 252 -29.82 30.95 -18.65
C TYR A 252 -29.10 31.13 -19.98
N GLU A 253 -29.85 30.89 -21.05
CA GLU A 253 -29.37 30.97 -22.44
C GLU A 253 -28.41 32.11 -22.72
N ARG A 254 -28.94 33.33 -22.74
CA ARG A 254 -28.18 34.54 -23.02
C ARG A 254 -26.69 34.51 -22.67
N PHE A 255 -26.37 34.10 -21.45
CA PHE A 255 -24.98 34.05 -21.04
C PHE A 255 -24.48 32.63 -20.82
N GLY A 256 -25.23 31.67 -21.35
CA GLY A 256 -24.85 30.27 -21.23
C GLY A 256 -24.53 29.75 -19.85
N LEU A 257 -25.52 29.78 -18.96
CA LEU A 257 -25.34 29.27 -17.61
C LEU A 257 -26.26 28.08 -17.46
N PRO A 258 -25.69 26.87 -17.37
CA PRO A 258 -26.47 25.65 -17.22
C PRO A 258 -27.47 25.77 -16.09
N GLY A 259 -28.66 25.20 -16.28
CA GLY A 259 -29.68 25.26 -15.27
C GLY A 259 -29.24 24.65 -13.95
N TRP A 260 -28.28 23.72 -14.01
CA TRP A 260 -27.79 23.08 -12.80
C TRP A 260 -26.69 23.85 -12.06
N ALA A 261 -26.18 24.91 -12.67
CA ALA A 261 -25.14 25.70 -12.01
C ALA A 261 -25.74 26.39 -10.78
N VAL A 262 -24.93 26.56 -9.74
CA VAL A 262 -25.43 27.23 -8.53
C VAL A 262 -25.49 28.74 -8.75
N ALA A 263 -26.67 29.31 -8.56
CA ALA A 263 -26.87 30.75 -8.72
C ALA A 263 -26.52 31.44 -7.41
N SER A 264 -27.02 30.90 -6.30
CA SER A 264 -26.75 31.50 -5.02
C SER A 264 -26.63 30.47 -3.89
N SER A 265 -25.42 30.29 -3.37
CA SER A 265 -25.17 29.36 -2.28
C SER A 265 -26.07 29.70 -1.08
N PHE A 266 -26.77 28.70 -0.55
CA PHE A 266 -27.67 28.86 0.58
C PHE A 266 -28.78 29.86 0.24
N GLY A 267 -28.91 30.18 -1.04
CA GLY A 267 -29.90 31.15 -1.47
C GLY A 267 -31.36 30.80 -1.29
N ASN A 268 -31.67 29.52 -1.11
CA ASN A 268 -33.05 29.10 -0.92
C ASN A 268 -33.42 29.11 0.55
N MET A 269 -32.43 29.35 1.40
CA MET A 269 -32.67 29.37 2.83
C MET A 269 -33.28 30.70 3.27
N ILE A 270 -33.57 31.59 2.33
CA ILE A 270 -34.20 32.86 2.70
C ILE A 270 -35.71 32.64 2.85
N TYR A 271 -36.19 31.46 2.43
CA TYR A 271 -37.62 31.13 2.53
C TYR A 271 -37.89 30.18 3.69
N LYS A 272 -38.83 30.54 4.57
CA LYS A 272 -39.17 29.71 5.71
C LYS A 272 -39.53 28.28 5.32
N GLU A 273 -40.25 28.15 4.21
CA GLU A 273 -40.68 26.84 3.70
C GLU A 273 -39.48 25.94 3.44
N LYS A 274 -38.45 26.51 2.84
CA LYS A 274 -37.24 25.74 2.53
C LYS A 274 -36.44 25.40 3.78
N ARG A 275 -36.40 26.33 4.73
CA ARG A 275 -35.67 26.11 5.98
C ARG A 275 -36.33 25.03 6.83
N GLU A 276 -37.64 24.92 6.74
CA GLU A 276 -38.39 23.93 7.50
C GLU A 276 -38.05 22.52 7.02
N SER A 277 -37.96 22.35 5.70
CA SER A 277 -37.69 21.04 5.12
C SER A 277 -36.24 20.67 4.86
N VAL A 278 -35.31 21.61 4.97
CA VAL A 278 -33.91 21.28 4.71
C VAL A 278 -33.37 20.43 5.85
N SER A 279 -32.55 19.43 5.52
CA SER A 279 -31.97 18.56 6.54
C SER A 279 -30.58 19.01 6.90
N LYS A 280 -30.09 18.53 8.04
CA LYS A 280 -28.76 18.88 8.50
C LYS A 280 -27.74 18.36 7.49
N GLU A 281 -27.97 17.16 6.98
CA GLU A 281 -27.07 16.57 6.01
C GLU A 281 -27.00 17.46 4.77
N ASP A 282 -28.14 18.04 4.40
CA ASP A 282 -28.19 18.91 3.23
C ASP A 282 -27.41 20.20 3.44
N LEU A 283 -27.49 20.75 4.65
CA LEU A 283 -26.77 21.99 4.97
C LEU A 283 -25.27 21.77 5.00
N ALA A 284 -24.86 20.58 5.44
CA ALA A 284 -23.45 20.23 5.52
C ALA A 284 -22.89 20.12 4.10
N ARG A 285 -23.64 19.46 3.22
CA ARG A 285 -23.21 19.30 1.83
C ARG A 285 -23.16 20.64 1.13
N ALA A 286 -24.12 21.51 1.44
CA ALA A 286 -24.18 22.83 0.85
C ALA A 286 -22.95 23.63 1.28
N THR A 287 -22.58 23.49 2.56
CA THR A 287 -21.41 24.18 3.08
C THR A 287 -20.16 23.71 2.36
N LEU A 288 -20.06 22.40 2.15
CA LEU A 288 -18.89 21.84 1.47
C LEU A 288 -18.82 22.28 0.01
N VAL A 289 -19.96 22.23 -0.67
CA VAL A 289 -20.06 22.62 -2.09
C VAL A 289 -19.70 24.09 -2.29
N THR A 290 -20.20 24.95 -1.41
CA THR A 290 -19.93 26.37 -1.47
C THR A 290 -18.43 26.62 -1.35
N ILE A 291 -17.80 25.98 -0.37
CA ILE A 291 -16.37 26.15 -0.17
C ILE A 291 -15.52 25.58 -1.30
N THR A 292 -15.86 24.38 -1.80
CA THR A 292 -15.07 23.78 -2.88
C THR A 292 -15.24 24.50 -4.22
N ASN A 293 -16.45 24.95 -4.54
CA ASN A 293 -16.67 25.67 -5.78
C ASN A 293 -15.90 26.98 -5.77
N ASN A 294 -15.89 27.66 -4.62
CA ASN A 294 -15.20 28.94 -4.51
C ASN A 294 -13.68 28.76 -4.65
N ILE A 295 -13.13 27.76 -3.97
CA ILE A 295 -11.70 27.48 -4.04
C ILE A 295 -11.31 27.13 -5.49
N GLY A 296 -12.17 26.37 -6.16
CA GLY A 296 -11.88 26.01 -7.53
C GLY A 296 -11.80 27.24 -8.40
N SER A 297 -12.67 28.20 -8.14
CA SER A 297 -12.69 29.43 -8.90
C SER A 297 -11.44 30.28 -8.65
N VAL A 298 -11.08 30.43 -7.38
CA VAL A 298 -9.90 31.21 -7.04
C VAL A 298 -8.67 30.57 -7.67
N ALA A 299 -8.54 29.25 -7.53
CA ALA A 299 -7.41 28.52 -8.10
C ALA A 299 -7.29 28.68 -9.62
N ARG A 300 -8.42 28.53 -10.32
CA ARG A 300 -8.43 28.65 -11.79
C ARG A 300 -8.00 30.05 -12.23
N MET A 301 -8.53 31.06 -11.55
CA MET A 301 -8.17 32.43 -11.88
C MET A 301 -6.69 32.66 -11.59
N CYS A 302 -6.17 32.10 -10.50
CA CYS A 302 -4.74 32.26 -10.19
C CYS A 302 -3.92 31.55 -11.24
N ALA A 303 -4.37 30.37 -11.65
CA ALA A 303 -3.65 29.61 -12.67
C ALA A 303 -3.55 30.42 -13.95
N VAL A 304 -4.68 30.94 -14.44
CA VAL A 304 -4.67 31.74 -15.66
C VAL A 304 -3.75 32.94 -15.52
N ASN A 305 -3.92 33.71 -14.45
CA ASN A 305 -3.09 34.89 -14.24
C ASN A 305 -1.60 34.52 -14.09
N GLU A 306 -1.28 33.44 -13.39
CA GLU A 306 0.11 33.05 -13.23
C GLU A 306 0.61 32.27 -14.46
N LYS A 307 -0.31 31.93 -15.36
CA LYS A 307 0.01 31.17 -16.56
C LYS A 307 0.64 29.82 -16.18
N ILE A 308 -0.06 29.08 -15.33
CA ILE A 308 0.39 27.76 -14.90
C ILE A 308 -0.79 26.82 -15.13
N ASN A 309 -0.53 25.64 -15.71
CA ASN A 309 -1.60 24.69 -15.96
C ASN A 309 -1.51 23.41 -15.15
N ARG A 310 -0.72 23.44 -14.08
CA ARG A 310 -0.56 22.30 -13.20
C ARG A 310 -0.95 22.81 -11.81
N VAL A 311 -2.12 22.39 -11.35
CA VAL A 311 -2.65 22.84 -10.06
C VAL A 311 -2.77 21.67 -9.08
N VAL A 312 -1.96 21.68 -8.04
CA VAL A 312 -2.00 20.62 -7.04
C VAL A 312 -2.66 21.09 -5.74
N PHE A 313 -3.54 20.25 -5.20
CA PHE A 313 -4.24 20.56 -3.96
C PHE A 313 -3.72 19.67 -2.82
N VAL A 314 -3.34 20.30 -1.72
CA VAL A 314 -2.84 19.59 -0.55
C VAL A 314 -3.42 20.24 0.71
N GLY A 315 -3.03 19.75 1.88
CA GLY A 315 -3.54 20.33 3.12
C GLY A 315 -4.36 19.36 3.94
N ASN A 316 -4.44 19.60 5.25
CA ASN A 316 -5.19 18.73 6.16
C ASN A 316 -6.67 18.62 5.84
N PHE A 317 -7.20 19.55 5.06
CA PHE A 317 -8.60 19.51 4.69
C PHE A 317 -8.90 18.34 3.74
N LEU A 318 -7.84 17.77 3.16
CA LEU A 318 -8.00 16.67 2.22
C LEU A 318 -7.67 15.29 2.79
N ARG A 319 -7.40 15.23 4.10
CA ARG A 319 -7.03 13.97 4.72
C ARG A 319 -8.14 13.04 5.20
N VAL A 320 -9.28 13.60 5.58
CA VAL A 320 -10.36 12.77 6.09
C VAL A 320 -11.36 12.32 5.02
N ASN A 321 -11.16 12.71 3.78
CA ASN A 321 -12.12 12.31 2.75
C ASN A 321 -11.70 12.49 1.28
N THR A 322 -12.23 11.59 0.46
CA THR A 322 -11.97 11.63 -0.96
C THR A 322 -13.07 12.50 -1.56
N LEU A 323 -14.12 12.76 -0.77
CA LEU A 323 -15.24 13.57 -1.23
C LEU A 323 -14.80 15.00 -1.57
N SER A 324 -14.02 15.60 -0.68
CA SER A 324 -13.56 16.96 -0.91
C SER A 324 -12.65 17.03 -2.13
N MET A 325 -11.79 16.02 -2.29
CA MET A 325 -10.90 16.01 -3.44
C MET A 325 -11.71 15.94 -4.73
N LYS A 326 -12.71 15.06 -4.76
CA LYS A 326 -13.53 14.91 -5.95
C LYS A 326 -14.32 16.20 -6.22
N LEU A 327 -14.78 16.86 -5.17
CA LEU A 327 -15.53 18.10 -5.36
C LEU A 327 -14.64 19.23 -5.89
N LEU A 328 -13.38 19.28 -5.43
CA LEU A 328 -12.46 20.30 -5.91
C LEU A 328 -12.12 20.00 -7.37
N ALA A 329 -12.01 18.72 -7.71
CA ALA A 329 -11.68 18.32 -9.07
C ALA A 329 -12.82 18.77 -9.99
N TYR A 330 -14.04 18.57 -9.52
CA TYR A 330 -15.24 18.97 -10.25
C TYR A 330 -15.27 20.49 -10.44
N ALA A 331 -15.02 21.21 -9.35
CA ALA A 331 -15.03 22.67 -9.38
C ALA A 331 -13.98 23.22 -10.34
N LEU A 332 -12.75 22.75 -10.23
CA LEU A 332 -11.70 23.22 -11.14
C LEU A 332 -12.02 22.87 -12.59
N ASP A 333 -12.62 21.70 -12.81
CA ASP A 333 -12.97 21.30 -14.18
C ASP A 333 -14.03 22.26 -14.72
N TYR A 334 -15.01 22.58 -13.88
CA TYR A 334 -16.07 23.50 -14.26
C TYR A 334 -15.55 24.90 -14.60
N TRP A 335 -14.80 25.51 -13.68
CA TRP A 335 -14.30 26.85 -13.90
C TRP A 335 -13.31 26.97 -15.06
N SER A 336 -12.58 25.89 -15.36
CA SER A 336 -11.62 25.89 -16.46
C SER A 336 -12.25 25.31 -17.72
N LYS A 337 -13.53 24.97 -17.65
CA LYS A 337 -14.24 24.39 -18.76
C LYS A 337 -13.44 23.25 -19.38
N GLY A 338 -12.97 22.36 -18.49
CA GLY A 338 -12.22 21.19 -18.89
C GLY A 338 -10.76 21.39 -19.27
N GLN A 339 -10.26 22.61 -19.17
CA GLN A 339 -8.87 22.85 -19.53
C GLN A 339 -7.83 22.59 -18.43
N LEU A 340 -8.28 22.50 -17.18
CA LEU A 340 -7.37 22.24 -16.07
C LEU A 340 -7.86 21.03 -15.28
N LYS A 341 -6.93 20.19 -14.85
CA LYS A 341 -7.26 19.01 -14.07
C LYS A 341 -6.64 19.20 -12.69
N ALA A 342 -7.43 18.97 -11.65
CA ALA A 342 -6.97 19.10 -10.28
C ALA A 342 -6.04 17.93 -9.99
N LEU A 343 -4.89 18.20 -9.40
CA LEU A 343 -3.93 17.14 -9.07
C LEU A 343 -3.79 16.94 -7.56
N PHE A 344 -3.49 15.71 -7.16
CA PHE A 344 -3.32 15.36 -5.75
C PHE A 344 -2.10 14.46 -5.59
N LEU A 345 -1.60 14.36 -4.35
CA LEU A 345 -0.40 13.57 -4.09
C LEU A 345 -0.61 12.56 -2.96
N GLU A 346 -0.14 11.34 -3.19
CA GLU A 346 -0.27 10.28 -2.20
C GLU A 346 0.34 10.59 -0.82
N HIS A 347 1.52 11.19 -0.79
CA HIS A 347 2.18 11.49 0.49
C HIS A 347 1.81 12.83 1.09
N GLU A 348 0.68 13.35 0.65
CA GLU A 348 0.14 14.62 1.07
C GLU A 348 0.45 15.07 2.52
N GLY A 349 -0.06 14.36 3.51
CA GLY A 349 0.17 14.75 4.89
C GLY A 349 1.58 14.75 5.46
N TYR A 350 2.55 14.20 4.72
CA TYR A 350 3.92 14.14 5.22
C TYR A 350 4.92 15.08 4.57
N PHE A 351 4.45 15.98 3.72
CA PHE A 351 5.38 16.89 3.08
C PHE A 351 6.11 17.80 4.05
N GLY A 352 5.42 18.26 5.07
CA GLY A 352 6.06 19.12 6.07
C GLY A 352 7.23 18.40 6.76
N ALA A 353 7.01 17.14 7.12
CA ALA A 353 8.02 16.34 7.80
C ALA A 353 9.22 16.03 6.88
N VAL A 354 8.94 15.78 5.61
CA VAL A 354 10.01 15.51 4.66
C VAL A 354 10.82 16.80 4.43
N GLY A 355 10.13 17.93 4.36
CA GLY A 355 10.80 19.21 4.17
C GLY A 355 11.73 19.52 5.33
N ALA A 356 11.31 19.16 6.53
CA ALA A 356 12.12 19.39 7.71
C ALA A 356 13.37 18.50 7.63
N LEU A 357 13.20 17.27 7.15
CA LEU A 357 14.30 16.33 7.01
C LEU A 357 15.32 16.91 6.01
N LEU A 358 14.81 17.46 4.92
CA LEU A 358 15.68 18.04 3.91
C LEU A 358 16.39 19.27 4.49
N GLY A 359 15.81 19.85 5.54
CA GLY A 359 16.40 21.02 6.15
C GLY A 359 17.34 20.73 7.32
N LEU A 360 17.84 19.50 7.42
CA LEU A 360 18.75 19.15 8.49
C LEU A 360 20.02 19.95 8.38
N PRO A 361 20.60 20.36 9.52
CA PRO A 361 21.83 21.15 9.54
C PRO A 361 22.92 20.40 8.78
N ASN A 362 23.62 21.13 7.91
CA ASN A 362 24.70 20.56 7.11
C ASN A 362 25.98 21.36 7.27
N VAL B 1 -10.58 -13.09 -25.98
CA VAL B 1 -11.57 -12.16 -25.36
C VAL B 1 -12.72 -12.92 -24.69
N PRO B 2 -12.91 -12.72 -23.39
CA PRO B 2 -13.98 -13.40 -22.64
C PRO B 2 -15.37 -13.15 -23.22
N ARG B 3 -16.26 -14.12 -23.02
CA ARG B 3 -17.61 -14.05 -23.52
C ARG B 3 -18.51 -13.20 -22.61
N GLY B 4 -18.38 -13.40 -21.31
CA GLY B 4 -19.20 -12.66 -20.36
C GLY B 4 -18.57 -11.39 -19.84
N SER B 5 -19.36 -10.62 -19.11
CA SER B 5 -18.92 -9.36 -18.53
C SER B 5 -19.69 -9.16 -17.22
N PRO B 6 -19.03 -8.65 -16.16
CA PRO B 6 -17.64 -8.19 -16.03
C PRO B 6 -16.66 -9.35 -15.93
N TRP B 7 -15.37 -9.07 -15.98
CA TRP B 7 -14.38 -10.14 -15.91
C TRP B 7 -13.83 -10.37 -14.51
N PHE B 8 -14.01 -11.58 -14.00
CA PHE B 8 -13.48 -11.94 -12.69
C PHE B 8 -13.16 -13.43 -12.64
N GLY B 9 -12.27 -13.80 -11.74
CA GLY B 9 -11.91 -15.19 -11.58
C GLY B 9 -11.78 -15.47 -10.10
N MET B 10 -12.02 -16.71 -9.68
CA MET B 10 -11.91 -17.03 -8.27
C MET B 10 -11.19 -18.31 -7.95
N ASP B 11 -10.54 -18.30 -6.79
CA ASP B 11 -9.80 -19.42 -6.25
C ASP B 11 -10.59 -19.74 -4.99
N ILE B 12 -11.31 -20.85 -5.02
CA ILE B 12 -12.15 -21.26 -3.89
C ILE B 12 -11.47 -22.21 -2.91
N GLY B 13 -11.21 -21.71 -1.71
CA GLY B 13 -10.59 -22.53 -0.69
C GLY B 13 -11.66 -23.09 0.24
N GLY B 14 -11.25 -23.89 1.20
CA GLY B 14 -12.22 -24.46 2.11
C GLY B 14 -12.89 -23.38 2.93
N THR B 15 -12.11 -22.40 3.37
CA THR B 15 -12.62 -21.30 4.19
C THR B 15 -12.82 -19.96 3.47
N LEU B 16 -11.88 -19.58 2.63
CA LEU B 16 -11.98 -18.30 1.94
C LEU B 16 -11.92 -18.36 0.43
N VAL B 17 -12.58 -17.40 -0.21
CA VAL B 17 -12.58 -17.29 -1.65
C VAL B 17 -11.71 -16.09 -2.00
N LYS B 18 -10.76 -16.29 -2.91
CA LYS B 18 -9.91 -15.20 -3.36
C LYS B 18 -10.48 -14.82 -4.73
N LEU B 19 -10.80 -13.54 -4.88
CA LEU B 19 -11.38 -13.05 -6.12
C LEU B 19 -10.61 -11.91 -6.75
N SER B 20 -10.41 -12.01 -8.06
CA SER B 20 -9.75 -10.96 -8.81
C SER B 20 -10.75 -10.51 -9.86
N TYR B 21 -10.98 -9.19 -9.97
CA TYR B 21 -11.92 -8.69 -10.96
C TYR B 21 -11.40 -7.44 -11.66
N PHE B 22 -11.83 -7.27 -12.90
CA PHE B 22 -11.39 -6.15 -13.72
C PHE B 22 -12.35 -4.98 -13.69
N GLU B 23 -11.81 -3.78 -13.51
CA GLU B 23 -12.60 -2.56 -13.48
C GLU B 23 -12.23 -1.75 -14.73
N PRO B 24 -13.10 -1.76 -15.75
CA PRO B 24 -12.80 -1.01 -16.97
C PRO B 24 -12.65 0.48 -16.62
N ILE B 25 -11.70 1.14 -17.28
CA ILE B 25 -11.44 2.55 -17.04
C ILE B 25 -11.68 3.33 -18.35
N ASP B 26 -12.23 2.63 -19.34
CA ASP B 26 -12.53 3.21 -20.65
C ASP B 26 -14.01 3.00 -20.97
N ILE B 27 -14.84 3.16 -19.95
CA ILE B 27 -16.28 2.97 -20.08
C ILE B 27 -16.94 4.00 -20.98
N THR B 28 -17.88 3.55 -21.80
CA THR B 28 -18.63 4.44 -22.68
C THR B 28 -20.12 4.15 -22.51
N ALA B 29 -20.48 2.88 -22.64
CA ALA B 29 -21.88 2.46 -22.52
C ALA B 29 -22.40 2.58 -21.08
N GLU B 30 -23.69 2.81 -20.95
CA GLU B 30 -24.33 2.96 -19.65
C GLU B 30 -24.35 1.64 -18.87
N GLU B 31 -24.64 0.55 -19.58
CA GLU B 31 -24.71 -0.77 -18.97
C GLU B 31 -23.39 -1.18 -18.32
N GLU B 32 -22.29 -0.87 -18.99
CA GLU B 32 -20.98 -1.21 -18.46
C GLU B 32 -20.66 -0.33 -17.26
N GLN B 33 -21.15 0.90 -17.29
CA GLN B 33 -20.91 1.83 -16.20
C GLN B 33 -21.60 1.31 -14.94
N GLU B 34 -22.76 0.70 -15.11
CA GLU B 34 -23.51 0.17 -13.99
C GLU B 34 -22.85 -1.08 -13.41
N GLU B 35 -22.12 -1.83 -14.24
CA GLU B 35 -21.43 -3.02 -13.74
C GLU B 35 -20.34 -2.58 -12.77
N VAL B 36 -19.62 -1.52 -13.14
CA VAL B 36 -18.55 -0.98 -12.30
C VAL B 36 -19.07 -0.60 -10.92
N GLU B 37 -20.23 0.06 -10.87
CA GLU B 37 -20.80 0.48 -9.60
C GLU B 37 -21.28 -0.75 -8.82
N SER B 38 -21.84 -1.71 -9.54
CA SER B 38 -22.31 -2.94 -8.90
C SER B 38 -21.14 -3.67 -8.25
N LEU B 39 -20.01 -3.72 -8.95
CA LEU B 39 -18.82 -4.40 -8.42
C LEU B 39 -18.30 -3.76 -7.15
N LYS B 40 -18.37 -2.43 -7.07
CA LYS B 40 -17.91 -1.73 -5.89
C LYS B 40 -18.83 -2.07 -4.73
N SER B 41 -20.14 -2.04 -4.97
CA SER B 41 -21.12 -2.37 -3.94
C SER B 41 -20.91 -3.80 -3.45
N ILE B 42 -20.66 -4.70 -4.39
CA ILE B 42 -20.43 -6.10 -4.06
C ILE B 42 -19.18 -6.24 -3.20
N ARG B 43 -18.11 -5.55 -3.58
CA ARG B 43 -16.87 -5.62 -2.80
C ARG B 43 -17.08 -5.15 -1.36
N LYS B 44 -17.73 -4.01 -1.18
CA LYS B 44 -17.96 -3.49 0.16
C LYS B 44 -18.76 -4.47 1.00
N TYR B 45 -19.77 -5.09 0.41
CA TYR B 45 -20.57 -6.04 1.16
C TYR B 45 -19.74 -7.27 1.56
N LEU B 46 -19.05 -7.87 0.59
CA LEU B 46 -18.26 -9.06 0.87
C LEU B 46 -17.06 -8.86 1.78
N THR B 47 -16.49 -7.67 1.79
CA THR B 47 -15.32 -7.41 2.62
C THR B 47 -15.66 -6.82 3.99
N SER B 48 -16.94 -6.77 4.34
CA SER B 48 -17.37 -6.26 5.64
C SER B 48 -17.14 -7.38 6.65
N ASN B 49 -15.93 -7.43 7.20
CA ASN B 49 -15.55 -8.46 8.17
C ASN B 49 -16.27 -8.24 9.49
N THR B 55 -6.74 -7.32 6.53
CA THR B 55 -6.53 -7.93 5.22
C THR B 55 -7.38 -7.26 4.14
N GLY B 56 -8.30 -6.42 4.56
CA GLY B 56 -9.15 -5.71 3.61
C GLY B 56 -8.38 -4.56 3.02
N ILE B 57 -7.74 -3.79 3.91
CA ILE B 57 -6.94 -2.64 3.48
C ILE B 57 -5.70 -3.16 2.76
N ARG B 58 -5.25 -4.34 3.14
CA ARG B 58 -4.07 -4.96 2.53
C ARG B 58 -4.35 -5.34 1.08
N ASP B 59 -5.53 -5.89 0.81
CA ASP B 59 -5.90 -6.28 -0.55
C ASP B 59 -6.13 -5.05 -1.41
N VAL B 60 -6.76 -4.02 -0.84
CA VAL B 60 -7.02 -2.80 -1.59
C VAL B 60 -5.72 -2.23 -2.14
N HIS B 61 -4.65 -2.31 -1.36
CA HIS B 61 -3.35 -1.79 -1.80
C HIS B 61 -2.70 -2.64 -2.88
N LEU B 62 -3.28 -3.80 -3.17
CA LEU B 62 -2.75 -4.71 -4.19
C LEU B 62 -3.30 -4.35 -5.56
N GLU B 63 -4.21 -3.39 -5.59
CA GLU B 63 -4.84 -2.99 -6.84
C GLU B 63 -3.79 -2.59 -7.87
N LEU B 64 -3.99 -3.05 -9.11
CA LEU B 64 -3.09 -2.72 -10.20
C LEU B 64 -3.88 -1.80 -11.11
N LYS B 65 -3.56 -0.52 -11.07
CA LYS B 65 -4.27 0.47 -11.86
C LYS B 65 -3.77 0.66 -13.28
N ASP B 66 -4.68 1.12 -14.12
CA ASP B 66 -4.42 1.42 -15.52
C ASP B 66 -3.50 0.44 -16.23
N LEU B 67 -3.95 -0.81 -16.33
CA LEU B 67 -3.18 -1.83 -17.02
C LEU B 67 -4.01 -2.23 -18.23
N THR B 68 -3.52 -3.20 -19.01
CA THR B 68 -4.26 -3.65 -20.17
C THR B 68 -4.57 -5.12 -20.02
N LEU B 69 -5.81 -5.46 -20.35
CA LEU B 69 -6.27 -6.84 -20.25
C LEU B 69 -7.34 -7.05 -21.31
N PHE B 70 -7.14 -8.08 -22.13
CA PHE B 70 -8.07 -8.42 -23.19
C PHE B 70 -8.41 -7.22 -24.07
N GLY B 71 -7.39 -6.42 -24.38
CA GLY B 71 -7.58 -5.26 -25.22
C GLY B 71 -8.34 -4.09 -24.61
N ARG B 72 -8.39 -4.04 -23.27
CA ARG B 72 -9.08 -2.95 -22.60
C ARG B 72 -8.28 -2.32 -21.48
N ARG B 73 -8.58 -1.06 -21.21
CA ARG B 73 -7.92 -0.30 -20.14
C ARG B 73 -8.75 -0.39 -18.87
N GLY B 74 -8.08 -0.67 -17.75
CA GLY B 74 -8.81 -0.77 -16.49
C GLY B 74 -7.91 -1.10 -15.32
N ASN B 75 -8.52 -1.33 -14.17
CA ASN B 75 -7.78 -1.67 -12.96
C ASN B 75 -8.13 -3.09 -12.53
N LEU B 76 -7.15 -3.79 -11.98
CA LEU B 76 -7.38 -5.14 -11.50
C LEU B 76 -7.49 -5.08 -9.98
N HIS B 77 -8.59 -5.58 -9.44
CA HIS B 77 -8.83 -5.58 -7.99
C HIS B 77 -8.66 -6.99 -7.41
N PHE B 78 -8.35 -7.06 -6.11
CA PHE B 78 -8.17 -8.33 -5.42
C PHE B 78 -8.87 -8.31 -4.06
N ILE B 79 -9.78 -9.24 -3.85
CA ILE B 79 -10.49 -9.32 -2.58
C ILE B 79 -10.66 -10.76 -2.14
N ARG B 80 -11.00 -10.94 -0.87
CA ARG B 80 -11.22 -12.27 -0.34
C ARG B 80 -12.42 -12.18 0.59
N PHE B 81 -13.20 -13.25 0.66
CA PHE B 81 -14.38 -13.28 1.51
C PHE B 81 -14.70 -14.73 1.85
N PRO B 82 -15.50 -14.96 2.92
CA PRO B 82 -15.86 -16.32 3.32
C PRO B 82 -16.59 -17.07 2.22
N THR B 83 -16.32 -18.37 2.12
CA THR B 83 -16.97 -19.20 1.12
C THR B 83 -18.47 -19.23 1.41
N GLN B 84 -18.81 -19.07 2.69
CA GLN B 84 -20.18 -19.04 3.17
C GLN B 84 -21.01 -17.97 2.46
N ASP B 85 -20.35 -16.99 1.87
CA ASP B 85 -21.03 -15.91 1.17
C ASP B 85 -20.95 -16.02 -0.35
N LEU B 86 -20.36 -17.11 -0.85
CA LEU B 86 -20.24 -17.28 -2.28
C LEU B 86 -21.60 -17.31 -2.97
N PRO B 87 -22.61 -17.98 -2.37
CA PRO B 87 -23.92 -18.00 -3.03
C PRO B 87 -24.45 -16.58 -3.17
N THR B 88 -24.18 -15.76 -2.18
CA THR B 88 -24.63 -14.38 -2.22
C THR B 88 -23.95 -13.68 -3.39
N PHE B 89 -22.65 -13.90 -3.56
CA PHE B 89 -21.89 -13.29 -4.66
C PHE B 89 -22.46 -13.68 -6.02
N ILE B 90 -22.82 -14.95 -6.17
CA ILE B 90 -23.38 -15.42 -7.43
C ILE B 90 -24.74 -14.78 -7.71
N GLN B 91 -25.60 -14.75 -6.70
CA GLN B 91 -26.93 -14.15 -6.86
C GLN B 91 -26.82 -12.65 -7.16
N MET B 92 -25.87 -11.97 -6.53
CA MET B 92 -25.68 -10.54 -6.77
C MET B 92 -25.35 -10.32 -8.23
N GLY B 93 -24.38 -11.07 -8.74
CA GLY B 93 -23.98 -10.92 -10.13
C GLY B 93 -25.18 -11.07 -11.05
N ARG B 94 -25.97 -12.10 -10.81
CA ARG B 94 -27.16 -12.37 -11.62
C ARG B 94 -28.22 -11.27 -11.52
N ASP B 95 -28.43 -10.72 -10.33
CA ASP B 95 -29.42 -9.66 -10.18
C ASP B 95 -28.92 -8.38 -10.84
N LYS B 96 -27.61 -8.20 -10.88
CA LYS B 96 -27.02 -7.02 -11.50
C LYS B 96 -26.76 -7.26 -12.98
N ASN B 97 -27.32 -8.37 -13.48
CA ASN B 97 -27.20 -8.73 -14.88
C ASN B 97 -25.79 -9.00 -15.42
N PHE B 98 -24.94 -9.61 -14.59
CA PHE B 98 -23.60 -9.94 -15.05
C PHE B 98 -23.77 -11.15 -15.96
N SER B 99 -23.16 -11.14 -17.13
CA SER B 99 -23.30 -12.29 -18.02
C SER B 99 -22.21 -13.31 -17.70
N THR B 100 -21.29 -12.92 -16.81
CA THR B 100 -20.18 -13.77 -16.40
C THR B 100 -20.64 -15.13 -15.88
N LEU B 101 -21.54 -15.13 -14.90
CA LEU B 101 -22.01 -16.38 -14.34
C LEU B 101 -23.43 -16.70 -14.76
N GLN B 102 -23.68 -16.66 -16.07
CA GLN B 102 -25.00 -16.95 -16.61
C GLN B 102 -25.22 -18.46 -16.64
N THR B 103 -24.24 -19.20 -17.14
CA THR B 103 -24.37 -20.64 -17.24
C THR B 103 -23.17 -21.43 -16.70
N VAL B 104 -21.98 -20.84 -16.74
CA VAL B 104 -20.79 -21.55 -16.29
C VAL B 104 -19.85 -20.74 -15.39
N LEU B 105 -19.16 -21.45 -14.51
CA LEU B 105 -18.19 -20.86 -13.59
C LEU B 105 -16.88 -21.63 -13.71
N CYS B 106 -15.83 -20.94 -14.16
CA CYS B 106 -14.52 -21.55 -14.29
C CYS B 106 -13.69 -21.11 -13.11
N ALA B 107 -13.55 -21.99 -12.12
CA ALA B 107 -12.81 -21.66 -10.92
C ALA B 107 -11.78 -22.71 -10.52
N THR B 108 -10.88 -22.33 -9.61
CA THR B 108 -9.87 -23.25 -9.13
C THR B 108 -9.96 -23.28 -7.61
N GLY B 109 -9.01 -23.96 -6.96
CA GLY B 109 -9.03 -24.03 -5.51
C GLY B 109 -9.50 -25.34 -4.93
N GLY B 110 -9.06 -25.65 -3.70
CA GLY B 110 -9.43 -26.89 -3.05
C GLY B 110 -10.87 -26.99 -2.59
N GLY B 111 -11.54 -25.86 -2.43
CA GLY B 111 -12.93 -25.90 -1.99
C GLY B 111 -13.94 -25.81 -3.13
N ALA B 112 -13.45 -25.74 -4.37
CA ALA B 112 -14.35 -25.62 -5.53
C ALA B 112 -15.36 -26.75 -5.67
N TYR B 113 -14.93 -27.99 -5.48
CA TYR B 113 -15.82 -29.15 -5.60
C TYR B 113 -16.88 -29.17 -4.50
N LYS B 114 -16.45 -28.82 -3.29
CA LYS B 114 -17.36 -28.78 -2.14
C LYS B 114 -18.48 -27.79 -2.42
N PHE B 115 -18.11 -26.66 -3.03
CA PHE B 115 -19.09 -25.63 -3.35
C PHE B 115 -20.09 -26.10 -4.39
N GLU B 116 -19.62 -26.87 -5.37
CA GLU B 116 -20.51 -27.38 -6.42
C GLU B 116 -21.66 -28.16 -5.80
N LYS B 117 -21.33 -28.99 -4.82
CA LYS B 117 -22.34 -29.78 -4.11
C LYS B 117 -23.31 -28.81 -3.44
N ASP B 118 -22.74 -27.89 -2.66
CA ASP B 118 -23.53 -26.89 -1.94
C ASP B 118 -24.46 -26.11 -2.86
N PHE B 119 -23.96 -25.73 -4.03
CA PHE B 119 -24.75 -24.94 -4.97
C PHE B 119 -25.79 -25.73 -5.76
N ARG B 120 -25.57 -27.03 -5.90
CA ARG B 120 -26.52 -27.87 -6.64
C ARG B 120 -27.91 -27.80 -6.02
N THR B 121 -27.97 -27.40 -4.75
CA THR B 121 -29.24 -27.30 -4.03
C THR B 121 -29.74 -25.86 -3.96
N ILE B 122 -28.89 -24.92 -4.38
CA ILE B 122 -29.25 -23.50 -4.35
C ILE B 122 -29.52 -22.91 -5.73
N GLY B 123 -28.89 -23.45 -6.77
CA GLY B 123 -29.11 -22.91 -8.10
C GLY B 123 -28.57 -23.74 -9.25
N ASN B 124 -28.65 -23.18 -10.45
CA ASN B 124 -28.17 -23.84 -11.67
C ASN B 124 -26.94 -23.13 -12.22
N LEU B 125 -25.79 -23.77 -12.07
CA LEU B 125 -24.54 -23.20 -12.56
C LEU B 125 -23.52 -24.31 -12.73
N HIS B 126 -22.95 -24.41 -13.94
CA HIS B 126 -21.95 -25.43 -14.20
C HIS B 126 -20.59 -24.98 -13.69
N LEU B 127 -19.89 -25.88 -13.01
CA LEU B 127 -18.57 -25.59 -12.49
C LEU B 127 -17.49 -26.21 -13.37
N HIS B 128 -16.69 -25.36 -14.00
CA HIS B 128 -15.60 -25.85 -14.83
C HIS B 128 -14.35 -25.71 -13.96
N LYS B 129 -14.01 -26.79 -13.25
CA LYS B 129 -12.85 -26.80 -12.35
C LYS B 129 -11.51 -26.63 -13.08
N LEU B 130 -10.72 -25.65 -12.65
CA LEU B 130 -9.42 -25.41 -13.25
C LEU B 130 -8.34 -25.89 -12.29
N ASP B 131 -7.24 -26.40 -12.84
CA ASP B 131 -6.14 -26.89 -12.01
C ASP B 131 -5.41 -25.71 -11.36
N GLU B 132 -5.16 -25.81 -10.06
CA GLU B 132 -4.51 -24.74 -9.32
C GLU B 132 -3.12 -24.38 -9.80
N LEU B 133 -2.34 -25.36 -10.25
CA LEU B 133 -0.99 -25.06 -10.72
C LEU B 133 -1.01 -24.34 -12.07
N ASP B 134 -1.89 -24.76 -12.98
CA ASP B 134 -1.99 -24.11 -14.28
C ASP B 134 -2.40 -22.65 -14.09
N CYS B 135 -3.36 -22.41 -13.19
CA CYS B 135 -3.82 -21.05 -12.93
C CYS B 135 -2.68 -20.25 -12.29
N LEU B 136 -1.96 -20.89 -11.36
CA LEU B 136 -0.82 -20.27 -10.70
C LEU B 136 0.17 -19.71 -11.73
N VAL B 137 0.62 -20.57 -12.63
CA VAL B 137 1.59 -20.17 -13.65
C VAL B 137 1.07 -19.06 -14.56
N LYS B 138 -0.14 -19.25 -15.08
CA LYS B 138 -0.73 -18.26 -15.96
C LYS B 138 -0.90 -16.94 -15.22
N GLY B 139 -1.41 -16.99 -13.99
CA GLY B 139 -1.59 -15.79 -13.20
C GLY B 139 -0.29 -15.09 -12.89
N LEU B 140 0.69 -15.86 -12.41
CA LEU B 140 1.99 -15.29 -12.07
C LEU B 140 2.63 -14.63 -13.30
N LEU B 141 2.57 -15.31 -14.45
CA LEU B 141 3.16 -14.78 -15.67
C LEU B 141 2.49 -13.48 -16.15
N TYR B 142 1.17 -13.42 -16.07
CA TYR B 142 0.47 -12.22 -16.51
C TYR B 142 0.80 -11.03 -15.61
N ILE B 143 0.72 -11.23 -14.30
CA ILE B 143 0.99 -10.17 -13.36
C ILE B 143 2.39 -9.59 -13.54
N ASP B 144 3.38 -10.45 -13.74
CA ASP B 144 4.75 -9.98 -13.91
C ASP B 144 4.87 -9.17 -15.21
N SER B 145 4.11 -9.59 -16.23
CA SER B 145 4.14 -8.94 -17.53
C SER B 145 3.67 -7.48 -17.53
N VAL B 146 2.79 -7.14 -16.60
CA VAL B 146 2.27 -5.78 -16.51
C VAL B 146 2.89 -4.97 -15.38
N SER B 147 3.47 -5.67 -14.41
CA SER B 147 4.11 -5.04 -13.24
C SER B 147 3.35 -3.80 -12.76
N GLN B 151 4.88 -0.24 -9.16
CA GLN B 151 6.14 -0.66 -8.55
C GLN B 151 6.58 -2.03 -9.06
N ALA B 152 7.64 -2.58 -8.47
CA ALA B 152 8.15 -3.88 -8.87
C ALA B 152 7.33 -5.01 -8.24
N GLU B 153 6.94 -5.97 -9.06
CA GLU B 153 6.17 -7.12 -8.59
C GLU B 153 7.09 -8.12 -7.89
N CYS B 154 8.31 -8.21 -8.37
CA CYS B 154 9.29 -9.14 -7.83
C CYS B 154 10.34 -8.48 -6.94
N TYR B 155 10.67 -9.16 -5.84
CA TYR B 155 11.68 -8.68 -4.90
C TYR B 155 12.49 -9.83 -4.35
N TYR B 156 13.58 -9.50 -3.66
CA TYR B 156 14.46 -10.49 -3.05
C TYR B 156 15.06 -9.86 -1.80
N PHE B 157 15.79 -10.64 -1.02
CA PHE B 157 16.42 -10.10 0.17
C PHE B 157 17.93 -9.99 0.00
N ALA B 158 18.42 -8.76 0.07
CA ALA B 158 19.85 -8.48 -0.05
C ALA B 158 20.47 -8.83 1.29
N ASN B 159 21.74 -9.21 1.27
CA ASN B 159 22.45 -9.59 2.50
C ASN B 159 21.73 -10.80 3.10
N ALA B 160 21.29 -11.71 2.23
CA ALA B 160 20.57 -12.92 2.61
C ALA B 160 21.29 -13.84 3.60
N SER B 161 22.62 -13.84 3.56
CA SER B 161 23.39 -14.69 4.48
C SER B 161 23.17 -14.28 5.93
N GLU B 162 22.49 -13.16 6.14
CA GLU B 162 22.18 -12.66 7.49
C GLU B 162 20.68 -12.34 7.57
N PRO B 163 19.88 -13.33 7.99
CA PRO B 163 18.42 -13.18 8.12
C PRO B 163 17.96 -12.05 9.03
N GLU B 164 18.72 -11.79 10.10
CA GLU B 164 18.35 -10.74 11.04
C GLU B 164 18.58 -9.33 10.53
N ARG B 165 19.25 -9.19 9.39
CA ARG B 165 19.53 -7.87 8.84
C ARG B 165 19.33 -7.75 7.34
N CYS B 166 18.94 -8.85 6.69
CA CYS B 166 18.72 -8.83 5.25
C CYS B 166 17.67 -7.77 4.92
N GLN B 167 17.75 -7.22 3.71
CA GLN B 167 16.82 -6.16 3.30
C GLN B 167 16.04 -6.46 2.04
N LYS B 168 14.72 -6.23 2.09
CA LYS B 168 13.88 -6.43 0.93
C LYS B 168 14.32 -5.43 -0.14
N MET B 169 14.51 -5.92 -1.35
CA MET B 169 14.95 -5.09 -2.48
C MET B 169 14.21 -5.51 -3.75
N PRO B 170 13.92 -4.53 -4.62
CA PRO B 170 13.22 -4.85 -5.87
C PRO B 170 14.10 -5.65 -6.81
N PHE B 171 13.48 -6.51 -7.60
CA PHE B 171 14.21 -7.31 -8.57
C PHE B 171 13.53 -7.14 -9.92
N ASN B 172 14.31 -6.93 -10.96
CA ASN B 172 13.76 -6.77 -12.29
C ASN B 172 13.54 -8.13 -12.92
N LEU B 173 12.29 -8.48 -13.18
CA LEU B 173 11.97 -9.77 -13.78
C LEU B 173 11.09 -9.55 -15.00
N ASP B 174 11.30 -8.44 -15.70
CA ASP B 174 10.52 -8.12 -16.89
C ASP B 174 10.43 -9.32 -17.82
N ASP B 175 11.56 -9.99 -18.05
CA ASP B 175 11.56 -11.18 -18.89
C ASP B 175 11.78 -12.37 -17.98
N PRO B 176 10.77 -13.22 -17.81
CA PRO B 176 10.96 -14.38 -16.93
C PRO B 176 11.77 -15.50 -17.57
N TYR B 177 11.11 -16.23 -18.47
CA TYR B 177 11.68 -17.38 -19.17
C TYR B 177 13.19 -17.36 -19.42
N PRO B 178 13.90 -18.40 -18.93
CA PRO B 178 13.33 -19.52 -18.19
C PRO B 178 13.10 -19.14 -16.72
N LEU B 179 12.22 -19.87 -16.04
CA LEU B 179 11.91 -19.56 -14.66
C LEU B 179 11.66 -20.81 -13.83
N LEU B 180 12.17 -20.84 -12.61
CA LEU B 180 11.94 -21.98 -11.74
C LEU B 180 10.95 -21.50 -10.67
N VAL B 181 9.77 -22.11 -10.64
CA VAL B 181 8.77 -21.73 -9.66
C VAL B 181 8.69 -22.82 -8.60
N VAL B 182 9.01 -22.45 -7.36
CA VAL B 182 8.98 -23.38 -6.24
C VAL B 182 7.71 -23.10 -5.44
N ASN B 183 6.70 -23.97 -5.58
CA ASN B 183 5.44 -23.77 -4.88
C ASN B 183 5.39 -24.56 -3.57
N ILE B 184 5.35 -23.83 -2.46
CA ILE B 184 5.30 -24.47 -1.15
C ILE B 184 3.94 -24.40 -0.47
N GLY B 185 3.25 -25.53 -0.47
CA GLY B 185 1.97 -25.65 0.19
C GLY B 185 2.20 -26.68 1.27
N SER B 186 1.30 -27.65 1.44
CA SER B 186 1.53 -28.64 2.47
C SER B 186 2.79 -29.40 2.07
N GLY B 187 2.95 -29.57 0.76
CA GLY B 187 4.11 -30.23 0.19
C GLY B 187 4.71 -29.24 -0.80
N VAL B 188 5.77 -29.63 -1.49
CA VAL B 188 6.43 -28.74 -2.44
C VAL B 188 6.47 -29.20 -3.89
N SER B 189 6.10 -28.30 -4.81
CA SER B 189 6.12 -28.58 -6.24
C SER B 189 7.05 -27.60 -6.95
N ILE B 190 7.96 -28.12 -7.76
CA ILE B 190 8.88 -27.27 -8.50
C ILE B 190 8.60 -27.33 -10.00
N LEU B 191 8.28 -26.18 -10.57
CA LEU B 191 7.98 -26.12 -11.99
C LEU B 191 9.05 -25.35 -12.75
N ALA B 192 9.35 -25.81 -13.95
CA ALA B 192 10.32 -25.14 -14.80
C ALA B 192 9.48 -24.49 -15.90
N VAL B 193 9.47 -23.16 -15.94
CA VAL B 193 8.70 -22.42 -16.93
C VAL B 193 9.60 -21.89 -18.04
N HIS B 194 9.44 -22.44 -19.23
CA HIS B 194 10.24 -22.04 -20.39
C HIS B 194 9.58 -20.98 -21.26
N SER B 195 8.25 -21.00 -21.33
CA SER B 195 7.49 -20.02 -22.10
C SER B 195 6.09 -19.95 -21.52
N LYS B 196 5.31 -18.95 -21.93
CA LYS B 196 3.95 -18.80 -21.44
C LYS B 196 3.13 -20.09 -21.51
N ASP B 197 3.33 -20.85 -22.58
CA ASP B 197 2.57 -22.08 -22.75
C ASP B 197 3.40 -23.36 -22.68
N ASN B 198 4.52 -23.30 -21.97
CA ASN B 198 5.37 -24.47 -21.85
C ASN B 198 6.13 -24.53 -20.52
N TYR B 199 5.66 -25.41 -19.64
CA TYR B 199 6.27 -25.61 -18.34
C TYR B 199 5.97 -27.02 -17.87
N LYS B 200 6.75 -27.52 -16.92
CA LYS B 200 6.53 -28.86 -16.42
C LYS B 200 6.93 -28.97 -14.95
N ARG B 201 6.27 -29.88 -14.24
CA ARG B 201 6.62 -30.10 -12.85
C ARG B 201 7.84 -31.02 -12.93
N VAL B 202 9.03 -30.45 -12.76
CA VAL B 202 10.26 -31.24 -12.85
C VAL B 202 10.54 -32.13 -11.63
N THR B 203 10.12 -31.67 -10.45
CA THR B 203 10.30 -32.47 -9.24
C THR B 203 9.55 -31.82 -8.08
N GLY B 204 9.88 -32.24 -6.86
CA GLY B 204 9.24 -31.69 -5.69
C GLY B 204 9.76 -32.37 -4.43
N THR B 205 9.15 -32.07 -3.30
CA THR B 205 9.52 -32.67 -2.03
C THR B 205 8.30 -32.71 -1.13
N SER B 206 8.19 -33.78 -0.35
CA SER B 206 7.08 -33.94 0.56
C SER B 206 7.33 -33.20 1.87
N LEU B 207 8.52 -32.63 2.01
CA LEU B 207 8.87 -31.89 3.22
C LEU B 207 8.53 -30.43 2.97
N GLY B 208 7.28 -30.07 3.25
CA GLY B 208 6.85 -28.69 3.03
C GLY B 208 6.15 -28.08 4.21
N GLY B 209 5.25 -27.13 3.94
CA GLY B 209 4.52 -26.46 4.99
C GLY B 209 3.74 -27.39 5.89
N GLY B 210 3.19 -28.45 5.32
CA GLY B 210 2.43 -29.40 6.13
C GLY B 210 3.32 -30.13 7.10
N THR B 211 4.56 -30.37 6.66
CA THR B 211 5.54 -31.06 7.50
C THR B 211 5.92 -30.16 8.68
N PHE B 212 6.06 -28.87 8.41
CA PHE B 212 6.41 -27.91 9.45
C PHE B 212 5.31 -27.85 10.52
N LEU B 213 4.09 -27.60 10.08
CA LEU B 213 2.98 -27.52 11.04
C LEU B 213 2.79 -28.87 11.72
N GLY B 214 2.81 -29.94 10.93
CA GLY B 214 2.64 -31.27 11.49
C GLY B 214 3.62 -31.61 12.61
N LEU B 215 4.91 -31.43 12.37
CA LEU B 215 5.90 -31.72 13.40
C LEU B 215 5.81 -30.73 14.57
N CYS B 216 5.51 -29.46 14.27
CA CYS B 216 5.38 -28.48 15.34
C CYS B 216 4.23 -28.84 16.28
N SER B 217 3.10 -29.25 15.71
CA SER B 217 1.96 -29.62 16.52
C SER B 217 2.30 -30.80 17.42
N LEU B 218 3.12 -31.70 16.92
CA LEU B 218 3.52 -32.86 17.69
C LEU B 218 4.58 -32.56 18.74
N LEU B 219 5.51 -31.67 18.40
CA LEU B 219 6.60 -31.34 19.31
C LEU B 219 6.37 -30.20 20.30
N THR B 220 5.59 -29.22 19.89
CA THR B 220 5.32 -28.04 20.72
C THR B 220 3.91 -27.98 21.29
N GLY B 221 2.94 -28.47 20.53
CA GLY B 221 1.57 -28.44 20.99
C GLY B 221 0.78 -27.28 20.42
N CYS B 222 1.36 -26.56 19.46
CA CYS B 222 0.67 -25.43 18.86
C CYS B 222 -0.57 -25.99 18.16
N GLU B 223 -1.48 -25.11 17.76
CA GLU B 223 -2.68 -25.58 17.09
C GLU B 223 -2.95 -24.88 15.77
N SER B 224 -2.07 -23.97 15.40
CA SER B 224 -2.23 -23.27 14.14
C SER B 224 -0.87 -22.95 13.54
N PHE B 225 -0.89 -22.64 12.25
CA PHE B 225 0.31 -22.30 11.52
C PHE B 225 0.87 -20.99 12.09
N GLU B 226 -0.03 -20.04 12.33
CA GLU B 226 0.35 -18.75 12.89
C GLU B 226 1.08 -18.93 14.22
N GLU B 227 0.57 -19.81 15.07
CA GLU B 227 1.19 -20.07 16.36
C GLU B 227 2.56 -20.74 16.19
N ALA B 228 2.66 -21.62 15.21
CA ALA B 228 3.91 -22.33 14.94
C ALA B 228 5.01 -21.34 14.55
N LEU B 229 4.68 -20.42 13.65
CA LEU B 229 5.63 -19.43 13.18
C LEU B 229 6.03 -18.46 14.30
N GLU B 230 5.07 -18.08 15.15
CA GLU B 230 5.35 -17.17 16.27
C GLU B 230 6.45 -17.80 17.12
N MET B 231 6.23 -19.06 17.48
CA MET B 231 7.19 -19.81 18.28
C MET B 231 8.55 -19.86 17.59
N ALA B 232 8.55 -20.20 16.31
CA ALA B 232 9.79 -20.30 15.54
C ALA B 232 10.60 -19.00 15.52
N SER B 233 9.89 -17.88 15.39
CA SER B 233 10.54 -16.57 15.35
C SER B 233 11.33 -16.25 16.61
N LYS B 234 10.91 -16.81 17.74
CA LYS B 234 11.57 -16.55 19.02
C LYS B 234 12.50 -17.67 19.49
N GLY B 235 12.48 -18.80 18.80
CA GLY B 235 13.33 -19.92 19.21
C GLY B 235 14.71 -19.92 18.60
N ASP B 236 15.56 -20.81 19.12
CA ASP B 236 16.93 -20.95 18.64
C ASP B 236 17.13 -22.40 18.16
N SER B 237 17.27 -22.57 16.84
CA SER B 237 17.42 -23.90 16.27
C SER B 237 18.70 -24.63 16.67
N THR B 238 19.76 -23.90 17.01
CA THR B 238 21.02 -24.54 17.40
C THR B 238 20.94 -25.29 18.74
N GLN B 239 19.80 -25.21 19.41
CA GLN B 239 19.62 -25.92 20.68
C GLN B 239 19.12 -27.33 20.43
N ALA B 240 18.60 -27.57 19.23
CA ALA B 240 18.11 -28.90 18.85
C ALA B 240 19.04 -29.53 17.82
N ASP B 241 19.55 -28.71 16.91
CA ASP B 241 20.46 -29.19 15.87
C ASP B 241 21.89 -29.35 16.38
N LYS B 242 22.64 -30.19 15.68
CA LYS B 242 24.04 -30.44 15.97
C LYS B 242 24.76 -29.71 14.84
N LEU B 243 25.65 -28.80 15.19
CA LEU B 243 26.38 -28.05 14.17
C LEU B 243 27.73 -28.72 13.91
N VAL B 244 28.36 -28.33 12.81
CA VAL B 244 29.67 -28.88 12.45
C VAL B 244 30.64 -28.63 13.61
N ARG B 245 30.52 -27.45 14.22
CA ARG B 245 31.38 -27.07 15.35
C ARG B 245 31.31 -28.06 16.50
N ASP B 246 30.13 -28.66 16.69
CA ASP B 246 29.95 -29.61 17.77
C ASP B 246 30.71 -30.91 17.52
N ILE B 247 31.07 -31.14 16.26
CA ILE B 247 31.79 -32.35 15.91
C ILE B 247 33.29 -32.14 15.83
N TYR B 248 33.70 -31.11 15.09
CA TYR B 248 35.12 -30.81 14.90
C TYR B 248 35.63 -29.66 15.76
N GLY B 249 34.78 -29.17 16.67
CA GLY B 249 35.16 -28.07 17.54
C GLY B 249 35.64 -26.90 16.72
N GLY B 250 34.84 -26.52 15.72
CA GLY B 250 35.19 -25.42 14.84
C GLY B 250 34.85 -25.81 13.42
N ASP B 251 35.49 -25.17 12.45
CA ASP B 251 35.24 -25.47 11.05
C ASP B 251 35.75 -26.85 10.67
N TYR B 252 35.29 -27.35 9.53
CA TYR B 252 35.74 -28.63 8.99
C TYR B 252 36.14 -28.24 7.57
N GLU B 253 37.13 -27.35 7.53
CA GLU B 253 37.68 -26.79 6.30
C GLU B 253 38.10 -27.79 5.23
N ARG B 254 38.74 -28.88 5.63
CA ARG B 254 39.20 -29.86 4.65
C ARG B 254 38.14 -30.23 3.63
N PHE B 255 36.88 -30.08 4.00
CA PHE B 255 35.80 -30.38 3.07
C PHE B 255 34.84 -29.20 2.97
N GLY B 256 35.39 -28.01 3.17
CA GLY B 256 34.64 -26.77 3.09
C GLY B 256 33.37 -26.61 3.90
N LEU B 257 33.37 -27.03 5.16
CA LEU B 257 32.18 -26.89 5.99
C LEU B 257 32.43 -25.99 7.19
N PRO B 258 31.82 -24.80 7.20
CA PRO B 258 32.00 -23.88 8.32
C PRO B 258 31.44 -24.46 9.61
N GLY B 259 32.03 -24.07 10.73
CA GLY B 259 31.59 -24.55 12.02
C GLY B 259 30.12 -24.28 12.33
N TRP B 260 29.56 -23.22 11.76
CA TRP B 260 28.15 -22.89 12.00
C TRP B 260 27.16 -23.65 11.12
N ALA B 261 27.65 -24.34 10.10
CA ALA B 261 26.78 -25.10 9.22
C ALA B 261 26.09 -26.18 10.03
N VAL B 262 24.85 -26.52 9.68
CA VAL B 262 24.14 -27.55 10.41
C VAL B 262 24.63 -28.91 9.94
N ALA B 263 25.06 -29.75 10.87
CA ALA B 263 25.56 -31.07 10.55
C ALA B 263 24.44 -32.10 10.58
N SER B 264 23.61 -32.02 11.60
CA SER B 264 22.50 -32.95 11.75
C SER B 264 21.30 -32.27 12.39
N SER B 265 20.24 -32.09 11.59
CA SER B 265 19.02 -31.46 12.07
C SER B 265 18.48 -32.29 13.23
N PHE B 266 18.18 -31.62 14.33
CA PHE B 266 17.68 -32.29 15.53
C PHE B 266 18.73 -33.27 16.08
N GLY B 267 19.93 -33.22 15.53
CA GLY B 267 21.00 -34.11 15.96
C GLY B 267 21.30 -34.17 17.45
N ASN B 268 21.27 -33.01 18.11
CA ASN B 268 21.56 -32.97 19.55
C ASN B 268 20.42 -33.54 20.40
N MET B 269 19.28 -33.78 19.80
CA MET B 269 18.15 -34.31 20.56
C MET B 269 18.28 -35.80 20.87
N ILE B 270 19.42 -36.40 20.56
CA ILE B 270 19.63 -37.81 20.87
C ILE B 270 20.19 -37.90 22.29
N TYR B 271 20.46 -36.75 22.90
CA TYR B 271 21.00 -36.70 24.25
C TYR B 271 20.00 -36.20 25.29
N LYS B 272 19.85 -36.94 26.39
CA LYS B 272 18.92 -36.57 27.45
C LYS B 272 19.19 -35.17 27.98
N GLU B 273 20.47 -34.83 28.12
CA GLU B 273 20.86 -33.52 28.62
C GLU B 273 20.31 -32.39 27.73
N LYS B 274 20.54 -32.49 26.42
CA LYS B 274 20.07 -31.49 25.48
C LYS B 274 18.55 -31.45 25.41
N ARG B 275 17.91 -32.62 25.42
CA ARG B 275 16.46 -32.67 25.37
C ARG B 275 15.84 -31.96 26.57
N GLU B 276 16.45 -32.16 27.74
CA GLU B 276 15.97 -31.56 28.98
C GLU B 276 15.89 -30.04 28.92
N SER B 277 16.85 -29.40 28.28
CA SER B 277 16.87 -27.94 28.23
C SER B 277 16.28 -27.27 26.98
N VAL B 278 16.09 -28.02 25.90
CA VAL B 278 15.53 -27.41 24.68
C VAL B 278 14.10 -26.94 24.95
N SER B 279 13.73 -25.79 24.37
CA SER B 279 12.39 -25.26 24.57
C SER B 279 11.52 -25.52 23.34
N LYS B 280 10.21 -25.40 23.53
CA LYS B 280 9.26 -25.61 22.44
C LYS B 280 9.58 -24.64 21.31
N GLU B 281 9.97 -23.43 21.69
CA GLU B 281 10.30 -22.41 20.71
C GLU B 281 11.52 -22.82 19.86
N ASP B 282 12.50 -23.46 20.49
CA ASP B 282 13.70 -23.91 19.78
C ASP B 282 13.36 -25.07 18.83
N LEU B 283 12.42 -25.91 19.26
CA LEU B 283 12.01 -27.06 18.44
C LEU B 283 11.23 -26.58 17.23
N ALA B 284 10.46 -25.50 17.42
CA ALA B 284 9.67 -24.94 16.34
C ALA B 284 10.60 -24.30 15.31
N ARG B 285 11.63 -23.63 15.79
CA ARG B 285 12.58 -22.96 14.90
C ARG B 285 13.43 -24.01 14.18
N ALA B 286 13.80 -25.07 14.90
CA ALA B 286 14.59 -26.15 14.31
C ALA B 286 13.81 -26.79 13.15
N THR B 287 12.53 -27.02 13.38
CA THR B 287 11.67 -27.61 12.35
C THR B 287 11.65 -26.71 11.10
N LEU B 288 11.48 -25.41 11.31
CA LEU B 288 11.44 -24.46 10.20
C LEU B 288 12.78 -24.39 9.45
N VAL B 289 13.88 -24.31 10.18
CA VAL B 289 15.20 -24.26 9.56
C VAL B 289 15.46 -25.53 8.75
N THR B 290 15.11 -26.66 9.32
CA THR B 290 15.28 -27.95 8.65
C THR B 290 14.55 -27.92 7.30
N ILE B 291 13.28 -27.53 7.32
CA ILE B 291 12.48 -27.46 6.09
C ILE B 291 12.97 -26.46 5.07
N THR B 292 13.30 -25.25 5.51
CA THR B 292 13.79 -24.21 4.61
C THR B 292 15.16 -24.53 4.03
N ASN B 293 16.09 -25.04 4.85
CA ASN B 293 17.41 -25.37 4.32
C ASN B 293 17.28 -26.48 3.27
N ASN B 294 16.43 -27.45 3.55
CA ASN B 294 16.22 -28.57 2.63
C ASN B 294 15.58 -28.12 1.31
N ILE B 295 14.55 -27.29 1.40
CA ILE B 295 13.88 -26.79 0.20
C ILE B 295 14.90 -26.00 -0.63
N GLY B 296 15.72 -25.21 0.05
CA GLY B 296 16.74 -24.44 -0.61
C GLY B 296 17.73 -25.34 -1.34
N SER B 297 18.08 -26.46 -0.72
CA SER B 297 19.01 -27.40 -1.37
C SER B 297 18.37 -27.98 -2.63
N VAL B 298 17.13 -28.45 -2.49
CA VAL B 298 16.43 -29.02 -3.62
C VAL B 298 16.29 -28.01 -4.75
N ALA B 299 15.82 -26.81 -4.41
CA ALA B 299 15.63 -25.76 -5.42
C ALA B 299 16.92 -25.43 -6.16
N ARG B 300 18.03 -25.37 -5.43
CA ARG B 300 19.32 -25.05 -6.06
C ARG B 300 19.82 -26.16 -6.98
N MET B 301 19.69 -27.43 -6.55
CA MET B 301 20.15 -28.50 -7.42
C MET B 301 19.28 -28.58 -8.67
N CYS B 302 18.00 -28.24 -8.52
CA CYS B 302 17.07 -28.27 -9.65
C CYS B 302 17.37 -27.14 -10.62
N ALA B 303 17.77 -25.99 -10.09
CA ALA B 303 18.10 -24.84 -10.93
C ALA B 303 19.35 -25.16 -11.76
N VAL B 304 20.30 -25.85 -11.14
CA VAL B 304 21.53 -26.23 -11.83
C VAL B 304 21.19 -27.22 -12.93
N ASN B 305 20.49 -28.29 -12.58
CA ASN B 305 20.11 -29.29 -13.56
C ASN B 305 19.28 -28.74 -14.72
N GLU B 306 18.38 -27.82 -14.43
CA GLU B 306 17.51 -27.23 -15.46
C GLU B 306 18.17 -26.08 -16.19
N LYS B 307 19.27 -25.58 -15.64
CA LYS B 307 19.98 -24.44 -16.22
C LYS B 307 19.03 -23.25 -16.24
N ILE B 308 18.65 -22.83 -15.05
CA ILE B 308 17.76 -21.70 -14.83
C ILE B 308 18.32 -20.97 -13.60
N ASN B 309 18.58 -19.68 -13.73
CA ASN B 309 19.12 -18.95 -12.60
C ASN B 309 18.10 -18.09 -11.87
N ARG B 310 16.85 -18.15 -12.29
CA ARG B 310 15.82 -17.37 -11.59
C ARG B 310 14.82 -18.28 -10.91
N VAL B 311 14.91 -18.28 -9.58
CA VAL B 311 14.07 -19.11 -8.75
C VAL B 311 13.06 -18.29 -7.96
N VAL B 312 11.80 -18.52 -8.25
CA VAL B 312 10.71 -17.81 -7.57
C VAL B 312 9.99 -18.72 -6.57
N PHE B 313 9.76 -18.20 -5.36
CA PHE B 313 9.08 -18.95 -4.32
C PHE B 313 7.67 -18.41 -4.05
N VAL B 314 6.67 -19.29 -4.13
CA VAL B 314 5.28 -18.94 -3.88
C VAL B 314 4.62 -20.00 -3.01
N GLY B 315 3.35 -19.81 -2.68
CA GLY B 315 2.65 -20.80 -1.87
C GLY B 315 2.18 -20.30 -0.53
N ASN B 316 1.14 -20.93 0.01
CA ASN B 316 0.58 -20.53 1.30
C ASN B 316 1.57 -20.51 2.45
N PHE B 317 2.66 -21.25 2.32
CA PHE B 317 3.68 -21.32 3.36
C PHE B 317 4.36 -19.96 3.61
N LEU B 318 4.22 -19.04 2.66
CA LEU B 318 4.84 -17.74 2.76
C LEU B 318 3.87 -16.60 3.04
N ARG B 319 2.62 -16.94 3.31
CA ARG B 319 1.60 -15.93 3.54
C ARG B 319 1.43 -15.33 4.94
N VAL B 320 2.06 -15.92 5.95
CA VAL B 320 1.90 -15.35 7.28
C VAL B 320 2.86 -14.17 7.48
N ASN B 321 4.01 -14.40 8.10
CA ASN B 321 4.96 -13.31 8.30
C ASN B 321 6.03 -13.35 7.20
N THR B 322 7.23 -12.88 7.51
CA THR B 322 8.27 -12.89 6.49
C THR B 322 9.47 -13.76 6.85
N LEU B 323 9.41 -14.40 8.02
CA LEU B 323 10.51 -15.26 8.47
C LEU B 323 10.80 -16.40 7.50
N SER B 324 9.76 -17.13 7.10
CA SER B 324 9.95 -18.25 6.17
C SER B 324 10.63 -17.78 4.89
N MET B 325 10.20 -16.65 4.36
CA MET B 325 10.82 -16.14 3.13
C MET B 325 12.30 -15.87 3.33
N LYS B 326 12.62 -15.17 4.41
CA LYS B 326 14.01 -14.84 4.68
C LYS B 326 14.87 -16.08 4.87
N LEU B 327 14.33 -17.10 5.51
CA LEU B 327 15.10 -18.33 5.72
C LEU B 327 15.35 -19.03 4.39
N LEU B 328 14.35 -19.05 3.51
CA LEU B 328 14.51 -19.65 2.20
C LEU B 328 15.56 -18.86 1.41
N ALA B 329 15.55 -17.54 1.56
CA ALA B 329 16.52 -16.68 0.88
C ALA B 329 17.91 -17.01 1.41
N TYR B 330 17.99 -17.22 2.72
CA TYR B 330 19.24 -17.58 3.39
C TYR B 330 19.70 -18.94 2.83
N ALA B 331 18.76 -19.89 2.80
CA ALA B 331 19.06 -21.22 2.31
C ALA B 331 19.54 -21.25 0.87
N LEU B 332 18.79 -20.66 -0.05
CA LEU B 332 19.22 -20.68 -1.45
C LEU B 332 20.58 -20.00 -1.64
N ASP B 333 20.82 -18.91 -0.91
CA ASP B 333 22.10 -18.21 -1.01
C ASP B 333 23.24 -19.12 -0.54
N TYR B 334 22.97 -19.92 0.49
CA TYR B 334 23.98 -20.82 1.02
C TYR B 334 24.34 -21.93 0.03
N TRP B 335 23.33 -22.68 -0.43
CA TRP B 335 23.58 -23.79 -1.35
C TRP B 335 24.16 -23.35 -2.70
N SER B 336 23.85 -22.12 -3.13
CA SER B 336 24.34 -21.62 -4.41
C SER B 336 25.65 -20.85 -4.26
N LYS B 337 26.18 -20.80 -3.05
CA LYS B 337 27.41 -20.06 -2.78
C LYS B 337 27.23 -18.63 -3.29
N GLY B 338 26.04 -18.09 -3.08
CA GLY B 338 25.74 -16.72 -3.50
C GLY B 338 25.53 -16.48 -4.98
N GLN B 339 25.24 -17.53 -5.76
CA GLN B 339 25.05 -17.35 -7.19
C GLN B 339 23.59 -17.24 -7.60
N LEU B 340 22.69 -17.58 -6.66
CA LEU B 340 21.27 -17.51 -6.93
C LEU B 340 20.58 -16.72 -5.82
N LYS B 341 19.59 -15.92 -6.20
CA LYS B 341 18.85 -15.13 -5.22
C LYS B 341 17.41 -15.63 -5.20
N ALA B 342 16.88 -15.85 -4.01
CA ALA B 342 15.50 -16.30 -3.87
C ALA B 342 14.61 -15.10 -4.23
N LEU B 343 13.66 -15.32 -5.13
CA LEU B 343 12.75 -14.27 -5.56
C LEU B 343 11.34 -14.50 -5.02
N PHE B 344 10.64 -13.41 -4.77
CA PHE B 344 9.28 -13.47 -4.25
C PHE B 344 8.42 -12.47 -5.02
N LEU B 345 7.10 -12.61 -4.89
CA LEU B 345 6.19 -11.74 -5.62
C LEU B 345 5.11 -11.14 -4.73
N GLU B 346 4.86 -9.85 -4.90
CA GLU B 346 3.87 -9.12 -4.11
C GLU B 346 2.46 -9.71 -4.18
N HIS B 347 2.02 -10.10 -5.37
CA HIS B 347 0.68 -10.65 -5.55
C HIS B 347 0.54 -12.15 -5.29
N GLU B 348 1.53 -12.72 -4.60
CA GLU B 348 1.49 -14.13 -4.28
C GLU B 348 0.19 -14.33 -3.50
N GLY B 349 -0.56 -15.38 -3.85
CA GLY B 349 -1.82 -15.61 -3.15
C GLY B 349 -3.02 -15.36 -4.04
N TYR B 350 -2.90 -14.43 -4.97
CA TYR B 350 -3.98 -14.13 -5.90
C TYR B 350 -3.69 -14.62 -7.31
N PHE B 351 -2.54 -15.27 -7.48
CA PHE B 351 -2.17 -15.77 -8.79
C PHE B 351 -3.18 -16.80 -9.31
N GLY B 352 -3.69 -17.63 -8.41
CA GLY B 352 -4.66 -18.63 -8.83
C GLY B 352 -5.94 -17.96 -9.32
N ALA B 353 -6.40 -16.94 -8.61
CA ALA B 353 -7.61 -16.21 -8.99
C ALA B 353 -7.42 -15.49 -10.32
N VAL B 354 -6.25 -14.89 -10.52
CA VAL B 354 -5.99 -14.19 -11.77
C VAL B 354 -5.97 -15.19 -12.92
N GLY B 355 -5.34 -16.34 -12.71
CA GLY B 355 -5.28 -17.35 -13.75
C GLY B 355 -6.69 -17.81 -14.09
N ALA B 356 -7.55 -17.88 -13.09
CA ALA B 356 -8.94 -18.28 -13.31
C ALA B 356 -9.64 -17.21 -14.14
N LEU B 357 -9.26 -15.95 -13.93
CA LEU B 357 -9.85 -14.82 -14.67
C LEU B 357 -9.42 -14.91 -16.12
N LEU B 358 -8.15 -15.25 -16.34
CA LEU B 358 -7.61 -15.38 -17.69
C LEU B 358 -8.23 -16.59 -18.39
N GLY B 359 -8.81 -17.48 -17.61
CA GLY B 359 -9.42 -18.68 -18.17
C GLY B 359 -10.90 -18.54 -18.49
N LEU B 360 -11.45 -17.33 -18.33
CA LEU B 360 -12.86 -17.10 -18.62
C LEU B 360 -13.23 -17.65 -19.99
N PRO B 361 -14.41 -18.29 -20.10
CA PRO B 361 -14.85 -18.86 -21.38
C PRO B 361 -14.91 -17.75 -22.44
N ASN B 362 -14.24 -17.98 -23.56
CA ASN B 362 -14.24 -16.98 -24.63
C ASN B 362 -15.18 -17.41 -25.75
N VAL C 1 -36.17 56.73 -32.88
CA VAL C 1 -37.28 57.47 -32.19
C VAL C 1 -38.42 56.51 -31.82
N PRO C 2 -38.72 56.41 -30.51
CA PRO C 2 -39.78 55.53 -30.04
C PRO C 2 -41.11 55.87 -30.70
N ARG C 3 -41.88 54.85 -31.05
CA ARG C 3 -43.17 55.06 -31.68
C ARG C 3 -44.12 55.80 -30.75
N GLY C 4 -44.85 55.05 -29.92
CA GLY C 4 -45.79 55.69 -29.03
C GLY C 4 -45.18 56.63 -27.99
N SER C 5 -46.04 57.12 -27.11
CA SER C 5 -45.63 58.01 -26.03
C SER C 5 -46.64 57.83 -24.90
N PRO C 6 -46.27 58.19 -23.66
CA PRO C 6 -44.97 58.74 -23.30
C PRO C 6 -43.88 57.67 -23.27
N TRP C 7 -42.63 58.10 -23.16
CA TRP C 7 -41.53 57.15 -23.11
C TRP C 7 -41.21 56.78 -21.68
N PHE C 8 -41.19 55.48 -21.41
CA PHE C 8 -40.86 54.97 -20.09
C PHE C 8 -40.27 53.57 -20.23
N GLY C 9 -39.62 53.11 -19.17
CA GLY C 9 -39.03 51.79 -19.15
C GLY C 9 -39.28 51.25 -17.75
N MET C 10 -39.59 49.97 -17.63
CA MET C 10 -39.81 49.44 -16.30
C MET C 10 -39.10 48.15 -16.03
N ASP C 11 -38.73 48.01 -14.77
CA ASP C 11 -38.02 46.87 -14.25
C ASP C 11 -38.95 46.28 -13.19
N ILE C 12 -39.68 45.23 -13.56
CA ILE C 12 -40.63 44.59 -12.65
C ILE C 12 -39.96 43.55 -11.76
N GLY C 13 -39.81 43.88 -10.49
CA GLY C 13 -39.21 42.96 -9.55
C GLY C 13 -40.28 42.14 -8.85
N GLY C 14 -39.85 41.21 -8.00
CA GLY C 14 -40.81 40.39 -7.30
C GLY C 14 -41.71 41.18 -6.37
N THR C 15 -41.20 42.30 -5.88
CA THR C 15 -41.95 43.15 -4.96
C THR C 15 -42.15 44.58 -5.43
N LEU C 16 -41.11 45.16 -6.03
CA LEU C 16 -41.19 46.54 -6.50
C LEU C 16 -40.96 46.71 -7.99
N VAL C 17 -41.60 47.71 -8.56
CA VAL C 17 -41.40 48.03 -9.96
C VAL C 17 -40.53 49.28 -9.93
N LYS C 18 -39.52 49.32 -10.78
CA LYS C 18 -38.67 50.47 -10.92
C LYS C 18 -39.07 51.01 -12.28
N LEU C 19 -39.47 52.28 -12.32
CA LEU C 19 -39.91 52.88 -13.55
C LEU C 19 -39.19 54.18 -13.85
N SER C 20 -38.75 54.31 -15.09
CA SER C 20 -38.11 55.54 -15.52
C SER C 20 -39.01 56.10 -16.63
N TYR C 21 -39.28 57.39 -16.60
CA TYR C 21 -40.09 57.99 -17.65
C TYR C 21 -39.54 59.34 -18.03
N PHE C 22 -39.74 59.69 -19.30
CA PHE C 22 -39.23 60.94 -19.86
C PHE C 22 -40.30 62.00 -19.94
N GLU C 23 -40.00 63.16 -19.37
CA GLU C 23 -40.91 64.31 -19.36
C GLU C 23 -40.42 65.34 -20.38
N PRO C 24 -41.04 65.40 -21.55
CA PRO C 24 -40.59 66.39 -22.55
C PRO C 24 -40.90 67.81 -22.09
N ILE C 25 -40.01 68.76 -22.38
CA ILE C 25 -40.28 70.12 -21.95
C ILE C 25 -40.64 71.09 -23.07
N ASP C 26 -40.44 70.69 -24.32
CA ASP C 26 -40.81 71.54 -25.45
C ASP C 26 -42.12 70.98 -25.95
N ILE C 27 -43.22 71.51 -25.42
CA ILE C 27 -44.54 71.02 -25.77
C ILE C 27 -45.36 72.04 -26.54
N THR C 28 -45.96 71.58 -27.63
CA THR C 28 -46.76 72.46 -28.47
C THR C 28 -48.18 71.95 -28.70
N ALA C 29 -48.44 70.72 -28.29
CA ALA C 29 -49.77 70.14 -28.47
C ALA C 29 -50.46 69.94 -27.13
N GLU C 30 -51.67 70.48 -27.01
CA GLU C 30 -52.45 70.36 -25.79
C GLU C 30 -52.55 68.91 -25.32
N GLU C 31 -52.59 67.98 -26.26
CA GLU C 31 -52.68 66.58 -25.92
C GLU C 31 -51.43 66.05 -25.22
N GLU C 32 -50.27 66.65 -25.53
CA GLU C 32 -49.03 66.23 -24.90
C GLU C 32 -48.87 66.90 -23.54
N GLN C 33 -49.43 68.10 -23.42
CA GLN C 33 -49.35 68.83 -22.17
C GLN C 33 -50.08 68.06 -21.08
N GLU C 34 -51.26 67.54 -21.40
CA GLU C 34 -52.03 66.79 -20.41
C GLU C 34 -51.44 65.40 -20.22
N GLU C 35 -50.65 64.96 -21.19
CA GLU C 35 -49.99 63.66 -21.09
C GLU C 35 -48.93 63.83 -20.00
N VAL C 36 -48.31 65.01 -19.97
CA VAL C 36 -47.28 65.31 -18.98
C VAL C 36 -47.91 65.49 -17.60
N GLU C 37 -49.07 66.13 -17.57
CA GLU C 37 -49.78 66.38 -16.32
C GLU C 37 -50.30 65.06 -15.76
N SER C 38 -50.71 64.17 -16.64
CA SER C 38 -51.20 62.86 -16.19
C SER C 38 -50.06 62.07 -15.54
N LEU C 39 -48.87 62.12 -16.15
CA LEU C 39 -47.70 61.41 -15.62
C LEU C 39 -47.35 61.90 -14.23
N LYS C 40 -47.48 63.20 -14.00
CA LYS C 40 -47.19 63.76 -12.69
C LYS C 40 -48.20 63.22 -11.66
N SER C 41 -49.47 63.20 -12.05
CA SER C 41 -50.54 62.70 -11.18
C SER C 41 -50.28 61.23 -10.86
N ILE C 42 -49.95 60.47 -11.89
CA ILE C 42 -49.64 59.04 -11.76
C ILE C 42 -48.48 58.85 -10.77
N ARG C 43 -47.39 59.60 -10.96
CA ARG C 43 -46.24 59.49 -10.06
C ARG C 43 -46.62 59.76 -8.60
N LYS C 44 -47.39 60.82 -8.37
CA LYS C 44 -47.78 61.16 -7.00
C LYS C 44 -48.60 60.07 -6.35
N TYR C 45 -49.51 59.45 -7.11
CA TYR C 45 -50.33 58.39 -6.55
C TYR C 45 -49.52 57.13 -6.26
N LEU C 46 -48.75 56.67 -7.25
CA LEU C 46 -47.96 55.46 -7.08
C LEU C 46 -46.91 55.54 -5.98
N THR C 47 -46.34 56.71 -5.77
CA THR C 47 -45.31 56.83 -4.74
C THR C 47 -45.87 57.18 -3.36
N SER C 48 -47.19 57.29 -3.25
CA SER C 48 -47.81 57.57 -1.95
C SER C 48 -47.71 56.29 -1.16
N ASN C 49 -46.76 56.22 -0.23
CA ASN C 49 -46.59 55.02 0.57
C ASN C 49 -47.46 55.12 1.81
N ARG C 58 -35.88 61.31 -2.28
CA ARG C 58 -34.63 60.71 -2.76
C ARG C 58 -34.70 60.39 -4.25
N ASP C 59 -35.70 59.61 -4.66
CA ASP C 59 -35.85 59.27 -6.06
C ASP C 59 -36.11 60.57 -6.84
N VAL C 60 -36.79 61.51 -6.19
CA VAL C 60 -37.07 62.79 -6.83
C VAL C 60 -35.75 63.52 -7.10
N HIS C 61 -34.79 63.35 -6.19
CA HIS C 61 -33.49 63.99 -6.33
C HIS C 61 -32.58 63.34 -7.36
N LEU C 62 -33.00 62.20 -7.92
CA LEU C 62 -32.22 61.51 -8.94
C LEU C 62 -32.64 62.02 -10.32
N GLU C 63 -33.69 62.83 -10.36
CA GLU C 63 -34.19 63.37 -11.62
C GLU C 63 -33.07 64.02 -12.43
N LEU C 64 -33.01 63.71 -13.72
CA LEU C 64 -32.01 64.29 -14.60
C LEU C 64 -32.75 65.33 -15.39
N LYS C 65 -32.36 66.59 -15.21
CA LYS C 65 -33.04 67.68 -15.88
C LYS C 65 -32.45 68.15 -17.19
N ASP C 66 -33.34 68.56 -18.08
CA ASP C 66 -32.98 69.06 -19.40
C ASP C 66 -31.93 68.24 -20.12
N LEU C 67 -32.21 66.96 -20.35
CA LEU C 67 -31.28 66.13 -21.09
C LEU C 67 -31.95 65.94 -22.45
N THR C 68 -31.17 65.56 -23.45
CA THR C 68 -31.73 65.36 -24.78
C THR C 68 -31.79 63.88 -25.07
N LEU C 69 -33.00 63.36 -25.22
CA LEU C 69 -33.19 61.95 -25.51
C LEU C 69 -34.04 61.77 -26.75
N PHE C 70 -33.52 60.99 -27.69
CA PHE C 70 -34.20 60.74 -28.94
C PHE C 70 -34.52 62.05 -29.65
N GLY C 71 -33.62 63.02 -29.54
CA GLY C 71 -33.81 64.30 -30.20
C GLY C 71 -34.66 65.33 -29.48
N ARG C 72 -35.26 64.96 -28.36
CA ARG C 72 -36.10 65.91 -27.63
C ARG C 72 -35.55 66.24 -26.25
N ARG C 73 -35.72 67.49 -25.83
CA ARG C 73 -35.26 67.92 -24.51
C ARG C 73 -36.30 67.50 -23.48
N GLY C 74 -35.85 67.15 -22.27
CA GLY C 74 -36.79 66.76 -21.24
C GLY C 74 -36.13 66.35 -19.93
N ASN C 75 -36.95 65.93 -18.98
CA ASN C 75 -36.42 65.48 -17.70
C ASN C 75 -36.66 63.98 -17.53
N LEU C 76 -35.65 63.26 -17.05
CA LEU C 76 -35.79 61.84 -16.85
C LEU C 76 -36.11 61.61 -15.36
N HIS C 77 -37.26 61.02 -15.10
CA HIS C 77 -37.74 60.74 -13.74
C HIS C 77 -37.53 59.28 -13.34
N PHE C 78 -37.47 59.04 -12.04
CA PHE C 78 -37.30 57.70 -11.50
C PHE C 78 -38.21 57.49 -10.29
N ILE C 79 -39.04 56.47 -10.35
CA ILE C 79 -39.94 56.15 -9.24
C ILE C 79 -40.02 54.65 -9.05
N ARG C 80 -40.35 54.25 -7.84
CA ARG C 80 -40.50 52.83 -7.51
C ARG C 80 -41.84 52.70 -6.81
N PHE C 81 -42.54 51.60 -7.08
CA PHE C 81 -43.82 51.37 -6.45
C PHE C 81 -44.08 49.86 -6.39
N PRO C 82 -44.97 49.44 -5.48
CA PRO C 82 -45.29 48.00 -5.33
C PRO C 82 -45.88 47.37 -6.59
N THR C 83 -45.39 46.19 -6.92
CA THR C 83 -45.88 45.45 -8.08
C THR C 83 -47.40 45.27 -7.95
N GLN C 84 -47.89 45.37 -6.72
CA GLN C 84 -49.31 45.24 -6.41
C GLN C 84 -50.10 46.35 -7.11
N ASP C 85 -49.46 47.50 -7.32
CA ASP C 85 -50.12 48.62 -7.97
C ASP C 85 -49.87 48.74 -9.48
N LEU C 86 -49.15 47.77 -10.05
CA LEU C 86 -48.85 47.80 -11.48
C LEU C 86 -50.12 47.79 -12.33
N PRO C 87 -51.14 46.98 -11.96
CA PRO C 87 -52.38 46.96 -12.75
C PRO C 87 -52.99 48.38 -12.83
N THR C 88 -52.86 49.13 -11.74
CA THR C 88 -53.37 50.48 -11.67
C THR C 88 -52.62 51.35 -12.69
N PHE C 89 -51.30 51.23 -12.71
CA PHE C 89 -50.48 51.99 -13.66
C PHE C 89 -50.95 51.72 -15.08
N ILE C 90 -51.15 50.45 -15.40
CA ILE C 90 -51.59 50.05 -16.73
C ILE C 90 -52.94 50.67 -17.08
N GLN C 91 -53.90 50.58 -16.16
CA GLN C 91 -55.22 51.14 -16.39
C GLN C 91 -55.18 52.65 -16.50
N MET C 92 -54.34 53.30 -15.70
CA MET C 92 -54.21 54.75 -15.79
C MET C 92 -53.75 55.08 -17.21
N GLY C 93 -52.77 54.31 -17.69
CA GLY C 93 -52.25 54.52 -19.03
C GLY C 93 -53.35 54.48 -20.07
N ARG C 94 -54.16 53.42 -20.05
CA ARG C 94 -55.25 53.26 -21.00
C ARG C 94 -56.33 54.33 -20.83
N ASP C 95 -56.63 54.69 -19.59
CA ASP C 95 -57.63 55.73 -19.32
C ASP C 95 -57.14 57.10 -19.79
N LYS C 96 -55.84 57.34 -19.67
CA LYS C 96 -55.26 58.61 -20.09
C LYS C 96 -54.76 58.53 -21.54
N ASN C 97 -55.24 57.54 -22.27
CA ASN C 97 -54.86 57.34 -23.67
C ASN C 97 -53.37 57.30 -24.00
N PHE C 98 -52.61 56.47 -23.29
CA PHE C 98 -51.19 56.34 -23.56
C PHE C 98 -51.02 55.23 -24.61
N SER C 99 -50.49 55.57 -25.77
CA SER C 99 -50.31 54.59 -26.83
C SER C 99 -49.25 53.53 -26.49
N THR C 100 -48.35 53.84 -25.58
CA THR C 100 -47.30 52.91 -25.19
C THR C 100 -47.83 51.80 -24.28
N LEU C 101 -48.93 52.08 -23.59
CA LEU C 101 -49.53 51.09 -22.71
C LEU C 101 -50.71 50.45 -23.43
N GLN C 102 -50.71 50.56 -24.76
CA GLN C 102 -51.75 50.02 -25.61
C GLN C 102 -51.25 48.76 -26.32
N THR C 103 -50.36 48.96 -27.29
CA THR C 103 -49.78 47.89 -28.08
C THR C 103 -49.32 46.71 -27.22
N VAL C 104 -48.10 46.79 -26.70
CA VAL C 104 -47.56 45.74 -25.86
C VAL C 104 -46.70 46.39 -24.78
N LEU C 105 -46.58 45.70 -23.65
CA LEU C 105 -45.80 46.21 -22.53
C LEU C 105 -44.37 45.65 -22.54
N CYS C 106 -43.38 46.53 -22.65
CA CYS C 106 -41.99 46.12 -22.65
C CYS C 106 -41.51 46.27 -21.21
N ALA C 107 -40.65 45.37 -20.76
CA ALA C 107 -40.13 45.43 -19.40
C ALA C 107 -39.10 44.35 -19.12
N THR C 108 -38.29 44.57 -18.08
CA THR C 108 -37.29 43.62 -17.66
C THR C 108 -37.65 43.26 -16.22
N GLY C 109 -36.76 42.57 -15.51
CA GLY C 109 -37.04 42.21 -14.14
C GLY C 109 -37.51 40.77 -13.98
N GLY C 110 -37.32 40.21 -12.80
CA GLY C 110 -37.71 38.83 -12.53
C GLY C 110 -39.18 38.61 -12.31
N GLY C 111 -39.89 39.64 -11.86
CA GLY C 111 -41.32 39.50 -11.64
C GLY C 111 -42.12 39.79 -12.89
N ALA C 112 -41.42 40.02 -14.00
CA ALA C 112 -42.06 40.33 -15.27
C ALA C 112 -43.03 39.25 -15.73
N TYR C 113 -42.51 38.03 -15.92
CA TYR C 113 -43.34 36.92 -16.36
C TYR C 113 -44.45 36.63 -15.36
N LYS C 114 -44.08 36.58 -14.09
CA LYS C 114 -45.05 36.35 -13.04
C LYS C 114 -46.20 37.33 -13.18
N PHE C 115 -45.85 38.60 -13.40
CA PHE C 115 -46.86 39.64 -13.55
C PHE C 115 -47.82 39.40 -14.72
N GLU C 116 -47.28 39.16 -15.91
CA GLU C 116 -48.14 38.95 -17.06
C GLU C 116 -49.21 37.88 -16.78
N LYS C 117 -48.93 37.00 -15.83
CA LYS C 117 -49.86 35.93 -15.45
C LYS C 117 -51.02 36.52 -14.64
N ASP C 118 -50.69 37.15 -13.52
CA ASP C 118 -51.70 37.75 -12.65
C ASP C 118 -52.58 38.72 -13.43
N PHE C 119 -51.98 39.41 -14.39
CA PHE C 119 -52.73 40.38 -15.19
C PHE C 119 -53.62 39.68 -16.22
N GLY C 123 -57.29 40.69 -17.56
CA GLY C 123 -57.28 41.54 -18.74
C GLY C 123 -56.39 41.00 -19.84
N ASN C 124 -56.30 41.75 -20.94
CA ASN C 124 -55.47 41.34 -22.07
C ASN C 124 -54.24 42.23 -22.15
N LEU C 125 -53.07 41.62 -22.19
CA LEU C 125 -51.81 42.36 -22.28
C LEU C 125 -50.67 41.45 -22.74
N HIS C 126 -49.88 41.94 -23.71
CA HIS C 126 -48.75 41.16 -24.20
C HIS C 126 -47.43 41.73 -23.70
N LEU C 127 -46.72 40.95 -22.90
CA LEU C 127 -45.44 41.36 -22.33
C LEU C 127 -44.26 41.07 -23.25
N HIS C 128 -43.41 42.07 -23.44
CA HIS C 128 -42.21 41.90 -24.25
C HIS C 128 -41.04 41.94 -23.28
N LYS C 129 -40.61 40.77 -22.83
CA LYS C 129 -39.52 40.63 -21.87
C LYS C 129 -38.13 40.97 -22.40
N LEU C 130 -37.43 41.85 -21.69
CA LEU C 130 -36.08 42.26 -22.05
C LEU C 130 -35.11 41.70 -21.00
N ASP C 131 -33.88 41.38 -21.41
CA ASP C 131 -32.91 40.81 -20.48
C ASP C 131 -32.38 41.80 -19.44
N GLU C 132 -32.36 41.36 -18.18
CA GLU C 132 -31.89 42.19 -17.08
C GLU C 132 -30.47 42.71 -17.24
N LEU C 133 -29.51 41.83 -17.52
CA LEU C 133 -28.12 42.26 -17.67
C LEU C 133 -27.93 43.17 -18.87
N ASP C 134 -28.64 42.90 -19.97
CA ASP C 134 -28.51 43.76 -21.14
C ASP C 134 -29.07 45.15 -20.83
N CYS C 135 -30.22 45.20 -20.16
CA CYS C 135 -30.81 46.48 -19.80
C CYS C 135 -29.91 47.21 -18.81
N LEU C 136 -29.37 46.46 -17.84
CA LEU C 136 -28.48 47.01 -16.83
C LEU C 136 -27.30 47.74 -17.49
N VAL C 137 -26.60 47.03 -18.37
CA VAL C 137 -25.44 47.59 -19.06
C VAL C 137 -25.76 48.83 -19.87
N LYS C 138 -26.78 48.74 -20.72
CA LYS C 138 -27.15 49.87 -21.54
C LYS C 138 -27.52 51.10 -20.70
N GLY C 139 -28.33 50.90 -19.67
CA GLY C 139 -28.74 52.02 -18.83
C GLY C 139 -27.60 52.63 -18.02
N LEU C 140 -26.75 51.77 -17.47
CA LEU C 140 -25.62 52.22 -16.67
C LEU C 140 -24.69 53.11 -17.52
N LEU C 141 -24.37 52.65 -18.73
CA LEU C 141 -23.50 53.40 -19.64
C LEU C 141 -24.12 54.74 -20.05
N TYR C 142 -25.43 54.75 -20.27
CA TYR C 142 -26.13 55.96 -20.66
C TYR C 142 -26.15 57.02 -19.56
N ILE C 143 -26.55 56.63 -18.35
CA ILE C 143 -26.61 57.56 -17.24
C ILE C 143 -25.23 58.18 -17.03
N ASP C 144 -24.20 57.35 -17.05
CA ASP C 144 -22.86 57.86 -16.85
C ASP C 144 -22.44 58.83 -17.96
N SER C 145 -22.94 58.63 -19.17
CA SER C 145 -22.59 59.51 -20.29
C SER C 145 -23.19 60.90 -20.18
N VAL C 146 -24.44 60.99 -19.70
CA VAL C 146 -25.11 62.28 -19.54
C VAL C 146 -24.83 62.94 -18.18
N SER C 147 -24.01 62.29 -17.36
CA SER C 147 -23.66 62.79 -16.03
C SER C 147 -24.89 62.98 -15.14
N PHE C 148 -24.66 63.37 -13.88
CA PHE C 148 -25.73 63.58 -12.92
C PHE C 148 -25.97 65.08 -12.77
N ASN C 149 -26.59 65.67 -13.78
CA ASN C 149 -26.87 67.11 -13.78
C ASN C 149 -25.56 67.88 -13.65
N GLY C 150 -24.53 67.38 -14.32
CA GLY C 150 -23.23 68.03 -14.28
C GLY C 150 -22.39 67.58 -13.10
N GLN C 151 -23.04 66.97 -12.11
CA GLN C 151 -22.35 66.51 -10.91
C GLN C 151 -21.89 65.06 -11.04
N ALA C 152 -21.41 64.49 -9.94
CA ALA C 152 -20.90 63.13 -9.93
C ALA C 152 -21.91 62.00 -9.82
N GLU C 153 -21.95 61.16 -10.85
CA GLU C 153 -22.83 59.99 -10.88
C GLU C 153 -22.07 58.84 -10.23
N CYS C 154 -20.74 58.91 -10.30
CA CYS C 154 -19.86 57.87 -9.77
C CYS C 154 -19.09 58.36 -8.53
N TYR C 155 -18.95 57.49 -7.55
CA TYR C 155 -18.25 57.82 -6.33
C TYR C 155 -17.49 56.64 -5.76
N TYR C 156 -16.64 56.91 -4.77
CA TYR C 156 -15.87 55.87 -4.12
C TYR C 156 -15.63 56.34 -2.69
N PHE C 157 -14.99 55.51 -1.88
CA PHE C 157 -14.71 55.89 -0.51
C PHE C 157 -13.21 56.04 -0.31
N ALA C 158 -12.78 57.27 -0.09
CA ALA C 158 -11.38 57.57 0.16
C ALA C 158 -11.03 56.98 1.53
N ASN C 159 -9.80 56.49 1.67
CA ASN C 159 -9.32 55.86 2.89
C ASN C 159 -10.16 54.61 3.17
N ALA C 160 -10.39 53.82 2.12
CA ALA C 160 -11.19 52.60 2.21
C ALA C 160 -10.68 51.58 3.20
N SER C 161 -9.38 51.62 3.51
CA SER C 161 -8.80 50.67 4.45
C SER C 161 -9.31 50.87 5.86
N GLU C 162 -10.00 51.99 6.08
CA GLU C 162 -10.57 52.30 7.40
C GLU C 162 -12.06 52.53 7.21
N PRO C 163 -12.85 51.45 7.19
CA PRO C 163 -14.31 51.46 7.00
C PRO C 163 -15.06 52.39 7.93
N GLU C 164 -14.55 52.57 9.14
CA GLU C 164 -15.22 53.43 10.12
C GLU C 164 -14.75 54.88 9.97
N ARG C 165 -13.94 55.15 8.96
CA ARG C 165 -13.44 56.52 8.74
C ARG C 165 -13.45 56.97 7.29
N CYS C 166 -13.64 56.04 6.36
CA CYS C 166 -13.63 56.40 4.95
C CYS C 166 -14.69 57.45 4.62
N GLN C 167 -14.41 58.25 3.59
CA GLN C 167 -15.32 59.31 3.17
C GLN C 167 -15.72 59.15 1.71
N LYS C 168 -17.01 59.35 1.45
CA LYS C 168 -17.54 59.26 0.10
C LYS C 168 -17.04 60.44 -0.72
N MET C 169 -16.38 60.16 -1.84
CA MET C 169 -15.83 61.20 -2.71
C MET C 169 -16.18 60.91 -4.17
N PRO C 170 -16.42 61.97 -4.96
CA PRO C 170 -16.75 61.76 -6.37
C PRO C 170 -15.59 61.18 -7.17
N PHE C 171 -15.92 60.49 -8.25
CA PHE C 171 -14.90 59.90 -9.12
C PHE C 171 -15.31 60.15 -10.56
N ASN C 172 -14.35 60.58 -11.38
CA ASN C 172 -14.66 60.86 -12.77
C ASN C 172 -14.59 59.62 -13.64
N LEU C 173 -15.72 59.27 -14.22
CA LEU C 173 -15.80 58.10 -15.09
C LEU C 173 -16.18 58.57 -16.49
N ASP C 174 -15.53 59.65 -16.93
CA ASP C 174 -15.74 60.24 -18.26
C ASP C 174 -15.90 59.16 -19.31
N ASP C 175 -14.79 58.52 -19.66
CA ASP C 175 -14.78 57.42 -20.63
C ASP C 175 -14.57 56.18 -19.77
N PRO C 176 -15.65 55.57 -19.31
CA PRO C 176 -15.62 54.37 -18.46
C PRO C 176 -14.95 53.13 -19.06
N TYR C 177 -14.86 53.09 -20.39
CA TYR C 177 -14.27 51.94 -21.06
C TYR C 177 -12.75 51.85 -20.99
N PRO C 178 -12.22 50.64 -20.68
CA PRO C 178 -13.00 49.43 -20.42
C PRO C 178 -13.51 49.46 -18.99
N LEU C 179 -14.57 48.70 -18.72
CA LEU C 179 -15.16 48.69 -17.40
C LEU C 179 -15.55 47.30 -16.90
N LEU C 180 -15.34 47.06 -15.61
CA LEU C 180 -15.72 45.79 -15.01
C LEU C 180 -16.94 46.08 -14.13
N VAL C 181 -18.06 45.44 -14.44
CA VAL C 181 -19.28 45.65 -13.67
C VAL C 181 -19.55 44.40 -12.83
N VAL C 182 -19.53 44.57 -11.51
CA VAL C 182 -19.78 43.49 -10.57
C VAL C 182 -21.22 43.64 -10.07
N ASN C 183 -22.10 42.78 -10.55
CA ASN C 183 -23.51 42.81 -10.20
C ASN C 183 -23.84 41.82 -9.07
N ILE C 184 -24.15 42.38 -7.90
CA ILE C 184 -24.46 41.56 -6.74
C ILE C 184 -25.94 41.50 -6.40
N GLY C 185 -26.57 40.38 -6.74
CA GLY C 185 -27.97 40.16 -6.43
C GLY C 185 -27.96 38.96 -5.50
N SER C 186 -28.81 37.98 -5.74
CA SER C 186 -28.79 36.79 -4.89
C SER C 186 -27.41 36.16 -5.10
N GLY C 187 -26.92 36.26 -6.34
CA GLY C 187 -25.61 35.75 -6.70
C GLY C 187 -24.82 36.86 -7.37
N VAL C 188 -23.63 36.57 -7.89
CA VAL C 188 -22.81 37.60 -8.50
C VAL C 188 -22.38 37.33 -9.94
N SER C 189 -22.64 38.31 -10.82
CA SER C 189 -22.27 38.24 -12.22
C SER C 189 -21.25 39.35 -12.44
N ILE C 190 -20.17 39.03 -13.16
CA ILE C 190 -19.14 40.00 -13.44
C ILE C 190 -19.06 40.19 -14.94
N LEU C 191 -19.23 41.43 -15.39
CA LEU C 191 -19.20 41.74 -16.80
C LEU C 191 -18.03 42.62 -17.18
N ALA C 192 -17.39 42.28 -18.29
CA ALA C 192 -16.29 43.07 -18.82
C ALA C 192 -16.93 43.90 -19.94
N VAL C 193 -16.94 45.22 -19.77
CA VAL C 193 -17.53 46.10 -20.78
C VAL C 193 -16.45 46.84 -21.55
N HIS C 194 -16.29 46.47 -22.81
CA HIS C 194 -15.28 47.06 -23.68
C HIS C 194 -15.79 48.28 -24.45
N SER C 195 -17.08 48.26 -24.80
CA SER C 195 -17.68 49.38 -25.50
C SER C 195 -19.19 49.31 -25.39
N LYS C 196 -19.85 50.34 -25.87
CA LYS C 196 -21.30 50.44 -25.85
C LYS C 196 -21.95 49.12 -26.28
N ASP C 197 -21.34 48.43 -27.25
CA ASP C 197 -21.91 47.19 -27.74
C ASP C 197 -21.05 45.95 -27.59
N ASN C 198 -19.91 46.09 -26.91
CA ASN C 198 -19.03 44.96 -26.70
C ASN C 198 -18.80 44.69 -25.23
N TYR C 199 -19.47 43.65 -24.71
CA TYR C 199 -19.33 43.29 -23.32
C TYR C 199 -19.79 41.85 -23.13
N LYS C 200 -19.33 41.21 -22.06
CA LYS C 200 -19.72 39.84 -21.79
C LYS C 200 -19.56 39.49 -20.33
N ARG C 201 -20.23 38.41 -19.94
CA ARG C 201 -20.15 37.92 -18.56
C ARG C 201 -18.93 37.03 -18.49
N VAL C 202 -17.83 37.57 -17.95
CA VAL C 202 -16.57 36.84 -17.83
C VAL C 202 -16.59 35.76 -16.73
N THR C 203 -17.36 36.00 -15.67
CA THR C 203 -17.49 35.03 -14.59
C THR C 203 -18.45 35.53 -13.52
N GLY C 204 -18.43 34.86 -12.37
CA GLY C 204 -19.30 35.24 -11.26
C GLY C 204 -19.03 34.38 -10.04
N THR C 205 -19.84 34.53 -9.00
CA THR C 205 -19.69 33.74 -7.80
C THR C 205 -21.08 33.46 -7.23
N SER C 206 -21.28 32.28 -6.65
CA SER C 206 -22.58 31.97 -6.10
C SER C 206 -22.68 32.50 -4.67
N LEU C 207 -21.60 33.13 -4.19
CA LEU C 207 -21.61 33.70 -2.86
C LEU C 207 -21.96 35.18 -2.97
N GLY C 208 -23.26 35.46 -3.00
CA GLY C 208 -23.73 36.83 -3.11
C GLY C 208 -24.68 37.23 -1.99
N GLY C 209 -25.63 38.11 -2.31
CA GLY C 209 -26.58 38.57 -1.31
C GLY C 209 -27.50 37.49 -0.78
N GLY C 210 -27.80 36.49 -1.60
CA GLY C 210 -28.68 35.43 -1.17
C GLY C 210 -28.01 34.54 -0.14
N THR C 211 -26.70 34.40 -0.25
CA THR C 211 -25.92 33.60 0.68
C THR C 211 -25.88 34.33 2.02
N PHE C 212 -25.70 35.64 1.96
CA PHE C 212 -25.67 36.46 3.16
C PHE C 212 -26.98 36.33 3.96
N LEU C 213 -28.10 36.61 3.29
CA LEU C 213 -29.39 36.51 3.95
C LEU C 213 -29.70 35.07 4.33
N GLY C 214 -29.42 34.15 3.42
CA GLY C 214 -29.68 32.75 3.66
C GLY C 214 -28.97 32.22 4.90
N LEU C 215 -27.68 32.52 5.02
CA LEU C 215 -26.90 32.06 6.18
C LEU C 215 -27.31 32.81 7.44
N CYS C 216 -27.63 34.09 7.31
CA CYS C 216 -28.05 34.88 8.46
C CYS C 216 -29.34 34.30 9.04
N SER C 217 -30.30 34.02 8.16
CA SER C 217 -31.57 33.47 8.58
C SER C 217 -31.41 32.18 9.37
N LEU C 218 -30.49 31.33 8.95
CA LEU C 218 -30.25 30.06 9.64
C LEU C 218 -29.45 30.22 10.92
N LEU C 219 -28.52 31.18 10.96
CA LEU C 219 -27.67 31.37 12.12
C LEU C 219 -28.20 32.34 13.17
N THR C 220 -29.06 33.27 12.77
CA THR C 220 -29.59 34.28 13.69
C THR C 220 -31.11 34.33 13.78
N GLY C 221 -31.79 33.77 12.79
CA GLY C 221 -33.24 33.78 12.83
C GLY C 221 -33.85 35.04 12.25
N CYS C 222 -33.02 35.94 11.72
CA CYS C 222 -33.51 37.18 11.13
C CYS C 222 -34.60 36.82 10.12
N GLU C 223 -35.47 37.77 9.83
CA GLU C 223 -36.56 37.51 8.89
C GLU C 223 -36.48 38.34 7.62
N SER C 224 -35.46 39.17 7.49
CA SER C 224 -35.33 39.99 6.29
C SER C 224 -33.92 40.52 6.06
N PHE C 225 -33.68 40.99 4.85
CA PHE C 225 -32.40 41.55 4.46
C PHE C 225 -32.11 42.78 5.33
N GLU C 226 -33.13 43.58 5.59
CA GLU C 226 -32.98 44.77 6.41
C GLU C 226 -32.52 44.43 7.83
N GLU C 227 -33.11 43.39 8.40
CA GLU C 227 -32.77 42.95 9.74
C GLU C 227 -31.37 42.36 9.83
N ALA C 228 -31.00 41.58 8.83
CA ALA C 228 -29.68 40.95 8.79
C ALA C 228 -28.59 42.00 8.78
N LEU C 229 -28.76 43.02 7.94
CA LEU C 229 -27.77 44.09 7.85
C LEU C 229 -27.69 44.86 9.15
N GLU C 230 -28.84 45.03 9.82
CA GLU C 230 -28.85 45.78 11.07
C GLU C 230 -28.05 45.04 12.14
N MET C 231 -28.22 43.72 12.20
CA MET C 231 -27.48 42.91 13.16
C MET C 231 -25.99 43.03 12.87
N ALA C 232 -25.62 42.88 11.60
CA ALA C 232 -24.24 42.94 11.16
C ALA C 232 -23.56 44.26 11.53
N SER C 233 -24.28 45.36 11.45
CA SER C 233 -23.71 46.66 11.78
C SER C 233 -23.33 46.73 13.24
N LYS C 234 -23.96 45.90 14.06
CA LYS C 234 -23.70 45.89 15.49
C LYS C 234 -22.76 44.78 15.94
N GLY C 235 -22.38 43.90 15.02
CA GLY C 235 -21.52 42.80 15.39
C GLY C 235 -20.04 42.96 15.13
N ASP C 236 -19.27 42.04 15.69
CA ASP C 236 -17.83 42.01 15.54
C ASP C 236 -17.48 40.65 14.93
N SER C 237 -17.10 40.67 13.65
CA SER C 237 -16.77 39.44 12.93
C SER C 237 -15.58 38.67 13.47
N THR C 238 -14.62 39.37 14.05
CA THR C 238 -13.42 38.75 14.57
C THR C 238 -13.70 37.81 15.74
N GLN C 239 -14.96 37.74 16.18
CA GLN C 239 -15.35 36.85 17.27
C GLN C 239 -15.65 35.45 16.72
N ALA C 240 -16.02 35.37 15.44
CA ALA C 240 -16.32 34.09 14.81
C ALA C 240 -15.20 33.65 13.90
N ASP C 241 -14.48 34.63 13.34
CA ASP C 241 -13.38 34.37 12.42
C ASP C 241 -12.05 34.18 13.13
N LYS C 242 -11.19 33.34 12.55
CA LYS C 242 -9.86 33.13 13.09
C LYS C 242 -8.94 34.05 12.28
N LEU C 243 -8.29 34.96 12.98
CA LEU C 243 -7.39 35.91 12.35
C LEU C 243 -5.98 35.38 12.29
N VAL C 244 -5.19 35.91 11.37
CA VAL C 244 -3.81 35.49 11.24
C VAL C 244 -3.11 35.59 12.60
N ARG C 245 -3.41 36.66 13.35
CA ARG C 245 -2.81 36.87 14.66
C ARG C 245 -3.13 35.74 15.64
N ASP C 246 -4.29 35.12 15.48
CA ASP C 246 -4.68 34.04 16.37
C ASP C 246 -3.83 32.79 16.15
N ILE C 247 -3.15 32.75 15.01
CA ILE C 247 -2.31 31.61 14.66
C ILE C 247 -0.83 31.88 14.94
N TYR C 248 -0.34 33.02 14.47
CA TYR C 248 1.07 33.38 14.62
C TYR C 248 1.41 34.28 15.80
N GLY C 249 0.41 34.75 16.54
CA GLY C 249 0.66 35.63 17.66
C GLY C 249 1.07 37.00 17.17
N GLY C 250 0.62 37.33 15.97
CA GLY C 250 0.94 38.61 15.35
C GLY C 250 0.89 38.43 13.84
N ASP C 251 1.69 39.19 13.11
CA ASP C 251 1.69 39.05 11.66
C ASP C 251 2.46 37.81 11.23
N TYR C 252 2.11 37.29 10.06
CA TYR C 252 2.79 36.12 9.53
C TYR C 252 3.94 36.72 8.72
N GLU C 253 5.05 36.93 9.41
CA GLU C 253 6.26 37.53 8.83
C GLU C 253 6.74 36.95 7.50
N ARG C 254 6.93 35.64 7.48
CA ARG C 254 7.43 34.96 6.29
C ARG C 254 6.76 35.41 4.99
N PHE C 255 5.44 35.55 5.00
CA PHE C 255 4.74 35.97 3.78
C PHE C 255 4.04 37.31 3.95
N GLY C 256 4.48 38.04 4.97
CA GLY C 256 3.94 39.37 5.24
C GLY C 256 2.44 39.53 5.43
N LEU C 257 1.75 38.47 5.83
CA LEU C 257 0.32 38.59 6.06
C LEU C 257 0.14 39.34 7.36
N PRO C 258 -0.59 40.47 7.33
CA PRO C 258 -0.79 41.23 8.56
C PRO C 258 -1.60 40.43 9.56
N GLY C 259 -1.34 40.66 10.84
CA GLY C 259 -2.04 39.93 11.88
C GLY C 259 -3.55 40.12 11.90
N TRP C 260 -4.04 41.26 11.39
CA TRP C 260 -5.48 41.51 11.39
C TRP C 260 -6.21 40.86 10.21
N ALA C 261 -5.46 40.37 9.23
CA ALA C 261 -6.07 39.72 8.07
C ALA C 261 -6.81 38.48 8.56
N VAL C 262 -7.91 38.14 7.89
CA VAL C 262 -8.68 36.98 8.26
C VAL C 262 -7.97 35.73 7.74
N ALA C 263 -7.71 34.78 8.63
CA ALA C 263 -7.05 33.54 8.23
C ALA C 263 -8.07 32.51 7.77
N SER C 264 -9.14 32.38 8.56
CA SER C 264 -10.20 31.43 8.25
C SER C 264 -11.55 31.99 8.70
N SER C 265 -12.46 32.16 7.75
CA SER C 265 -13.81 32.67 8.02
C SER C 265 -14.56 31.67 8.91
N PHE C 266 -15.17 32.17 9.97
CA PHE C 266 -15.88 31.33 10.95
C PHE C 266 -14.94 30.29 11.54
N GLY C 267 -13.64 30.50 11.32
CA GLY C 267 -12.63 29.57 11.82
C GLY C 267 -12.63 29.28 13.30
N ASN C 268 -13.03 30.24 14.14
CA ASN C 268 -13.05 29.99 15.58
C ASN C 268 -14.33 29.28 16.06
N MET C 269 -15.26 29.08 15.14
CA MET C 269 -16.51 28.41 15.50
C MET C 269 -16.34 26.90 15.54
N ILE C 270 -15.10 26.42 15.48
CA ILE C 270 -14.89 24.97 15.55
C ILE C 270 -14.76 24.59 17.02
N TYR C 271 -14.60 25.60 17.88
CA TYR C 271 -14.46 25.39 19.31
C TYR C 271 -15.80 25.62 20.01
N LYS C 272 -16.37 24.56 20.57
CA LYS C 272 -17.66 24.67 21.27
C LYS C 272 -17.77 25.93 22.12
N GLU C 273 -16.76 26.17 22.94
CA GLU C 273 -16.72 27.33 23.82
C GLU C 273 -16.92 28.64 23.07
N LYS C 274 -16.26 28.79 21.93
CA LYS C 274 -16.40 30.00 21.13
C LYS C 274 -17.81 30.12 20.60
N ARG C 275 -18.40 29.00 20.20
CA ARG C 275 -19.75 28.99 19.66
C ARG C 275 -20.78 29.41 20.71
N GLU C 276 -20.52 29.04 21.96
CA GLU C 276 -21.43 29.37 23.05
C GLU C 276 -21.58 30.87 23.29
N SER C 277 -20.45 31.56 23.33
CA SER C 277 -20.43 32.99 23.58
C SER C 277 -20.66 33.89 22.38
N VAL C 278 -20.43 33.38 21.18
CA VAL C 278 -20.62 34.20 19.98
C VAL C 278 -22.07 34.67 19.90
N SER C 279 -22.26 35.96 19.63
CA SER C 279 -23.58 36.56 19.54
C SER C 279 -24.14 36.54 18.13
N LYS C 280 -25.47 36.67 18.02
CA LYS C 280 -26.16 36.70 16.74
C LYS C 280 -25.56 37.77 15.85
N GLU C 281 -25.36 38.96 16.42
CA GLU C 281 -24.80 40.09 15.69
C GLU C 281 -23.41 39.79 15.16
N ASP C 282 -22.62 39.03 15.92
CA ASP C 282 -21.28 38.66 15.52
C ASP C 282 -21.31 37.72 14.31
N LEU C 283 -22.17 36.72 14.36
CA LEU C 283 -22.29 35.77 13.26
C LEU C 283 -22.77 36.48 11.99
N ALA C 284 -23.66 37.46 12.15
CA ALA C 284 -24.19 38.20 11.01
C ALA C 284 -23.11 39.05 10.32
N ARG C 285 -22.29 39.73 11.13
CA ARG C 285 -21.23 40.56 10.59
C ARG C 285 -20.13 39.67 9.99
N ALA C 286 -19.92 38.51 10.58
CA ALA C 286 -18.91 37.57 10.07
C ALA C 286 -19.40 37.06 8.71
N THR C 287 -20.72 36.88 8.59
CA THR C 287 -21.29 36.41 7.34
C THR C 287 -21.07 37.48 6.26
N LEU C 288 -21.34 38.73 6.61
CA LEU C 288 -21.18 39.83 5.67
C LEU C 288 -19.73 40.03 5.27
N VAL C 289 -18.82 39.95 6.25
CA VAL C 289 -17.40 40.14 5.98
C VAL C 289 -16.85 39.02 5.08
N THR C 290 -17.30 37.80 5.30
CA THR C 290 -16.85 36.68 4.48
C THR C 290 -17.28 36.89 3.03
N ILE C 291 -18.53 37.29 2.84
CA ILE C 291 -19.07 37.53 1.50
C ILE C 291 -18.39 38.70 0.78
N THR C 292 -18.22 39.83 1.48
CA THR C 292 -17.63 41.01 0.87
C THR C 292 -16.14 40.85 0.59
N ASN C 293 -15.42 40.22 1.50
CA ASN C 293 -14.00 40.01 1.25
C ASN C 293 -13.80 39.06 0.07
N ASN C 294 -14.66 38.04 -0.04
CA ASN C 294 -14.53 37.09 -1.14
C ASN C 294 -14.87 37.75 -2.49
N ILE C 295 -15.92 38.57 -2.53
CA ILE C 295 -16.29 39.26 -3.76
C ILE C 295 -15.15 40.18 -4.19
N GLY C 296 -14.54 40.88 -3.23
CA GLY C 296 -13.44 41.77 -3.55
C GLY C 296 -12.28 41.03 -4.21
N SER C 297 -12.04 39.81 -3.75
CA SER C 297 -10.96 38.99 -4.29
C SER C 297 -11.27 38.56 -5.73
N VAL C 298 -12.47 38.06 -5.96
CA VAL C 298 -12.86 37.63 -7.29
C VAL C 298 -12.80 38.80 -8.27
N ALA C 299 -13.34 39.94 -7.85
CA ALA C 299 -13.34 41.14 -8.69
C ALA C 299 -11.91 41.57 -9.06
N ARG C 300 -11.03 41.55 -8.06
CA ARG C 300 -9.64 41.94 -8.26
C ARG C 300 -8.93 41.04 -9.28
N MET C 301 -9.04 39.73 -9.10
CA MET C 301 -8.40 38.79 -10.01
C MET C 301 -8.98 38.91 -11.42
N CYS C 302 -10.27 39.19 -11.52
CA CYS C 302 -10.91 39.36 -12.81
C CYS C 302 -10.42 40.65 -13.47
N ALA C 303 -10.30 41.70 -12.67
CA ALA C 303 -9.80 42.97 -13.19
C ALA C 303 -8.38 42.79 -13.74
N VAL C 304 -7.54 42.09 -12.99
CA VAL C 304 -6.17 41.83 -13.43
C VAL C 304 -6.18 41.05 -14.75
N ASN C 305 -6.89 39.93 -14.77
CA ASN C 305 -6.99 39.09 -15.95
C ASN C 305 -7.57 39.80 -17.17
N GLU C 306 -8.52 40.70 -16.94
CA GLU C 306 -9.14 41.44 -18.04
C GLU C 306 -8.36 42.71 -18.38
N LYS C 307 -7.39 43.05 -17.55
CA LYS C 307 -6.59 44.24 -17.77
C LYS C 307 -7.50 45.47 -17.70
N ILE C 308 -8.41 45.47 -16.73
CA ILE C 308 -9.34 46.59 -16.54
C ILE C 308 -9.09 47.16 -15.16
N ASN C 309 -8.93 48.48 -15.07
CA ASN C 309 -8.66 49.11 -13.78
C ASN C 309 -9.81 49.93 -13.20
N ARG C 310 -11.02 49.78 -13.76
CA ARG C 310 -12.19 50.48 -13.25
C ARG C 310 -13.22 49.42 -12.90
N VAL C 311 -13.50 49.28 -11.60
CA VAL C 311 -14.43 48.28 -11.11
C VAL C 311 -15.61 48.92 -10.40
N VAL C 312 -16.80 48.78 -10.98
CA VAL C 312 -18.02 49.34 -10.41
C VAL C 312 -18.92 48.25 -9.86
N PHE C 313 -19.45 48.47 -8.65
CA PHE C 313 -20.35 47.52 -8.02
C PHE C 313 -21.79 48.02 -8.03
N VAL C 314 -22.70 47.15 -8.47
CA VAL C 314 -24.14 47.47 -8.51
C VAL C 314 -24.93 46.27 -7.96
N GLY C 315 -26.26 46.34 -7.97
CA GLY C 315 -27.07 45.24 -7.47
C GLY C 315 -27.91 45.51 -6.23
N ASN C 316 -29.02 44.79 -6.12
CA ASN C 316 -29.94 44.97 -5.00
C ASN C 316 -29.27 44.86 -3.64
N PHE C 317 -28.15 44.14 -3.60
CA PHE C 317 -27.41 43.95 -2.36
C PHE C 317 -26.84 45.24 -1.77
N LEU C 318 -26.71 46.27 -2.59
CA LEU C 318 -26.14 47.53 -2.14
C LEU C 318 -27.19 48.60 -1.83
N ARG C 319 -28.45 48.27 -2.02
CA ARG C 319 -29.52 49.22 -1.82
C ARG C 319 -29.96 49.55 -0.39
N VAL C 320 -29.53 48.79 0.59
CA VAL C 320 -29.94 49.12 1.95
C VAL C 320 -28.95 50.04 2.65
N ASN C 321 -27.90 49.47 3.24
CA ASN C 321 -26.92 50.30 3.94
C ASN C 321 -25.64 50.54 3.15
N THR C 322 -24.94 51.62 3.51
CA THR C 322 -23.69 51.93 2.85
C THR C 322 -22.61 51.05 3.46
N LEU C 323 -23.00 50.23 4.42
CA LEU C 323 -22.04 49.33 5.08
C LEU C 323 -21.45 48.32 4.09
N SER C 324 -22.31 47.68 3.31
CA SER C 324 -21.85 46.70 2.33
C SER C 324 -20.89 47.37 1.35
N MET C 325 -21.27 48.53 0.84
CA MET C 325 -20.42 49.24 -0.10
C MET C 325 -19.05 49.54 0.52
N LYS C 326 -19.04 49.98 1.77
CA LYS C 326 -17.78 50.29 2.42
C LYS C 326 -16.93 49.04 2.62
N LEU C 327 -17.55 47.92 2.96
CA LEU C 327 -16.75 46.70 3.16
C LEU C 327 -16.23 46.19 1.82
N LEU C 328 -16.96 46.46 0.74
CA LEU C 328 -16.52 46.04 -0.58
C LEU C 328 -15.34 46.91 -1.00
N ALA C 329 -15.39 48.19 -0.64
CA ALA C 329 -14.31 49.12 -0.96
C ALA C 329 -13.06 48.68 -0.20
N TYR C 330 -13.27 48.36 1.07
CA TYR C 330 -12.19 47.92 1.93
C TYR C 330 -11.55 46.68 1.33
N ALA C 331 -12.39 45.73 0.89
CA ALA C 331 -11.91 44.48 0.32
C ALA C 331 -11.09 44.63 -0.96
N LEU C 332 -11.62 45.36 -1.92
CA LEU C 332 -10.91 45.57 -3.18
C LEU C 332 -9.59 46.28 -2.92
N ASP C 333 -9.62 47.27 -2.03
CA ASP C 333 -8.40 48.00 -1.68
C ASP C 333 -7.37 47.04 -1.09
N TYR C 334 -7.84 46.10 -0.27
CA TYR C 334 -6.93 45.13 0.34
C TYR C 334 -6.31 44.16 -0.69
N TRP C 335 -7.15 43.52 -1.49
CA TRP C 335 -6.66 42.57 -2.49
C TRP C 335 -5.83 43.19 -3.60
N SER C 336 -6.10 44.45 -3.91
CA SER C 336 -5.32 45.11 -4.95
C SER C 336 -4.18 45.93 -4.34
N LYS C 337 -3.97 45.76 -3.04
CA LYS C 337 -2.92 46.50 -2.35
C LYS C 337 -2.99 47.98 -2.70
N GLY C 338 -4.21 48.53 -2.62
CA GLY C 338 -4.44 49.92 -2.90
C GLY C 338 -4.45 50.39 -4.35
N GLN C 339 -4.23 49.48 -5.30
CA GLN C 339 -4.20 49.85 -6.71
C GLN C 339 -5.55 50.07 -7.38
N LEU C 340 -6.57 49.37 -6.89
CA LEU C 340 -7.91 49.52 -7.46
C LEU C 340 -8.83 50.15 -6.43
N LYS C 341 -9.78 50.96 -6.89
CA LYS C 341 -10.75 51.60 -6.02
C LYS C 341 -12.13 51.06 -6.37
N ALA C 342 -12.94 50.75 -5.38
CA ALA C 342 -14.29 50.25 -5.65
C ALA C 342 -15.12 51.47 -6.03
N LEU C 343 -15.83 51.39 -7.16
CA LEU C 343 -16.67 52.48 -7.62
C LEU C 343 -18.16 52.16 -7.50
N PHE C 344 -18.97 53.19 -7.24
CA PHE C 344 -20.41 53.02 -7.09
C PHE C 344 -21.14 54.10 -7.88
N LEU C 345 -22.41 53.88 -8.18
CA LEU C 345 -23.17 54.85 -8.96
C LEU C 345 -24.46 55.31 -8.28
N GLU C 346 -24.69 56.62 -8.32
CA GLU C 346 -25.87 57.22 -7.70
C GLU C 346 -27.21 56.65 -8.18
N HIS C 347 -27.31 56.32 -9.47
CA HIS C 347 -28.55 55.80 -10.00
C HIS C 347 -28.70 54.27 -9.97
N GLU C 348 -27.92 53.62 -9.11
CA GLU C 348 -27.97 52.17 -8.97
C GLU C 348 -29.40 51.80 -8.62
N GLY C 349 -29.91 50.75 -9.24
CA GLY C 349 -31.28 50.35 -8.95
C GLY C 349 -32.21 50.73 -10.10
N TYR C 350 -31.87 51.78 -10.82
CA TYR C 350 -32.69 52.21 -11.95
C TYR C 350 -32.10 51.97 -13.34
N PHE C 351 -30.92 51.34 -13.40
CA PHE C 351 -30.31 51.10 -14.70
C PHE C 351 -31.12 50.16 -15.57
N GLY C 352 -31.72 49.15 -14.97
CA GLY C 352 -32.53 48.22 -15.74
C GLY C 352 -33.69 48.99 -16.37
N ALA C 353 -34.33 49.83 -15.58
CA ALA C 353 -35.45 50.62 -16.07
C ALA C 353 -35.02 51.51 -17.24
N VAL C 354 -33.91 52.20 -17.06
CA VAL C 354 -33.40 53.09 -18.10
C VAL C 354 -33.03 52.29 -19.34
N GLY C 355 -32.41 51.13 -19.14
CA GLY C 355 -32.05 50.29 -20.27
C GLY C 355 -33.29 49.90 -21.05
N ALA C 356 -34.37 49.61 -20.34
CA ALA C 356 -35.65 49.24 -20.95
C ALA C 356 -36.25 50.39 -21.76
N LEU C 357 -36.07 51.61 -21.26
CA LEU C 357 -36.60 52.80 -21.93
C LEU C 357 -35.86 53.05 -23.24
N LEU C 358 -34.54 52.86 -23.22
CA LEU C 358 -33.74 53.06 -24.41
C LEU C 358 -34.09 52.06 -25.49
N GLY C 359 -34.40 50.83 -25.06
CA GLY C 359 -34.77 49.79 -25.99
C GLY C 359 -36.18 50.00 -26.52
N PRO D 6 53.01 -55.78 14.15
CA PRO D 6 51.96 -56.27 13.23
C PRO D 6 51.29 -55.08 12.54
N TRP D 7 50.69 -55.32 11.37
CA TRP D 7 50.03 -54.23 10.64
C TRP D 7 48.53 -54.18 10.93
N PHE D 8 48.07 -53.04 11.42
CA PHE D 8 46.65 -52.87 11.72
C PHE D 8 46.22 -51.43 11.50
N GLY D 9 44.91 -51.22 11.49
CA GLY D 9 44.37 -49.89 11.32
C GLY D 9 43.14 -49.82 12.19
N MET D 10 43.03 -48.78 13.02
CA MET D 10 41.85 -48.72 13.85
C MET D 10 41.03 -47.46 13.69
N ASP D 11 39.73 -47.67 13.78
CA ASP D 11 38.75 -46.61 13.68
C ASP D 11 38.16 -46.58 15.08
N ILE D 12 38.61 -45.62 15.88
CA ILE D 12 38.15 -45.50 17.25
C ILE D 12 36.88 -44.68 17.36
N GLY D 13 35.76 -45.36 17.50
CA GLY D 13 34.48 -44.68 17.63
C GLY D 13 34.25 -44.28 19.07
N GLY D 14 33.13 -43.63 19.35
CA GLY D 14 32.83 -43.20 20.70
C GLY D 14 32.49 -44.38 21.60
N THR D 15 31.94 -45.44 21.00
CA THR D 15 31.56 -46.63 21.74
C THR D 15 32.33 -47.87 21.30
N LEU D 16 32.49 -48.03 19.99
CA LEU D 16 33.18 -49.19 19.46
C LEU D 16 34.44 -48.87 18.65
N VAL D 17 35.39 -49.80 18.69
CA VAL D 17 36.62 -49.65 17.94
C VAL D 17 36.50 -50.64 16.79
N LYS D 18 36.83 -50.20 15.58
CA LYS D 18 36.82 -51.08 14.42
C LYS D 18 38.29 -51.27 14.08
N LEU D 19 38.73 -52.53 14.10
CA LEU D 19 40.12 -52.85 13.82
C LEU D 19 40.32 -53.79 12.65
N SER D 20 41.24 -53.44 11.77
CA SER D 20 41.56 -54.32 10.65
C SER D 20 43.03 -54.67 10.84
N TYR D 21 43.38 -55.94 10.69
CA TYR D 21 44.77 -56.33 10.84
C TYR D 21 45.18 -57.38 9.81
N PHE D 22 46.45 -57.31 9.42
CA PHE D 22 47.03 -58.20 8.42
C PHE D 22 47.77 -59.37 9.04
N GLU D 23 47.42 -60.58 8.62
CA GLU D 23 48.07 -61.80 9.11
C GLU D 23 48.93 -62.41 8.02
N PRO D 24 50.26 -62.24 8.11
CA PRO D 24 51.18 -62.80 7.10
C PRO D 24 50.94 -64.29 6.86
N ILE D 25 51.02 -64.69 5.60
CA ILE D 25 50.80 -66.09 5.20
C ILE D 25 52.06 -66.95 5.12
N ASP D 26 53.15 -66.38 4.60
CA ASP D 26 54.39 -67.14 4.48
C ASP D 26 55.36 -66.72 5.58
N ILE D 27 55.15 -67.28 6.76
CA ILE D 27 55.97 -66.97 7.93
C ILE D 27 57.21 -67.86 7.99
N THR D 28 58.34 -67.27 8.37
CA THR D 28 59.59 -68.01 8.46
C THR D 28 60.29 -67.86 9.81
N ALA D 29 60.06 -66.73 10.48
CA ALA D 29 60.66 -66.46 11.79
C ALA D 29 59.74 -66.87 12.94
N GLU D 30 60.34 -67.29 14.05
CA GLU D 30 59.58 -67.71 15.22
C GLU D 30 58.78 -66.57 15.86
N GLU D 31 59.41 -65.42 16.02
CA GLU D 31 58.75 -64.26 16.63
C GLU D 31 57.57 -63.77 15.82
N GLU D 32 57.56 -64.12 14.53
CA GLU D 32 56.48 -63.72 13.65
C GLU D 32 55.30 -64.66 13.79
N GLN D 33 55.58 -65.94 14.04
CA GLN D 33 54.53 -66.92 14.20
C GLN D 33 53.84 -66.70 15.55
N GLU D 34 54.64 -66.35 16.57
CA GLU D 34 54.11 -66.09 17.90
C GLU D 34 53.26 -64.83 17.84
N GLU D 35 53.65 -63.92 16.97
CA GLU D 35 52.94 -62.66 16.78
C GLU D 35 51.58 -62.92 16.14
N VAL D 36 51.50 -63.94 15.29
CA VAL D 36 50.26 -64.28 14.63
C VAL D 36 49.34 -64.98 15.63
N GLU D 37 49.95 -65.79 16.50
CA GLU D 37 49.20 -66.51 17.50
C GLU D 37 48.64 -65.56 18.55
N SER D 38 49.42 -64.54 18.90
CA SER D 38 48.99 -63.55 19.88
C SER D 38 47.77 -62.80 19.34
N LEU D 39 47.78 -62.52 18.04
CA LEU D 39 46.66 -61.81 17.41
C LEU D 39 45.37 -62.62 17.54
N LYS D 40 45.48 -63.93 17.41
CA LYS D 40 44.30 -64.77 17.54
C LYS D 40 43.78 -64.73 18.98
N SER D 41 44.68 -64.81 19.95
CA SER D 41 44.29 -64.77 21.38
C SER D 41 43.64 -63.42 21.69
N ILE D 42 44.21 -62.35 21.14
CA ILE D 42 43.68 -61.01 21.34
C ILE D 42 42.29 -60.90 20.74
N ARG D 43 42.13 -61.35 19.49
CA ARG D 43 40.83 -61.30 18.84
C ARG D 43 39.79 -62.01 19.68
N LYS D 44 40.13 -63.20 20.15
CA LYS D 44 39.23 -63.98 20.97
C LYS D 44 38.83 -63.26 22.25
N TYR D 45 39.81 -62.63 22.90
CA TYR D 45 39.51 -61.93 24.14
C TYR D 45 38.61 -60.73 23.91
N LEU D 46 39.04 -59.85 23.00
CA LEU D 46 38.30 -58.63 22.70
C LEU D 46 36.90 -58.84 22.13
N THR D 47 36.66 -59.92 21.41
CA THR D 47 35.34 -60.15 20.84
C THR D 47 34.39 -60.97 21.71
N SER D 48 34.83 -61.31 22.92
CA SER D 48 33.99 -62.08 23.85
C SER D 48 32.97 -61.16 24.51
N ASN D 49 31.69 -61.42 24.30
CA ASN D 49 30.67 -60.56 24.89
C ASN D 49 30.00 -61.19 26.10
N GLY D 56 30.77 -60.51 15.03
CA GLY D 56 31.41 -61.60 15.73
C GLY D 56 31.81 -62.68 14.76
N ILE D 57 30.88 -63.60 14.50
CA ILE D 57 31.14 -64.68 13.55
C ILE D 57 30.96 -64.06 12.17
N ARG D 58 30.10 -63.05 12.10
CA ARG D 58 29.84 -62.34 10.86
C ARG D 58 31.14 -61.64 10.44
N ASP D 59 31.82 -61.02 11.40
CA ASP D 59 33.09 -60.34 11.09
C ASP D 59 34.15 -61.35 10.67
N VAL D 60 34.14 -62.53 11.28
CA VAL D 60 35.10 -63.56 10.92
C VAL D 60 34.94 -63.92 9.44
N HIS D 61 33.70 -63.92 8.95
CA HIS D 61 33.45 -64.23 7.56
C HIS D 61 33.80 -63.11 6.58
N LEU D 62 34.20 -61.96 7.11
CA LEU D 62 34.58 -60.83 6.26
C LEU D 62 36.06 -60.93 5.88
N GLU D 63 36.76 -61.88 6.48
CA GLU D 63 38.18 -62.08 6.22
C GLU D 63 38.50 -62.22 4.73
N LEU D 64 39.49 -61.46 4.28
CA LEU D 64 39.91 -61.49 2.89
C LEU D 64 41.22 -62.29 2.88
N LYS D 65 41.23 -63.40 2.15
CA LYS D 65 42.41 -64.25 2.13
C LYS D 65 43.38 -64.08 0.97
N ASP D 66 44.66 -64.28 1.28
CA ASP D 66 45.76 -64.20 0.33
C ASP D 66 45.87 -62.90 -0.46
N LEU D 67 45.97 -61.79 0.25
CA LEU D 67 46.11 -60.49 -0.39
C LEU D 67 47.59 -60.17 -0.35
N THR D 68 48.04 -59.35 -1.28
CA THR D 68 49.43 -58.95 -1.29
C THR D 68 49.41 -57.53 -0.77
N LEU D 69 50.13 -57.28 0.31
CA LEU D 69 50.14 -55.95 0.88
C LEU D 69 51.48 -55.66 1.52
N PHE D 70 52.10 -54.56 1.11
CA PHE D 70 53.39 -54.17 1.66
C PHE D 70 54.45 -55.23 1.44
N GLY D 71 54.42 -55.86 0.26
CA GLY D 71 55.40 -56.87 -0.07
C GLY D 71 55.16 -58.26 0.48
N ARG D 72 54.08 -58.43 1.25
CA ARG D 72 53.80 -59.74 1.84
C ARG D 72 52.44 -60.31 1.52
N ARG D 73 52.37 -61.64 1.48
CA ARG D 73 51.11 -62.33 1.24
C ARG D 73 50.52 -62.61 2.62
N GLY D 74 49.23 -62.34 2.79
CA GLY D 74 48.60 -62.59 4.08
C GLY D 74 47.11 -62.41 4.04
N ASN D 75 46.45 -62.59 5.19
CA ASN D 75 45.02 -62.43 5.27
C ASN D 75 44.67 -61.15 6.02
N LEU D 76 43.57 -60.53 5.60
CA LEU D 76 43.11 -59.30 6.23
C LEU D 76 41.91 -59.63 7.11
N HIS D 77 42.04 -59.35 8.41
CA HIS D 77 40.99 -59.61 9.38
C HIS D 77 40.25 -58.35 9.81
N PHE D 78 39.04 -58.53 10.33
CA PHE D 78 38.19 -57.43 10.78
C PHE D 78 37.51 -57.81 12.09
N ILE D 79 37.68 -56.96 13.11
CA ILE D 79 37.02 -57.21 14.39
C ILE D 79 36.57 -55.89 14.98
N ARG D 80 35.64 -55.96 15.92
CA ARG D 80 35.16 -54.77 16.60
C ARG D 80 35.04 -55.08 18.08
N PHE D 81 35.29 -54.08 18.91
CA PHE D 81 35.20 -54.27 20.36
C PHE D 81 34.97 -52.93 21.06
N PRO D 82 34.52 -52.97 22.32
CA PRO D 82 34.26 -51.75 23.10
C PRO D 82 35.48 -50.85 23.22
N THR D 83 35.25 -49.54 23.15
CA THR D 83 36.33 -48.57 23.31
C THR D 83 36.86 -48.72 24.75
N GLN D 84 35.98 -49.21 25.62
CA GLN D 84 36.28 -49.45 27.02
C GLN D 84 37.45 -50.43 27.15
N ASP D 85 37.62 -51.32 26.17
CA ASP D 85 38.69 -52.29 26.20
C ASP D 85 39.94 -51.91 25.38
N LEU D 86 39.95 -50.71 24.82
CA LEU D 86 41.09 -50.28 24.03
C LEU D 86 42.40 -50.25 24.85
N PRO D 87 42.35 -49.78 26.11
CA PRO D 87 43.61 -49.76 26.88
C PRO D 87 44.20 -51.18 26.97
N THR D 88 43.32 -52.17 27.09
CA THR D 88 43.76 -53.56 27.16
C THR D 88 44.46 -53.95 25.86
N PHE D 89 43.87 -53.58 24.73
CA PHE D 89 44.46 -53.89 23.44
C PHE D 89 45.88 -53.32 23.35
N ILE D 90 46.04 -52.07 23.81
CA ILE D 90 47.35 -51.41 23.78
C ILE D 90 48.38 -52.13 24.66
N GLN D 91 47.94 -52.55 25.85
CA GLN D 91 48.84 -53.23 26.77
C GLN D 91 49.18 -54.62 26.26
N MET D 92 48.22 -55.27 25.60
CA MET D 92 48.44 -56.59 25.05
C MET D 92 49.56 -56.48 24.02
N GLY D 93 49.48 -55.44 23.21
CA GLY D 93 50.50 -55.23 22.18
C GLY D 93 51.88 -55.01 22.77
N ARG D 94 51.97 -54.19 23.81
CA ARG D 94 53.26 -53.93 24.43
C ARG D 94 53.79 -55.23 25.04
N ASP D 95 52.92 -55.90 25.81
CA ASP D 95 53.30 -57.16 26.46
C ASP D 95 53.76 -58.22 25.46
N LYS D 96 53.19 -58.20 24.25
CA LYS D 96 53.57 -59.16 23.22
C LYS D 96 54.61 -58.54 22.27
N ASN D 97 55.17 -57.41 22.72
CA ASN D 97 56.18 -56.66 21.97
C ASN D 97 55.85 -56.30 20.52
N PHE D 98 54.67 -55.72 20.30
CA PHE D 98 54.28 -55.29 18.97
C PHE D 98 54.89 -53.91 18.73
N SER D 99 55.76 -53.81 17.72
CA SER D 99 56.42 -52.56 17.39
C SER D 99 55.45 -51.41 17.11
N THR D 100 54.33 -51.72 16.49
CA THR D 100 53.32 -50.72 16.15
C THR D 100 52.57 -50.18 17.38
N LEU D 101 52.73 -50.85 18.52
CA LEU D 101 52.09 -50.41 19.75
C LEU D 101 53.11 -50.00 20.79
N GLN D 102 54.22 -49.43 20.32
CA GLN D 102 55.29 -48.99 21.19
C GLN D 102 55.25 -47.49 21.44
N THR D 103 55.63 -46.72 20.41
CA THR D 103 55.68 -45.27 20.49
C THR D 103 54.36 -44.55 20.15
N VAL D 104 54.09 -44.35 18.86
CA VAL D 104 52.86 -43.68 18.45
C VAL D 104 51.78 -44.63 18.00
N LEU D 105 50.52 -44.17 18.09
CA LEU D 105 49.37 -44.96 17.67
C LEU D 105 48.66 -44.19 16.56
N CYS D 106 48.43 -44.86 15.45
CA CYS D 106 47.75 -44.27 14.30
C CYS D 106 46.28 -44.69 14.30
N ALA D 107 45.37 -43.74 14.04
CA ALA D 107 43.95 -44.06 14.02
C ALA D 107 43.04 -42.95 13.53
N THR D 108 41.81 -43.34 13.20
CA THR D 108 40.79 -42.40 12.74
C THR D 108 39.63 -42.58 13.72
N GLY D 109 38.47 -42.01 13.42
CA GLY D 109 37.34 -42.15 14.31
C GLY D 109 37.11 -40.97 15.23
N GLY D 110 35.84 -40.71 15.55
CA GLY D 110 35.49 -39.59 16.40
C GLY D 110 35.79 -39.78 17.87
N GLY D 111 36.33 -40.93 18.24
CA GLY D 111 36.65 -41.17 19.63
C GLY D 111 38.14 -41.27 19.85
N ALA D 112 38.90 -41.09 18.79
CA ALA D 112 40.36 -41.17 18.85
C ALA D 112 40.97 -40.16 19.82
N TYR D 113 40.53 -38.91 19.72
CA TYR D 113 41.04 -37.85 20.57
C TYR D 113 40.72 -38.07 22.04
N LYS D 114 39.45 -38.35 22.34
CA LYS D 114 39.05 -38.59 23.72
C LYS D 114 39.81 -39.76 24.32
N PHE D 115 40.29 -40.67 23.47
CA PHE D 115 41.03 -41.80 23.95
C PHE D 115 42.49 -41.43 24.24
N GLU D 116 43.03 -40.50 23.44
CA GLU D 116 44.41 -40.08 23.63
C GLU D 116 44.55 -39.41 24.98
N LYS D 117 43.44 -38.86 25.49
CA LYS D 117 43.42 -38.18 26.77
C LYS D 117 43.12 -39.17 27.90
N ASP D 118 42.13 -40.03 27.67
CA ASP D 118 41.75 -41.04 28.66
C ASP D 118 42.91 -41.98 28.97
N PHE D 119 43.70 -42.29 27.95
CA PHE D 119 44.83 -43.20 28.12
C PHE D 119 46.07 -42.53 28.69
N ARG D 120 46.27 -41.25 28.35
CA ARG D 120 47.44 -40.54 28.84
C ARG D 120 47.41 -40.29 30.34
N THR D 121 46.26 -40.49 30.96
CA THR D 121 46.13 -40.33 32.40
C THR D 121 46.69 -41.63 32.99
N ILE D 122 46.59 -42.70 32.20
CA ILE D 122 47.07 -44.02 32.58
C ILE D 122 48.57 -44.09 32.28
N GLY D 123 48.89 -44.50 31.06
CA GLY D 123 50.28 -44.60 30.66
C GLY D 123 50.67 -43.55 29.63
N ASN D 124 51.48 -43.95 28.66
CA ASN D 124 51.93 -43.04 27.61
C ASN D 124 51.41 -43.49 26.26
N LEU D 125 51.26 -42.55 25.33
CA LEU D 125 50.78 -42.87 24.00
C LEU D 125 50.74 -41.63 23.11
N HIS D 126 51.19 -41.78 21.87
CA HIS D 126 51.20 -40.68 20.91
C HIS D 126 50.20 -40.98 19.79
N LEU D 127 49.14 -40.18 19.72
CA LEU D 127 48.11 -40.40 18.70
C LEU D 127 48.39 -39.68 17.39
N HIS D 128 48.20 -40.40 16.30
CA HIS D 128 48.38 -39.85 14.97
C HIS D 128 47.01 -39.94 14.30
N LYS D 129 46.18 -38.93 14.52
CA LYS D 129 44.83 -38.86 13.98
C LYS D 129 44.78 -38.76 12.46
N LEU D 130 43.82 -39.47 11.86
CA LEU D 130 43.62 -39.45 10.41
C LEU D 130 42.18 -39.08 10.12
N ASP D 131 41.95 -38.36 9.03
CA ASP D 131 40.59 -37.95 8.69
C ASP D 131 39.74 -39.14 8.27
N GLU D 132 38.55 -39.25 8.87
CA GLU D 132 37.64 -40.35 8.59
C GLU D 132 37.23 -40.46 7.13
N LEU D 133 36.85 -39.34 6.51
CA LEU D 133 36.45 -39.39 5.11
C LEU D 133 37.60 -39.83 4.20
N ASP D 134 38.82 -39.38 4.46
CA ASP D 134 39.95 -39.80 3.63
C ASP D 134 40.22 -41.29 3.82
N CYS D 135 40.07 -41.78 5.05
CA CYS D 135 40.30 -43.19 5.33
C CYS D 135 39.18 -44.02 4.69
N LEU D 136 37.94 -43.54 4.83
CA LEU D 136 36.77 -44.21 4.26
C LEU D 136 36.92 -44.47 2.76
N VAL D 137 37.25 -43.43 2.02
CA VAL D 137 37.41 -43.55 0.57
C VAL D 137 38.51 -44.53 0.21
N LYS D 138 39.66 -44.40 0.88
CA LYS D 138 40.79 -45.28 0.60
C LYS D 138 40.49 -46.75 0.89
N GLY D 139 39.90 -47.02 2.05
CA GLY D 139 39.58 -48.39 2.41
C GLY D 139 38.50 -48.93 1.49
N LEU D 140 37.52 -48.08 1.20
CA LEU D 140 36.42 -48.46 0.33
C LEU D 140 36.93 -48.87 -1.07
N LEU D 141 37.78 -48.04 -1.67
CA LEU D 141 38.30 -48.33 -3.00
C LEU D 141 39.20 -49.56 -3.00
N TYR D 142 39.96 -49.76 -1.92
CA TYR D 142 40.86 -50.90 -1.82
C TYR D 142 40.06 -52.20 -1.76
N ILE D 143 39.13 -52.28 -0.81
CA ILE D 143 38.34 -53.50 -0.67
C ILE D 143 37.66 -53.86 -1.99
N ASP D 144 37.13 -52.85 -2.67
CA ASP D 144 36.46 -53.08 -3.94
C ASP D 144 37.45 -53.62 -4.98
N SER D 145 38.68 -53.10 -4.96
CA SER D 145 39.70 -53.52 -5.93
C SER D 145 40.12 -54.99 -5.80
N VAL D 146 40.09 -55.55 -4.60
CA VAL D 146 40.49 -56.94 -4.42
C VAL D 146 39.33 -57.94 -4.39
N SER D 147 38.10 -57.43 -4.40
CA SER D 147 36.89 -58.25 -4.37
C SER D 147 36.74 -58.98 -3.03
N PHE D 148 35.59 -59.63 -2.82
CA PHE D 148 35.33 -60.36 -1.59
C PHE D 148 35.65 -61.84 -1.82
N ASN D 149 36.95 -62.15 -1.84
CA ASN D 149 37.43 -63.51 -2.08
C ASN D 149 36.85 -64.08 -3.38
N GLY D 150 36.86 -63.27 -4.44
CA GLY D 150 36.33 -63.75 -5.71
C GLY D 150 34.85 -63.54 -5.90
N GLN D 151 34.16 -63.12 -4.84
CA GLN D 151 32.73 -62.87 -4.89
C GLN D 151 32.48 -61.38 -4.84
N ALA D 152 31.21 -60.98 -4.92
CA ALA D 152 30.84 -59.57 -4.91
C ALA D 152 30.96 -58.84 -3.57
N GLU D 153 31.65 -57.71 -3.60
CA GLU D 153 31.79 -56.87 -2.41
C GLU D 153 30.57 -55.94 -2.43
N CYS D 154 30.05 -55.72 -3.63
CA CYS D 154 28.92 -54.83 -3.83
C CYS D 154 27.64 -55.56 -4.16
N TYR D 155 26.52 -55.07 -3.62
CA TYR D 155 25.22 -55.65 -3.88
C TYR D 155 24.15 -54.55 -3.93
N TYR D 156 22.94 -54.93 -4.36
CA TYR D 156 21.81 -54.01 -4.43
C TYR D 156 20.56 -54.86 -4.20
N PHE D 157 19.39 -54.23 -4.22
CA PHE D 157 18.14 -54.96 -4.02
C PHE D 157 17.27 -54.93 -5.27
N ALA D 158 17.06 -56.10 -5.87
CA ALA D 158 16.24 -56.22 -7.06
C ALA D 158 14.79 -55.96 -6.71
N ASN D 159 14.04 -55.40 -7.65
CA ASN D 159 12.63 -55.09 -7.44
C ASN D 159 12.53 -54.12 -6.26
N ALA D 160 13.36 -53.08 -6.29
CA ALA D 160 13.41 -52.09 -5.23
C ALA D 160 12.07 -51.38 -4.96
N SER D 161 11.24 -51.27 -5.99
CA SER D 161 9.94 -50.62 -5.84
C SER D 161 9.02 -51.32 -4.84
N GLU D 162 9.42 -52.51 -4.42
CA GLU D 162 8.64 -53.28 -3.44
C GLU D 162 9.55 -53.71 -2.30
N PRO D 163 9.71 -52.83 -1.29
CA PRO D 163 10.56 -53.12 -0.13
C PRO D 163 10.18 -54.42 0.58
N GLU D 164 8.93 -54.82 0.42
CA GLU D 164 8.45 -56.06 1.04
C GLU D 164 8.84 -57.29 0.23
N ARG D 165 9.20 -57.10 -1.03
CA ARG D 165 9.55 -58.23 -1.90
C ARG D 165 10.94 -58.19 -2.52
N CYS D 166 11.63 -57.06 -2.42
CA CYS D 166 12.96 -56.92 -3.01
C CYS D 166 13.94 -57.98 -2.52
N GLN D 167 14.88 -58.36 -3.38
CA GLN D 167 15.87 -59.38 -3.08
C GLN D 167 17.29 -58.87 -3.25
N LYS D 168 18.16 -59.19 -2.30
CA LYS D 168 19.57 -58.79 -2.34
C LYS D 168 20.29 -59.50 -3.49
N MET D 169 20.85 -58.72 -4.41
CA MET D 169 21.58 -59.28 -5.56
C MET D 169 22.95 -58.65 -5.70
N PRO D 170 23.94 -59.42 -6.19
CA PRO D 170 25.30 -58.91 -6.37
C PRO D 170 25.37 -57.91 -7.52
N PHE D 171 26.24 -56.92 -7.40
CA PHE D 171 26.39 -55.90 -8.44
C PHE D 171 27.86 -55.82 -8.79
N ASN D 172 28.17 -55.65 -10.07
CA ASN D 172 29.56 -55.57 -10.48
C ASN D 172 30.09 -54.13 -10.45
N LEU D 173 30.96 -53.86 -9.49
CA LEU D 173 31.55 -52.54 -9.33
C LEU D 173 33.07 -52.69 -9.42
N ASP D 174 33.53 -53.63 -10.24
CA ASP D 174 34.96 -53.87 -10.41
C ASP D 174 35.70 -52.59 -10.80
N ASP D 175 35.04 -51.73 -11.56
CA ASP D 175 35.62 -50.43 -11.92
C ASP D 175 34.62 -49.37 -11.46
N PRO D 176 34.79 -48.89 -10.21
CA PRO D 176 33.93 -47.89 -9.58
C PRO D 176 33.89 -46.47 -10.18
N TYR D 177 35.01 -46.02 -10.74
CA TYR D 177 35.11 -44.67 -11.29
C TYR D 177 34.32 -44.38 -12.57
N PRO D 178 33.51 -43.30 -12.56
CA PRO D 178 33.29 -42.36 -11.46
C PRO D 178 32.24 -42.90 -10.48
N LEU D 179 32.41 -42.59 -9.20
CA LEU D 179 31.52 -43.10 -8.16
C LEU D 179 31.00 -42.01 -7.22
N LEU D 180 29.75 -42.15 -6.79
CA LEU D 180 29.15 -41.21 -5.85
C LEU D 180 29.00 -41.97 -4.53
N VAL D 181 29.57 -41.44 -3.45
CA VAL D 181 29.48 -42.09 -2.16
C VAL D 181 28.59 -41.26 -1.22
N VAL D 182 27.46 -41.84 -0.81
CA VAL D 182 26.54 -41.14 0.09
C VAL D 182 26.79 -41.72 1.48
N ASN D 183 27.47 -40.94 2.32
CA ASN D 183 27.83 -41.35 3.67
C ASN D 183 26.80 -40.84 4.69
N ILE D 184 26.02 -41.74 5.26
CA ILE D 184 24.98 -41.36 6.22
C ILE D 184 25.33 -41.69 7.67
N GLY D 185 25.66 -40.66 8.44
CA GLY D 185 25.96 -40.82 9.85
C GLY D 185 24.91 -39.96 10.54
N SER D 186 25.33 -39.08 11.46
CA SER D 186 24.35 -38.21 12.10
C SER D 186 23.80 -37.31 10.99
N GLY D 187 24.68 -36.93 10.08
CA GLY D 187 24.32 -36.10 8.94
C GLY D 187 24.70 -36.83 7.67
N VAL D 188 24.56 -36.18 6.52
CA VAL D 188 24.88 -36.82 5.24
C VAL D 188 25.89 -36.05 4.40
N SER D 189 26.94 -36.74 3.99
CA SER D 189 28.00 -36.19 3.14
C SER D 189 27.95 -36.96 1.83
N ILE D 190 28.06 -36.24 0.72
CA ILE D 190 28.06 -36.89 -0.57
C ILE D 190 29.36 -36.56 -1.29
N LEU D 191 30.13 -37.61 -1.58
CA LEU D 191 31.41 -37.47 -2.26
C LEU D 191 31.38 -38.00 -3.69
N ALA D 192 31.97 -37.22 -4.60
CA ALA D 192 32.05 -37.64 -5.99
C ALA D 192 33.48 -38.16 -6.13
N VAL D 193 33.62 -39.43 -6.47
CA VAL D 193 34.95 -40.05 -6.61
C VAL D 193 35.28 -40.36 -8.05
N HIS D 194 36.28 -39.66 -8.58
CA HIS D 194 36.72 -39.81 -9.96
C HIS D 194 37.92 -40.74 -10.10
N SER D 195 38.73 -40.82 -9.05
CA SER D 195 39.90 -41.70 -9.04
C SER D 195 40.39 -41.85 -7.60
N LYS D 196 41.41 -42.68 -7.42
CA LYS D 196 41.99 -42.92 -6.10
C LYS D 196 42.41 -41.62 -5.43
N ASP D 197 43.01 -40.71 -6.20
CA ASP D 197 43.47 -39.45 -5.64
C ASP D 197 42.62 -38.23 -5.98
N ASN D 198 41.51 -38.43 -6.66
CA ASN D 198 40.66 -37.30 -7.03
C ASN D 198 39.19 -37.53 -6.65
N TYR D 199 38.78 -36.85 -5.58
CA TYR D 199 37.41 -36.95 -5.09
C TYR D 199 37.15 -35.75 -4.20
N LYS D 200 35.88 -35.37 -4.07
CA LYS D 200 35.53 -34.24 -3.25
C LYS D 200 34.12 -34.38 -2.69
N ARG D 201 33.85 -33.66 -1.61
CA ARG D 201 32.52 -33.67 -1.02
C ARG D 201 31.76 -32.66 -1.83
N VAL D 202 30.90 -33.13 -2.74
CA VAL D 202 30.12 -32.23 -3.58
C VAL D 202 28.94 -31.61 -2.85
N THR D 203 28.36 -32.32 -1.89
CA THR D 203 27.24 -31.77 -1.13
C THR D 203 26.85 -32.65 0.05
N GLY D 204 25.67 -32.38 0.61
CA GLY D 204 25.18 -33.16 1.72
C GLY D 204 23.83 -32.67 2.18
N THR D 205 23.35 -33.21 3.29
CA THR D 205 22.09 -32.81 3.88
C THR D 205 22.20 -33.08 5.36
N SER D 206 21.59 -32.22 6.17
CA SER D 206 21.65 -32.40 7.61
C SER D 206 20.53 -33.31 8.07
N LEU D 207 19.67 -33.74 7.14
CA LEU D 207 18.59 -34.66 7.50
C LEU D 207 19.17 -36.05 7.32
N GLY D 208 19.78 -36.56 8.39
CA GLY D 208 20.40 -37.87 8.36
C GLY D 208 20.02 -38.76 9.51
N GLY D 209 20.93 -39.65 9.89
CA GLY D 209 20.66 -40.58 10.97
C GLY D 209 20.41 -39.92 12.31
N GLY D 210 21.11 -38.82 12.56
CA GLY D 210 20.93 -38.10 13.81
C GLY D 210 19.53 -37.52 13.88
N THR D 211 19.02 -37.10 12.71
CA THR D 211 17.69 -36.52 12.60
C THR D 211 16.65 -37.60 12.93
N PHE D 212 16.87 -38.80 12.40
CA PHE D 212 15.95 -39.92 12.65
C PHE D 212 15.87 -40.24 14.14
N LEU D 213 17.02 -40.45 14.77
CA LEU D 213 17.02 -40.76 16.19
C LEU D 213 16.52 -39.57 16.99
N GLY D 214 17.04 -38.39 16.66
CA GLY D 214 16.64 -37.18 17.37
C GLY D 214 15.13 -36.98 17.42
N LEU D 215 14.48 -37.08 16.27
CA LEU D 215 13.04 -36.91 16.19
C LEU D 215 12.28 -38.05 16.86
N CYS D 216 12.73 -39.28 16.65
CA CYS D 216 12.07 -40.43 17.26
C CYS D 216 12.09 -40.34 18.79
N SER D 217 13.21 -39.89 19.34
CA SER D 217 13.34 -39.74 20.79
C SER D 217 12.27 -38.79 21.29
N LEU D 218 12.19 -37.60 20.69
CA LEU D 218 11.20 -36.59 21.08
C LEU D 218 9.77 -37.05 20.83
N LEU D 219 9.54 -37.74 19.73
CA LEU D 219 8.20 -38.20 19.36
C LEU D 219 7.71 -39.51 19.96
N THR D 220 8.62 -40.39 20.33
CA THR D 220 8.24 -41.68 20.88
C THR D 220 8.89 -42.01 22.20
N GLY D 221 9.95 -41.27 22.54
CA GLY D 221 10.63 -41.51 23.79
C GLY D 221 11.59 -42.69 23.75
N CYS D 222 11.90 -43.18 22.56
CA CYS D 222 12.81 -44.32 22.42
C CYS D 222 14.17 -43.91 22.98
N GLU D 223 14.91 -44.89 23.49
CA GLU D 223 16.21 -44.63 24.10
C GLU D 223 17.41 -44.78 23.17
N SER D 224 17.22 -45.51 22.07
CA SER D 224 18.35 -45.73 21.15
C SER D 224 17.96 -45.91 19.70
N PHE D 225 18.98 -46.03 18.86
CA PHE D 225 18.82 -46.21 17.43
C PHE D 225 18.17 -47.56 17.16
N GLU D 226 18.62 -48.59 17.88
CA GLU D 226 18.08 -49.93 17.71
C GLU D 226 16.58 -49.96 18.06
N GLU D 227 16.21 -49.25 19.11
CA GLU D 227 14.81 -49.21 19.51
C GLU D 227 13.97 -48.43 18.50
N ALA D 228 14.53 -47.34 17.98
CA ALA D 228 13.83 -46.52 16.99
C ALA D 228 13.51 -47.33 15.75
N LEU D 229 14.50 -48.07 15.25
CA LEU D 229 14.32 -48.90 14.06
C LEU D 229 13.32 -50.02 14.34
N GLU D 230 13.38 -50.56 15.56
CA GLU D 230 12.48 -51.63 15.96
C GLU D 230 11.06 -51.10 15.82
N MET D 231 10.81 -49.93 16.37
CA MET D 231 9.48 -49.33 16.29
C MET D 231 9.12 -49.07 14.82
N ALA D 232 10.02 -48.40 14.11
CA ALA D 232 9.79 -48.08 12.71
C ALA D 232 9.41 -49.30 11.86
N SER D 233 10.00 -50.45 12.16
CA SER D 233 9.70 -51.65 11.38
C SER D 233 8.26 -52.12 11.55
N LYS D 234 7.61 -51.69 12.62
CA LYS D 234 6.23 -52.10 12.88
C LYS D 234 5.19 -51.02 12.59
N GLY D 235 5.65 -49.83 12.22
CA GLY D 235 4.73 -48.75 11.95
C GLY D 235 4.33 -48.60 10.50
N ASP D 236 3.36 -47.71 10.28
CA ASP D 236 2.86 -47.41 8.94
C ASP D 236 2.91 -45.89 8.77
N SER D 237 3.86 -45.43 7.97
CA SER D 237 4.05 -44.00 7.74
C SER D 237 2.84 -43.28 7.14
N THR D 238 1.97 -44.01 6.45
CA THR D 238 0.80 -43.37 5.86
C THR D 238 -0.21 -42.91 6.91
N GLN D 239 0.01 -43.27 8.17
CA GLN D 239 -0.90 -42.84 9.24
C GLN D 239 -0.58 -41.42 9.70
N ALA D 240 0.62 -40.94 9.37
CA ALA D 240 1.03 -39.59 9.76
C ALA D 240 1.17 -38.70 8.52
N ASP D 241 1.66 -39.29 7.44
CA ASP D 241 1.86 -38.57 6.18
C ASP D 241 0.58 -38.38 5.38
N LYS D 242 0.50 -37.26 4.66
CA LYS D 242 -0.65 -36.98 3.81
C LYS D 242 -0.22 -37.42 2.41
N LEU D 243 -0.93 -38.39 1.85
CA LEU D 243 -0.60 -38.90 0.52
C LEU D 243 -1.34 -38.12 -0.55
N VAL D 244 -0.83 -38.20 -1.77
CA VAL D 244 -1.43 -37.50 -2.89
C VAL D 244 -2.93 -37.82 -3.00
N ARG D 245 -3.28 -39.09 -2.81
CA ARG D 245 -4.68 -39.51 -2.91
C ARG D 245 -5.57 -38.92 -1.80
N ASP D 246 -4.96 -38.46 -0.72
CA ASP D 246 -5.73 -37.85 0.37
C ASP D 246 -6.16 -36.45 -0.06
N ILE D 247 -5.51 -35.94 -1.08
CA ILE D 247 -5.78 -34.60 -1.61
C ILE D 247 -6.63 -34.60 -2.87
N TYR D 248 -6.30 -35.48 -3.82
CA TYR D 248 -7.00 -35.53 -5.09
C TYR D 248 -8.01 -36.68 -5.23
N GLY D 249 -8.17 -37.47 -4.17
CA GLY D 249 -9.11 -38.59 -4.23
C GLY D 249 -8.62 -39.66 -5.20
N GLY D 250 -7.32 -39.67 -5.42
CA GLY D 250 -6.71 -40.63 -6.31
C GLY D 250 -5.40 -40.04 -6.77
N ASP D 251 -4.97 -40.37 -7.98
CA ASP D 251 -3.71 -39.84 -8.49
C ASP D 251 -3.90 -38.41 -8.98
N TYR D 252 -2.79 -37.68 -9.11
CA TYR D 252 -2.83 -36.32 -9.60
C TYR D 252 -2.45 -36.46 -11.07
N GLU D 253 -3.44 -36.86 -11.87
CA GLU D 253 -3.26 -37.10 -13.29
C GLU D 253 -2.63 -35.95 -14.07
N ARG D 254 -3.02 -34.71 -13.77
CA ARG D 254 -2.47 -33.56 -14.49
C ARG D 254 -0.93 -33.59 -14.55
N PHE D 255 -0.28 -33.97 -13.45
CA PHE D 255 1.17 -34.02 -13.44
C PHE D 255 1.73 -35.43 -13.22
N GLY D 256 0.85 -36.43 -13.32
CA GLY D 256 1.29 -37.81 -13.17
C GLY D 256 1.74 -38.28 -11.80
N LEU D 257 1.31 -37.62 -10.73
CA LEU D 257 1.70 -38.07 -9.40
C LEU D 257 0.74 -39.16 -8.96
N PRO D 258 1.25 -40.38 -8.73
CA PRO D 258 0.39 -41.48 -8.29
C PRO D 258 -0.20 -41.17 -6.93
N GLY D 259 -1.35 -41.76 -6.65
CA GLY D 259 -2.02 -41.54 -5.39
C GLY D 259 -1.26 -42.01 -4.16
N TRP D 260 -0.36 -42.97 -4.33
CA TRP D 260 0.39 -43.48 -3.20
C TRP D 260 1.62 -42.64 -2.87
N ALA D 261 1.98 -41.73 -3.76
CA ALA D 261 3.14 -40.87 -3.52
C ALA D 261 2.88 -39.97 -2.32
N VAL D 262 3.91 -39.71 -1.52
CA VAL D 262 3.73 -38.86 -0.35
C VAL D 262 3.63 -37.40 -0.79
N ALA D 263 2.53 -36.75 -0.41
CA ALA D 263 2.33 -35.35 -0.76
C ALA D 263 2.99 -34.49 0.33
N SER D 264 2.75 -34.84 1.59
CA SER D 264 3.33 -34.08 2.69
C SER D 264 3.66 -34.95 3.90
N SER D 265 4.95 -35.08 4.19
CA SER D 265 5.42 -35.86 5.31
C SER D 265 4.85 -35.27 6.60
N PHE D 266 4.29 -36.13 7.45
CA PHE D 266 3.65 -35.71 8.71
C PHE D 266 2.51 -34.74 8.43
N GLY D 267 2.15 -34.63 7.15
CA GLY D 267 1.08 -33.72 6.75
C GLY D 267 -0.28 -33.93 7.40
N ASN D 268 -0.61 -35.15 7.77
CA ASN D 268 -1.91 -35.42 8.39
C ASN D 268 -1.89 -35.15 9.90
N MET D 269 -0.73 -34.76 10.41
CA MET D 269 -0.58 -34.47 11.83
C MET D 269 -0.99 -33.03 12.16
N ILE D 270 -1.58 -32.33 11.20
CA ILE D 270 -2.02 -30.96 11.47
C ILE D 270 -3.45 -31.03 12.00
N TYR D 271 -4.03 -32.23 11.93
CA TYR D 271 -5.39 -32.45 12.41
C TYR D 271 -5.33 -33.13 13.76
N LYS D 272 -5.83 -32.45 14.79
CA LYS D 272 -5.81 -32.96 16.16
C LYS D 272 -6.36 -34.38 16.34
N GLU D 273 -7.38 -34.74 15.57
CA GLU D 273 -7.97 -36.07 15.67
C GLU D 273 -6.93 -37.11 15.26
N LYS D 274 -6.25 -36.86 14.15
CA LYS D 274 -5.23 -37.76 13.66
C LYS D 274 -4.08 -37.88 14.64
N ARG D 275 -3.68 -36.77 15.25
CA ARG D 275 -2.59 -36.78 16.22
C ARG D 275 -2.93 -37.66 17.43
N GLU D 276 -4.22 -37.77 17.73
CA GLU D 276 -4.69 -38.57 18.86
C GLU D 276 -4.61 -40.07 18.63
N SER D 277 -4.85 -40.50 17.39
CA SER D 277 -4.85 -41.92 17.06
C SER D 277 -3.52 -42.52 16.57
N VAL D 278 -2.63 -41.68 16.06
CA VAL D 278 -1.34 -42.14 15.54
C VAL D 278 -0.44 -42.81 16.60
N SER D 279 0.01 -44.03 16.31
CA SER D 279 0.87 -44.76 17.23
C SER D 279 2.33 -44.33 17.17
N LYS D 280 3.07 -44.61 18.23
CA LYS D 280 4.48 -44.28 18.31
C LYS D 280 5.20 -44.90 17.12
N GLU D 281 4.80 -46.13 16.80
CA GLU D 281 5.39 -46.87 15.70
C GLU D 281 5.16 -46.24 14.34
N ASP D 282 3.99 -45.62 14.14
CA ASP D 282 3.71 -44.98 12.86
C ASP D 282 4.53 -43.70 12.73
N LEU D 283 4.76 -43.02 13.84
CA LEU D 283 5.54 -41.78 13.82
C LEU D 283 7.01 -42.14 13.53
N ALA D 284 7.49 -43.20 14.17
CA ALA D 284 8.86 -43.66 13.98
C ALA D 284 9.07 -44.00 12.51
N ARG D 285 8.12 -44.72 11.92
CA ARG D 285 8.20 -45.11 10.52
C ARG D 285 8.09 -43.89 9.59
N ALA D 286 7.21 -42.94 9.94
CA ALA D 286 7.05 -41.73 9.14
C ALA D 286 8.38 -40.98 9.12
N THR D 287 9.04 -40.93 10.27
CA THR D 287 10.32 -40.26 10.38
C THR D 287 11.36 -40.92 9.48
N LEU D 288 11.43 -42.25 9.54
CA LEU D 288 12.40 -42.98 8.73
C LEU D 288 12.12 -42.80 7.24
N VAL D 289 10.85 -42.89 6.85
CA VAL D 289 10.48 -42.74 5.44
C VAL D 289 10.81 -41.35 4.92
N THR D 290 10.52 -40.34 5.73
CA THR D 290 10.80 -38.96 5.36
C THR D 290 12.30 -38.80 5.11
N ILE D 291 13.12 -39.37 5.99
CA ILE D 291 14.56 -39.25 5.85
C ILE D 291 15.08 -40.00 4.62
N THR D 292 14.63 -41.24 4.44
CA THR D 292 15.10 -42.04 3.31
C THR D 292 14.62 -41.50 1.96
N ASN D 293 13.36 -41.09 1.88
CA ASN D 293 12.87 -40.55 0.62
C ASN D 293 13.61 -39.25 0.28
N ASN D 294 13.89 -38.43 1.28
CA ASN D 294 14.60 -37.17 1.04
C ASN D 294 16.05 -37.44 0.63
N ILE D 295 16.70 -38.40 1.29
CA ILE D 295 18.08 -38.72 0.93
C ILE D 295 18.11 -39.28 -0.50
N GLY D 296 17.11 -40.08 -0.85
CA GLY D 296 17.06 -40.62 -2.20
C GLY D 296 17.03 -39.51 -3.24
N SER D 297 16.23 -38.48 -2.98
CA SER D 297 16.10 -37.35 -3.89
C SER D 297 17.41 -36.57 -4.05
N VAL D 298 18.04 -36.24 -2.93
CA VAL D 298 19.29 -35.50 -2.97
C VAL D 298 20.38 -36.29 -3.73
N ALA D 299 20.51 -37.58 -3.42
CA ALA D 299 21.50 -38.43 -4.10
C ALA D 299 21.22 -38.50 -5.61
N ARG D 300 19.94 -38.60 -5.96
CA ARG D 300 19.54 -38.68 -7.37
C ARG D 300 19.93 -37.42 -8.12
N MET D 301 19.56 -36.27 -7.57
CA MET D 301 19.87 -35.01 -8.22
C MET D 301 21.37 -34.80 -8.30
N CYS D 302 22.07 -35.26 -7.28
CA CYS D 302 23.52 -35.11 -7.24
C CYS D 302 24.18 -35.99 -8.29
N ALA D 303 23.61 -37.17 -8.52
CA ALA D 303 24.15 -38.11 -9.49
C ALA D 303 23.95 -37.56 -10.91
N VAL D 304 22.78 -36.97 -11.16
CA VAL D 304 22.48 -36.39 -12.44
C VAL D 304 23.40 -35.20 -12.72
N ASN D 305 23.51 -34.29 -11.77
CA ASN D 305 24.35 -33.12 -11.96
C ASN D 305 25.84 -33.45 -12.07
N GLU D 306 26.28 -34.54 -11.44
CA GLU D 306 27.68 -34.95 -11.48
C GLU D 306 27.98 -35.92 -12.63
N LYS D 307 26.93 -36.30 -13.36
CA LYS D 307 27.07 -37.23 -14.46
C LYS D 307 27.69 -38.55 -14.01
N ILE D 308 27.18 -39.08 -12.90
CA ILE D 308 27.65 -40.34 -12.34
C ILE D 308 26.45 -41.27 -12.21
N ASN D 309 26.61 -42.53 -12.59
CA ASN D 309 25.47 -43.45 -12.48
C ASN D 309 25.67 -44.58 -11.48
N ARG D 310 26.73 -44.51 -10.68
CA ARG D 310 26.96 -45.52 -9.65
C ARG D 310 26.89 -44.84 -8.28
N VAL D 311 25.82 -45.14 -7.55
CA VAL D 311 25.60 -44.53 -6.24
C VAL D 311 25.65 -45.56 -5.12
N VAL D 312 26.70 -45.48 -4.30
CA VAL D 312 26.84 -46.40 -3.18
C VAL D 312 26.56 -45.70 -1.85
N PHE D 313 25.85 -46.39 -0.96
CA PHE D 313 25.52 -45.82 0.34
C PHE D 313 26.32 -46.54 1.42
N VAL D 314 26.82 -45.77 2.39
CA VAL D 314 27.57 -46.32 3.52
C VAL D 314 27.23 -45.48 4.76
N GLY D 315 27.77 -45.86 5.92
CA GLY D 315 27.50 -45.12 7.15
C GLY D 315 26.85 -45.95 8.24
N ASN D 316 26.93 -45.46 9.48
CA ASN D 316 26.36 -46.19 10.61
C ASN D 316 24.84 -46.32 10.53
N PHE D 317 24.20 -45.39 9.82
CA PHE D 317 22.76 -45.41 9.67
C PHE D 317 22.29 -46.74 9.05
N LEU D 318 23.21 -47.49 8.46
CA LEU D 318 22.90 -48.75 7.79
C LEU D 318 23.32 -50.03 8.51
N ARG D 319 23.96 -49.92 9.66
CA ARG D 319 24.45 -51.10 10.37
C ARG D 319 23.47 -51.93 11.21
N VAL D 320 22.19 -51.58 11.19
CA VAL D 320 21.19 -52.34 11.93
C VAL D 320 20.12 -52.79 10.95
N ASN D 321 19.83 -54.09 10.93
CA ASN D 321 18.83 -54.67 10.02
C ASN D 321 19.06 -54.19 8.59
N THR D 322 18.10 -54.44 7.70
CA THR D 322 18.24 -54.03 6.32
C THR D 322 17.10 -53.10 5.88
N LEU D 323 16.22 -52.74 6.82
CA LEU D 323 15.10 -51.85 6.49
C LEU D 323 15.57 -50.52 5.93
N SER D 324 16.53 -49.89 6.61
CA SER D 324 17.08 -48.62 6.17
C SER D 324 17.56 -48.72 4.73
N MET D 325 18.40 -49.72 4.46
CA MET D 325 18.92 -49.91 3.09
C MET D 325 17.80 -50.17 2.10
N LYS D 326 16.83 -50.99 2.45
CA LYS D 326 15.74 -51.26 1.52
C LYS D 326 14.92 -50.01 1.25
N LEU D 327 14.79 -49.13 2.23
CA LEU D 327 14.00 -47.92 2.00
C LEU D 327 14.77 -46.92 1.15
N LEU D 328 16.09 -46.96 1.23
CA LEU D 328 16.92 -46.06 0.42
C LEU D 328 16.92 -46.58 -1.02
N ALA D 329 16.89 -47.90 -1.19
CA ALA D 329 16.86 -48.48 -2.54
C ALA D 329 15.55 -48.09 -3.22
N TYR D 330 14.47 -48.16 -2.45
CA TYR D 330 13.14 -47.80 -2.93
C TYR D 330 13.09 -46.33 -3.34
N ALA D 331 13.67 -45.47 -2.51
CA ALA D 331 13.69 -44.03 -2.77
C ALA D 331 14.50 -43.69 -4.02
N LEU D 332 15.73 -44.19 -4.10
CA LEU D 332 16.57 -43.91 -5.25
C LEU D 332 15.88 -44.41 -6.52
N ASP D 333 15.29 -45.60 -6.46
CA ASP D 333 14.59 -46.15 -7.61
C ASP D 333 13.40 -45.26 -7.99
N TYR D 334 12.73 -44.71 -6.98
CA TYR D 334 11.58 -43.85 -7.25
C TYR D 334 11.97 -42.57 -7.96
N TRP D 335 12.91 -41.83 -7.37
CA TRP D 335 13.34 -40.56 -7.93
C TRP D 335 14.02 -40.66 -9.28
N SER D 336 14.74 -41.76 -9.53
CA SER D 336 15.44 -41.91 -10.80
C SER D 336 14.56 -42.65 -11.80
N LYS D 337 13.31 -42.89 -11.41
CA LYS D 337 12.35 -43.59 -12.26
C LYS D 337 12.96 -44.92 -12.74
N GLY D 338 13.60 -45.61 -11.82
CA GLY D 338 14.21 -46.91 -12.11
C GLY D 338 15.51 -46.92 -12.88
N GLN D 339 16.13 -45.75 -13.07
CA GLN D 339 17.39 -45.72 -13.82
C GLN D 339 18.65 -45.88 -12.97
N LEU D 340 18.52 -45.66 -11.66
CA LEU D 340 19.66 -45.80 -10.75
C LEU D 340 19.36 -46.83 -9.68
N LYS D 341 20.37 -47.61 -9.30
CA LYS D 341 20.21 -48.61 -8.27
C LYS D 341 21.03 -48.20 -7.06
N ALA D 342 20.47 -48.38 -5.87
CA ALA D 342 21.21 -48.05 -4.65
C ALA D 342 22.18 -49.22 -4.44
N LEU D 343 23.47 -48.91 -4.36
CA LEU D 343 24.48 -49.95 -4.15
C LEU D 343 24.96 -49.95 -2.70
N PHE D 344 25.31 -51.13 -2.20
CA PHE D 344 25.77 -51.30 -0.84
C PHE D 344 27.00 -52.22 -0.83
N LEU D 345 27.79 -52.15 0.24
CA LEU D 345 29.02 -52.94 0.33
C LEU D 345 29.07 -53.83 1.56
N GLU D 346 29.59 -55.05 1.38
CA GLU D 346 29.68 -56.02 2.46
C GLU D 346 30.59 -55.62 3.63
N HIS D 347 31.65 -54.89 3.34
CA HIS D 347 32.57 -54.50 4.41
C HIS D 347 32.27 -53.10 4.96
N GLU D 348 31.05 -52.62 4.73
CA GLU D 348 30.65 -51.32 5.25
C GLU D 348 30.91 -51.32 6.76
N GLY D 349 31.54 -50.27 7.26
CA GLY D 349 31.81 -50.22 8.69
C GLY D 349 33.27 -50.41 9.02
N TYR D 350 34.01 -51.05 8.11
CA TYR D 350 35.43 -51.27 8.32
C TYR D 350 36.31 -50.52 7.32
N PHE D 351 35.71 -49.73 6.44
CA PHE D 351 36.50 -49.02 5.45
C PHE D 351 37.44 -48.02 6.11
N GLY D 352 36.98 -47.36 7.17
CA GLY D 352 37.83 -46.40 7.85
C GLY D 352 39.06 -47.10 8.40
N ALA D 353 38.84 -48.27 9.01
CA ALA D 353 39.96 -49.04 9.58
C ALA D 353 40.94 -49.45 8.50
N VAL D 354 40.42 -49.90 7.37
CA VAL D 354 41.29 -50.32 6.28
C VAL D 354 42.09 -49.12 5.76
N GLY D 355 41.43 -47.97 5.66
CA GLY D 355 42.13 -46.79 5.19
C GLY D 355 43.25 -46.45 6.17
N ALA D 356 42.97 -46.65 7.46
CA ALA D 356 43.97 -46.37 8.48
C ALA D 356 45.16 -47.34 8.38
N LEU D 357 44.88 -48.61 8.07
CA LEU D 357 45.93 -49.61 7.95
C LEU D 357 46.83 -49.34 6.74
N LEU D 358 46.23 -48.86 5.65
CA LEU D 358 46.99 -48.58 4.43
C LEU D 358 47.82 -47.29 4.56
N GLY D 359 47.35 -46.36 5.39
CA GLY D 359 48.07 -45.11 5.57
C GLY D 359 47.54 -43.98 4.73
O5B ACO E . -3.53 25.96 11.51
P1A ACO E . -3.44 25.51 9.99
O1A ACO E . -4.66 24.77 9.69
O2A ACO E . -2.12 24.79 9.79
O3A ACO E . -3.62 26.97 9.28
P2A ACO E . -3.62 27.28 7.74
O4A ACO E . -4.94 27.87 7.58
O5A ACO E . -3.34 26.00 7.03
O6A ACO E . -2.50 28.32 7.47
CBP ACO E . -2.69 30.70 6.93
CCP ACO E . -2.57 29.67 8.04
CDP ACO E . -2.83 32.12 7.61
CEP ACO E . -1.41 30.71 6.07
CAP ACO E . -3.98 30.35 6.06
OAP ACO E . -5.16 30.30 6.85
C9P ACO E . -4.26 31.37 4.92
O9P ACO E . -3.48 31.60 4.01
N8P ACO E . -5.46 32.02 5.04
C7P ACO E . -5.95 33.05 4.12
C6P ACO E . -5.35 34.42 4.47
C5P ACO E . -5.74 35.49 3.50
O5P ACO E . -5.30 35.50 2.32
N4P ACO E . -6.55 36.42 3.94
C3P ACO E . -7.15 37.61 3.37
C2P ACO E . -8.64 37.54 3.72
S1P ACO E . -9.32 39.11 3.00
C ACO E . -9.09 40.07 4.18
O ACO E . -8.57 39.83 5.37
CH3 ACO E . -9.44 41.68 4.27
O5B ACO F . -3.48 -28.70 -0.14
P1A ACO F . -2.34 -27.76 -0.74
O1A ACO F . -1.64 -27.17 0.40
O2A ACO F . -2.99 -26.82 -1.74
O3A ACO F . -1.34 -28.92 -1.33
P2A ACO F . 0.01 -28.70 -2.09
O4A ACO F . 0.93 -29.44 -1.24
O5A ACO F . 0.21 -27.24 -2.24
O6A ACO F . -0.10 -29.39 -3.49
CBP ACO F . 0.93 -31.53 -4.18
CCP ACO F . -0.28 -30.85 -3.57
CDP ACO F . 0.64 -33.07 -4.16
CEP ACO F . 1.12 -31.08 -5.64
CAP ACO F . 2.22 -31.19 -3.30
OAP ACO F . 2.02 -31.59 -1.96
C9P ACO F . 3.53 -31.88 -3.80
O9P ACO F . 4.02 -31.72 -4.91
N8P ACO F . 4.11 -32.71 -2.88
C7P ACO F . 5.33 -33.48 -3.11
C6P ACO F . 5.04 -34.70 -3.99
C5P ACO F . 6.24 -35.50 -4.31
O5P ACO F . 7.10 -35.09 -5.14
N4P ACO F . 6.37 -36.66 -3.73
C3P ACO F . 7.35 -37.74 -3.79
C2P ACO F . 7.73 -38.02 -2.33
S1P ACO F . 8.93 -39.46 -2.46
C ACO F . 7.94 -40.61 -2.47
O ACO F . 6.60 -40.60 -2.40
CH3 ACO F . 8.28 -42.23 -2.57
O5B ACO G . -32.92 36.83 -8.47
P1A ACO G . -31.81 37.94 -8.72
O1A ACO G . -31.40 38.45 -7.41
O2A ACO G . -32.36 38.93 -9.73
O3A ACO G . -30.60 36.97 -9.22
P2A ACO G . -29.15 37.40 -9.64
O4A ACO G . -28.36 36.61 -8.69
O5A ACO G . -29.06 38.88 -9.57
O6A ACO G . -28.90 36.91 -11.11
CBP ACO G . -27.56 34.98 -11.83
CCP ACO G . -28.93 35.48 -11.43
CDP ACO G . -27.71 33.44 -12.13
CEP ACO G . -27.09 35.69 -13.12
CAP ACO G . -26.55 35.23 -10.63
OAP ACO G . -27.01 34.58 -9.45
C9P ACO G . -25.12 34.71 -10.90
O9P ACO G . -24.40 35.14 -11.81
N8P ACO G . -24.72 33.72 -10.05
C7P ACO G . -23.43 33.04 -10.12
C6P ACO G . -23.44 31.98 -11.23
C5P ACO G . -22.18 31.21 -11.31
O5P ACO G . -21.13 31.73 -11.76
N4P ACO G . -22.19 29.96 -10.91
C3P ACO G . -21.17 28.93 -10.86
C2P ACO G . -21.17 28.44 -9.42
S1P ACO G . -19.86 27.11 -9.40
C ACO G . -20.68 25.86 -9.77
O ACO G . -21.97 25.73 -10.03
CH3 ACO G . -20.14 24.31 -9.94
O5B ACO H . 29.53 -38.03 14.11
P1A ACO H . 29.33 -38.80 12.76
O1A ACO H . 28.09 -39.55 12.88
O2A ACO H . 30.61 -39.60 12.46
O3A ACO H . 29.03 -37.54 11.77
P2A ACO H . 28.73 -37.55 10.23
O4A ACO H . 27.42 -36.90 10.18
O5A ACO H . 28.84 -38.95 9.73
O6A ACO H . 29.82 -36.64 9.55
CBP ACO H . 29.54 -34.31 8.73
CCP ACO H . 29.90 -35.21 9.89
CDP ACO H . 29.62 -32.84 9.27
CEP ACO H . 30.58 -34.47 7.59
CAP ACO H . 28.07 -34.68 8.24
OAP ACO H . 27.13 -34.55 9.31
C9P ACO H . 27.54 -33.80 7.09
O9P ACO H . 28.09 -33.72 6.00
N8P ACO H . 26.38 -33.11 7.39
C7P ACO H . 25.70 -32.18 6.47
C6P ACO H . 26.45 -30.84 6.36
C5P ACO H . 25.82 -29.89 5.42
O5P ACO H . 25.84 -30.08 4.16
N4P ACO H . 25.24 -28.83 5.94
C3P ACO H . 24.53 -27.70 5.36
C2P ACO H . 23.13 -27.71 5.99
S1P ACO H . 22.28 -26.22 5.28
C ACO H . 22.79 -25.11 6.20
O ACO H . 23.60 -25.17 7.24
CH3 ACO H . 22.43 -23.50 6.14
#